data_6DFQ
#
_entry.id   6DFQ
#
_cell.length_a   95.107
_cell.length_b   117.629
_cell.length_c   234.774
_cell.angle_alpha   90.00
_cell.angle_beta   90.00
_cell.angle_gamma   90.00
#
_symmetry.space_group_name_H-M   'P 21 21 21'
#
loop_
_entity.id
_entity.type
_entity.pdbx_description
1 polymer 'TCR alpha chain'
2 polymer 'TCR beta chain'
3 non-polymer 'CALCIUM ION'
4 non-polymer 1,2-ETHANEDIOL
5 water water
#
loop_
_entity_poly.entity_id
_entity_poly.type
_entity_poly.pdbx_seq_one_letter_code
_entity_poly.pdbx_strand_id
1 'polypeptide(L)'
;MEKVEQHESTLSVREGDSAVINCTYTDTASSYFPWYKQEAGKGLHFVIDIRSNVDRKQSQRLIVLLDKKAKRFSLHITAT
QPEDSAIYFCAASPSNSGGSNYKLTFGKGTLLTVTPNIQNPDPAVYQLRDSKSSDKSVCLFTDFDSQTNVSQSKDSDVYI
TDKCVLDMRSMDFKSNSAVAWSNKSDFACANAFNNSIIPEDTFFPSPESS
;
E,A,C,G
2 'polypeptide(L)'
;MTLLEQNPRWRLVPRGQAVNLRCILKNSQYPWMSWYQQDLQKQLQWLFTLRSPGDKEVKSLPGADYLATRVTDTELRLQV
ANMSQGRTLYCTCSAGLGYEQYFGPGTRLTVLEDLKNVFPPEVAVFEPSEAEISHTQKATLVCLATGFYPDHVELSWWVN
GKEVHSGVCTDPQPLKEQPALNDSRYCLSSRLRVSATFWQNPRNHFRCQVQFYGLSENDEWTQDRAKPVTQIVSAEAWGR
AD
;
F,B,D,H
#
loop_
_chem_comp.id
_chem_comp.type
_chem_comp.name
_chem_comp.formula
CA non-polymer 'CALCIUM ION' 'Ca 2'
EDO non-polymer 1,2-ETHANEDIOL 'C2 H6 O2'
#
# COMPACT_ATOMS: atom_id res chain seq x y z
N GLU A 2 -4.82 24.36 19.26
CA GLU A 2 -4.93 23.36 18.14
C GLU A 2 -5.90 23.88 17.06
N LYS A 3 -5.41 23.90 15.83
CA LYS A 3 -6.29 24.05 14.64
C LYS A 3 -5.97 22.87 13.69
N VAL A 4 -7.00 22.40 12.99
CA VAL A 4 -6.86 21.38 12.00
C VAL A 4 -7.26 21.98 10.65
N GLU A 5 -6.37 21.95 9.67
CA GLU A 5 -6.64 22.53 8.37
C GLU A 5 -6.97 21.39 7.38
N GLN A 6 -8.02 21.60 6.62
CA GLN A 6 -8.50 20.71 5.61
C GLN A 6 -8.38 21.44 4.27
N HIS A 7 -7.50 20.96 3.39
CA HIS A 7 -7.05 21.79 2.28
C HIS A 7 -8.12 21.89 1.18
N GLU A 8 -8.72 20.80 0.77
CA GLU A 8 -9.67 20.81 -0.35
C GLU A 8 -11.06 21.15 0.19
N SER A 9 -11.72 22.13 -0.38
CA SER A 9 -13.07 22.55 0.12
C SER A 9 -14.16 21.81 -0.65
N THR A 10 -14.00 21.79 -1.97
CA THR A 10 -14.97 21.11 -2.80
C THR A 10 -14.21 20.20 -3.77
N LEU A 11 -14.77 19.03 -4.02
CA LEU A 11 -14.09 17.98 -4.75
C LEU A 11 -15.10 17.24 -5.62
N SER A 12 -15.03 17.47 -6.93
CA SER A 12 -15.95 16.83 -7.87
C SER A 12 -15.19 15.78 -8.70
N VAL A 13 -15.65 14.53 -8.67
CA VAL A 13 -14.92 13.47 -9.32
C VAL A 13 -15.91 12.52 -10.01
N ARG A 14 -15.43 11.89 -11.08
CA ARG A 14 -16.26 10.99 -11.87
C ARG A 14 -16.33 9.63 -11.18
N GLU A 15 -17.47 8.98 -11.29
CA GLU A 15 -17.64 7.65 -10.72
C GLU A 15 -16.45 6.81 -11.18
N GLY A 16 -15.89 6.05 -10.25
CA GLY A 16 -14.85 5.10 -10.56
C GLY A 16 -13.46 5.67 -10.35
N ASP A 17 -13.30 6.98 -10.34
CA ASP A 17 -11.93 7.40 -10.20
C ASP A 17 -11.61 7.65 -8.71
N SER A 18 -10.33 7.91 -8.46
CA SER A 18 -9.76 7.99 -7.12
C SER A 18 -9.77 9.44 -6.62
N ALA A 19 -9.90 9.59 -5.29
CA ALA A 19 -9.93 10.94 -4.68
C ALA A 19 -9.04 11.00 -3.44
N VAL A 20 -8.53 12.20 -3.12
CA VAL A 20 -7.83 12.45 -1.84
C VAL A 20 -8.36 13.72 -1.20
N ILE A 21 -8.38 13.63 0.12
CA ILE A 21 -8.51 14.79 0.99
C ILE A 21 -7.29 14.83 1.92
N ASN A 22 -6.74 16.04 2.01
CA ASN A 22 -5.52 16.34 2.73
C ASN A 22 -5.80 17.27 3.91
N CYS A 23 -5.31 16.88 5.07
CA CYS A 23 -5.42 17.67 6.28
C CYS A 23 -4.05 17.85 6.96
N THR A 24 -3.94 18.93 7.71
CA THR A 24 -2.79 19.18 8.60
C THR A 24 -3.28 19.57 9.98
N TYR A 25 -2.43 19.32 10.96
CA TYR A 25 -2.70 19.68 12.33
C TYR A 25 -1.47 20.36 12.94
N THR A 26 -1.70 21.21 13.95
CA THR A 26 -0.65 22.07 14.51
C THR A 26 -0.08 21.47 15.80
N ASP A 27 -0.93 20.90 16.61
CA ASP A 27 -0.55 20.57 17.96
C ASP A 27 0.04 19.15 17.99
N THR A 28 1.35 19.13 18.11
CA THR A 28 2.13 17.92 18.20
C THR A 28 1.62 16.93 19.26
N ALA A 29 0.87 17.30 20.26
CA ALA A 29 0.33 16.25 21.19
C ALA A 29 -0.72 15.34 20.54
N SER A 30 -1.23 15.71 19.35
CA SER A 30 -2.38 15.06 18.76
C SER A 30 -2.00 13.63 18.37
N SER A 31 -2.82 12.64 18.70
CA SER A 31 -2.44 11.23 18.49
C SER A 31 -3.60 10.35 17.98
N TYR A 32 -4.77 10.95 17.71
CA TYR A 32 -5.92 10.22 17.23
C TYR A 32 -6.57 11.09 16.18
N PHE A 33 -6.84 10.50 15.01
CA PHE A 33 -7.22 11.25 13.82
C PHE A 33 -8.35 10.53 13.10
N PRO A 34 -9.58 10.85 13.47
CA PRO A 34 -10.73 10.20 12.92
C PRO A 34 -11.33 11.02 11.77
N TRP A 35 -12.12 10.35 10.95
CA TRP A 35 -12.79 10.96 9.80
C TRP A 35 -14.28 10.68 9.90
N TYR A 36 -15.09 11.67 9.58
CA TYR A 36 -16.52 11.57 9.68
C TYR A 36 -17.09 12.06 8.35
N LYS A 37 -18.25 11.54 7.98
CA LYS A 37 -18.92 12.01 6.78
C LYS A 37 -20.36 12.38 7.12
N GLN A 38 -20.85 13.37 6.39
CA GLN A 38 -22.18 13.87 6.56
C GLN A 38 -22.86 13.93 5.20
N GLU A 39 -23.71 12.95 4.93
CA GLU A 39 -24.59 12.97 3.71
C GLU A 39 -25.59 14.11 3.89
N ALA A 40 -25.88 14.85 2.82
CA ALA A 40 -26.67 16.09 2.92
C ALA A 40 -27.92 15.87 3.78
N GLY A 41 -28.17 16.83 4.67
CA GLY A 41 -29.33 16.83 5.58
C GLY A 41 -29.39 15.60 6.48
N LYS A 42 -28.25 15.10 6.96
CA LYS A 42 -28.22 13.97 7.88
C LYS A 42 -27.10 14.16 8.91
N GLY A 43 -26.90 13.15 9.75
CA GLY A 43 -25.96 13.24 10.86
C GLY A 43 -24.55 12.89 10.44
N LEU A 44 -23.66 12.80 11.42
CA LEU A 44 -22.25 12.53 11.17
C LEU A 44 -22.00 11.05 11.43
N HIS A 45 -21.39 10.38 10.46
CA HIS A 45 -21.08 8.97 10.63
C HIS A 45 -19.56 8.81 10.57
N PHE A 46 -19.07 8.00 11.49
CA PHE A 46 -17.69 7.61 11.49
C PHE A 46 -17.33 6.82 10.23
N VAL A 47 -16.19 7.13 9.63
CA VAL A 47 -15.69 6.48 8.44
C VAL A 47 -14.48 5.61 8.79
N ILE A 48 -13.43 6.23 9.32
CA ILE A 48 -12.17 5.52 9.56
C ILE A 48 -11.32 6.42 10.45
N ASP A 49 -10.36 5.82 11.15
CA ASP A 49 -9.49 6.61 12.02
C ASP A 49 -8.05 6.13 11.87
N ILE A 50 -7.12 6.91 12.42
CA ILE A 50 -5.76 6.44 12.53
C ILE A 50 -5.13 7.05 13.80
N ARG A 51 -4.26 6.24 14.42
CA ARG A 51 -3.53 6.61 15.63
C ARG A 51 -2.04 6.81 15.33
N SER A 52 -1.31 7.24 16.35
CA SER A 52 0.06 7.72 16.24
C SER A 52 1.07 6.63 15.91
N ASN A 53 0.88 5.39 16.37
CA ASN A 53 1.87 4.33 15.97
C ASN A 53 2.01 4.25 14.43
N VAL A 54 0.93 4.44 13.66
CA VAL A 54 0.82 3.81 12.37
C VAL A 54 0.87 4.84 11.24
N ASP A 55 1.38 4.42 10.08
CA ASP A 55 1.62 5.32 8.98
C ASP A 55 0.52 5.16 7.92
N ARG A 56 -0.08 3.98 7.87
CA ARG A 56 -0.98 3.66 6.77
C ARG A 56 -1.96 2.62 7.27
N LYS A 57 -3.23 2.81 6.94
CA LYS A 57 -4.24 1.87 7.34
C LYS A 57 -5.26 1.79 6.20
N GLN A 58 -5.70 0.56 5.93
CA GLN A 58 -6.58 0.33 4.80
C GLN A 58 -7.84 -0.45 5.23
N SER A 59 -8.97 0.03 4.75
CA SER A 59 -10.23 -0.65 4.99
C SER A 59 -11.10 -0.58 3.74
N GLN A 60 -11.34 -1.71 3.09
CA GLN A 60 -12.03 -1.79 1.80
C GLN A 60 -11.40 -0.76 0.86
N ARG A 61 -12.20 0.18 0.36
CA ARG A 61 -11.75 1.13 -0.63
C ARG A 61 -11.15 2.39 0.02
N LEU A 62 -10.97 2.39 1.34
CA LEU A 62 -10.48 3.56 2.03
C LEU A 62 -9.05 3.32 2.51
N ILE A 63 -8.23 4.35 2.39
CA ILE A 63 -6.87 4.33 2.97
C ILE A 63 -6.63 5.65 3.69
N VAL A 64 -6.01 5.56 4.86
CA VAL A 64 -5.56 6.76 5.57
C VAL A 64 -4.07 6.68 5.77
N LEU A 65 -3.44 7.82 5.60
CA LEU A 65 -2.04 8.02 5.87
C LEU A 65 -1.88 9.01 7.02
N LEU A 66 -0.83 8.80 7.78
CA LEU A 66 -0.39 9.78 8.75
C LEU A 66 1.12 9.97 8.66
N ASP A 67 1.56 11.21 8.50
CA ASP A 67 2.95 11.58 8.77
C ASP A 67 3.06 12.47 10.03
N LYS A 68 3.52 11.92 11.17
CA LYS A 68 3.64 12.70 12.45
C LYS A 68 4.69 13.80 12.31
N LYS A 69 5.87 13.47 11.77
CA LYS A 69 6.92 14.48 11.63
C LYS A 69 6.35 15.69 10.89
N ALA A 70 5.63 15.50 9.80
CA ALA A 70 5.21 16.64 8.99
C ALA A 70 3.87 17.18 9.46
N LYS A 71 3.24 16.46 10.38
CA LYS A 71 1.91 16.77 10.90
C LYS A 71 0.91 16.88 9.75
N ARG A 72 0.84 15.83 8.93
CA ARG A 72 -0.19 15.78 7.89
C ARG A 72 -0.78 14.37 7.83
N PHE A 73 -2.04 14.32 7.38
CA PHE A 73 -2.74 13.06 7.27
C PHE A 73 -3.77 13.19 6.16
N SER A 74 -4.17 12.07 5.57
CA SER A 74 -5.00 12.13 4.34
C SER A 74 -5.91 10.91 4.26
N LEU A 75 -7.05 11.14 3.61
CA LEU A 75 -8.00 10.07 3.28
C LEU A 75 -7.99 9.82 1.77
N HIS A 76 -7.84 8.57 1.39
CA HIS A 76 -7.77 8.19 -0.02
C HIS A 76 -8.93 7.26 -0.37
N ILE A 77 -9.74 7.62 -1.36
CA ILE A 77 -10.87 6.75 -1.73
C ILE A 77 -10.63 6.18 -3.14
N THR A 78 -10.48 4.87 -3.23
CA THR A 78 -10.31 4.21 -4.51
C THR A 78 -11.68 3.97 -5.13
N ALA A 79 -11.83 4.18 -6.43
CA ALA A 79 -13.02 3.63 -7.12
C ALA A 79 -14.29 4.24 -6.54
N THR A 80 -14.37 5.56 -6.55
CA THR A 80 -15.49 6.23 -5.96
C THR A 80 -16.79 5.75 -6.60
N GLN A 81 -17.82 5.66 -5.77
CA GLN A 81 -19.19 5.42 -6.14
C GLN A 81 -20.01 6.66 -5.81
N PRO A 82 -21.20 6.82 -6.41
CA PRO A 82 -21.94 8.06 -6.05
C PRO A 82 -22.45 8.08 -4.59
N GLU A 83 -22.54 6.91 -3.97
CA GLU A 83 -22.95 6.76 -2.59
C GLU A 83 -21.94 7.44 -1.65
N ASP A 84 -20.71 7.57 -2.12
CA ASP A 84 -19.64 8.24 -1.37
C ASP A 84 -19.87 9.76 -1.30
N SER A 85 -20.72 10.32 -2.17
CA SER A 85 -21.02 11.76 -2.11
C SER A 85 -21.49 12.17 -0.70
N ALA A 86 -20.89 13.24 -0.16
CA ALA A 86 -21.03 13.63 1.25
C ALA A 86 -20.06 14.78 1.55
N ILE A 87 -20.22 15.37 2.74
CA ILE A 87 -19.14 16.20 3.30
C ILE A 87 -18.26 15.31 4.19
N TYR A 88 -16.95 15.34 3.97
CA TYR A 88 -16.03 14.59 4.80
C TYR A 88 -15.31 15.56 5.73
N PHE A 89 -15.14 15.16 6.98
CA PHE A 89 -14.45 15.97 7.96
C PHE A 89 -13.28 15.17 8.55
N CYS A 90 -12.12 15.81 8.65
CA CYS A 90 -11.02 15.24 9.47
C CYS A 90 -10.99 15.90 10.85
N ALA A 91 -10.41 15.21 11.81
CA ALA A 91 -10.29 15.74 13.15
C ALA A 91 -9.05 15.19 13.82
N ALA A 92 -8.64 15.87 14.88
CA ALA A 92 -7.47 15.48 15.66
C ALA A 92 -7.79 15.65 17.15
N SER A 93 -7.13 14.84 17.96
CA SER A 93 -7.41 14.76 19.35
C SER A 93 -6.11 14.42 20.10
N PRO A 94 -5.80 15.17 21.17
CA PRO A 94 -4.66 14.94 22.05
C PRO A 94 -4.70 13.64 22.87
N ASN A 101 -7.33 17.93 27.56
CA ASN A 101 -8.54 18.23 26.79
C ASN A 101 -8.69 17.20 25.65
N TYR A 102 -9.51 16.17 25.87
CA TYR A 102 -9.62 15.02 24.95
C TYR A 102 -10.89 15.18 24.09
N LYS A 103 -10.97 16.36 23.51
CA LYS A 103 -11.99 16.70 22.55
C LYS A 103 -11.44 16.58 21.13
N LEU A 104 -12.34 16.64 20.17
CA LEU A 104 -11.97 16.60 18.75
C LEU A 104 -11.92 18.02 18.22
N THR A 105 -10.86 18.32 17.49
CA THR A 105 -10.78 19.53 16.72
C THR A 105 -11.01 19.14 15.25
N PHE A 106 -11.89 19.86 14.56
CA PHE A 106 -12.40 19.44 13.28
C PHE A 106 -11.95 20.42 12.20
N GLY A 107 -11.71 19.89 10.99
CA GLY A 107 -11.52 20.71 9.82
C GLY A 107 -12.85 21.24 9.30
N LYS A 108 -12.79 22.19 8.37
CA LYS A 108 -13.98 22.87 7.90
C LYS A 108 -14.82 21.97 6.99
N GLY A 109 -14.27 20.82 6.57
CA GLY A 109 -15.00 19.87 5.72
C GLY A 109 -14.64 19.97 4.26
N THR A 110 -14.77 18.83 3.56
CA THR A 110 -14.65 18.77 2.10
C THR A 110 -15.94 18.17 1.53
N LEU A 111 -16.61 18.91 0.65
CA LEU A 111 -17.75 18.37 -0.09
C LEU A 111 -17.25 17.53 -1.26
N LEU A 112 -17.54 16.22 -1.20
CA LEU A 112 -17.19 15.31 -2.28
C LEU A 112 -18.45 14.97 -3.07
N THR A 113 -18.45 15.33 -4.34
CA THR A 113 -19.47 14.89 -5.28
C THR A 113 -18.88 13.87 -6.25
N VAL A 114 -19.47 12.68 -6.28
CA VAL A 114 -19.13 11.66 -7.25
C VAL A 114 -20.24 11.64 -8.30
N THR A 115 -19.93 12.16 -9.49
CA THR A 115 -20.92 12.20 -10.58
C THR A 115 -20.94 10.83 -11.24
N PRO A 116 -22.16 10.30 -11.49
CA PRO A 116 -22.31 8.99 -12.08
C PRO A 116 -21.94 8.97 -13.58
N ASN A 117 -21.51 7.81 -14.07
CA ASN A 117 -21.18 7.67 -15.49
C ASN A 117 -22.46 7.30 -16.24
N ILE A 118 -22.97 8.23 -17.03
CA ILE A 118 -24.17 8.00 -17.82
C ILE A 118 -23.81 7.18 -19.07
N GLN A 119 -24.29 5.93 -19.08
CA GLN A 119 -23.99 4.93 -20.12
C GLN A 119 -24.48 5.42 -21.50
N ASN A 120 -25.78 5.70 -21.62
CA ASN A 120 -26.39 6.10 -22.90
C ASN A 120 -27.05 7.48 -22.77
N PRO A 121 -26.29 8.55 -22.95
CA PRO A 121 -26.90 9.87 -22.82
C PRO A 121 -28.10 10.02 -23.78
N ASP A 122 -29.03 10.92 -23.45
CA ASP A 122 -30.24 11.13 -24.24
C ASP A 122 -30.85 12.49 -23.90
N PRO A 123 -30.01 13.53 -23.88
CA PRO A 123 -30.45 14.82 -23.38
C PRO A 123 -31.75 15.25 -24.05
N ALA A 124 -32.64 15.82 -23.23
CA ALA A 124 -34.02 16.11 -23.61
C ALA A 124 -34.62 17.13 -22.62
N VAL A 125 -35.51 18.01 -23.10
CA VAL A 125 -36.23 18.93 -22.23
C VAL A 125 -37.74 18.77 -22.46
N TYR A 126 -38.43 18.26 -21.45
CA TYR A 126 -39.83 17.93 -21.56
C TYR A 126 -40.68 18.91 -20.73
N GLN A 127 -41.96 19.05 -21.12
CA GLN A 127 -42.92 19.85 -20.36
C GLN A 127 -43.87 18.90 -19.64
N LEU A 128 -44.16 19.22 -18.37
CA LEU A 128 -44.99 18.36 -17.51
C LEU A 128 -46.18 19.16 -16.98
N ARG A 129 -47.38 18.59 -17.01
CA ARG A 129 -48.57 19.34 -16.56
C ARG A 129 -48.96 18.92 -15.13
N ASP A 130 -49.57 19.87 -14.41
CA ASP A 130 -50.11 19.66 -13.08
C ASP A 130 -51.18 18.56 -13.13
N SER A 131 -51.16 17.65 -12.15
CA SER A 131 -52.18 16.61 -12.05
C SER A 131 -53.56 17.20 -11.71
N LYS A 132 -53.68 18.54 -11.57
CA LYS A 132 -54.99 19.24 -11.42
C LYS A 132 -54.82 20.74 -11.06
N SER A 133 -54.76 21.78 -11.91
CA SER A 133 -54.74 21.87 -13.38
C SER A 133 -54.23 23.30 -13.73
N SER A 134 -53.82 23.72 -14.95
CA SER A 134 -53.11 23.01 -16.07
C SER A 134 -53.11 23.90 -17.33
N ASP A 135 -52.14 24.80 -17.60
CA ASP A 135 -51.00 25.20 -16.75
C ASP A 135 -51.56 25.66 -15.40
N LYS A 136 -50.86 25.47 -14.29
CA LYS A 136 -49.40 25.50 -14.13
C LYS A 136 -48.69 24.30 -14.80
N SER A 137 -47.40 24.50 -15.12
CA SER A 137 -46.53 23.46 -15.71
C SER A 137 -45.06 23.69 -15.35
N VAL A 138 -44.25 22.66 -15.60
CA VAL A 138 -42.83 22.65 -15.24
C VAL A 138 -42.01 22.11 -16.42
N CYS A 139 -40.77 22.58 -16.53
CA CYS A 139 -39.84 22.07 -17.56
C CYS A 139 -38.75 21.19 -16.93
N LEU A 140 -38.51 20.04 -17.56
CA LEU A 140 -37.62 19.02 -17.03
C LEU A 140 -36.50 18.72 -18.04
N PHE A 141 -35.29 19.08 -17.67
CA PHE A 141 -34.08 18.73 -18.41
C PHE A 141 -33.56 17.41 -17.85
N THR A 142 -33.39 16.38 -18.66
CA THR A 142 -33.05 15.04 -18.14
C THR A 142 -32.10 14.32 -19.10
N ASP A 143 -31.59 13.18 -18.62
CA ASP A 143 -30.89 12.18 -19.42
C ASP A 143 -29.58 12.76 -19.94
N PHE A 144 -29.14 13.90 -19.43
CA PHE A 144 -27.95 14.54 -19.95
C PHE A 144 -26.72 13.92 -19.28
N ASP A 145 -25.57 14.22 -19.86
CA ASP A 145 -24.30 13.64 -19.47
C ASP A 145 -23.81 14.35 -18.20
N SER A 146 -23.03 13.65 -17.38
CA SER A 146 -22.59 14.19 -16.09
C SER A 146 -21.71 15.45 -16.27
N GLN A 147 -21.01 15.55 -17.41
CA GLN A 147 -20.08 16.65 -17.63
C GLN A 147 -20.84 17.93 -18.03
N THR A 148 -22.14 17.84 -18.26
CA THR A 148 -22.98 19.03 -18.51
C THR A 148 -23.30 19.75 -17.20
N ASN A 149 -23.19 21.08 -17.18
CA ASN A 149 -23.47 21.84 -15.94
C ASN A 149 -24.67 22.77 -16.19
N VAL A 150 -25.58 22.82 -15.23
CA VAL A 150 -26.82 23.58 -15.33
C VAL A 150 -26.64 24.88 -14.54
N SER A 151 -26.88 26.03 -15.14
CA SER A 151 -26.69 27.31 -14.45
C SER A 151 -28.04 27.90 -14.05
N GLN A 152 -28.07 28.57 -12.88
CA GLN A 152 -29.30 29.12 -12.29
C GLN A 152 -29.57 30.51 -12.88
N SER A 153 -30.74 30.73 -13.47
CA SER A 153 -30.87 31.71 -14.58
C SER A 153 -30.66 33.15 -14.10
N LYS A 154 -30.42 34.02 -15.09
CA LYS A 154 -30.10 35.45 -14.85
C LYS A 154 -31.39 36.28 -14.72
N ASP A 155 -32.55 35.62 -14.56
CA ASP A 155 -33.83 36.29 -14.44
C ASP A 155 -34.48 35.80 -13.15
N SER A 156 -34.66 36.67 -12.15
CA SER A 156 -35.08 36.25 -10.80
C SER A 156 -36.56 35.84 -10.74
N ASP A 157 -37.28 35.84 -11.87
CA ASP A 157 -38.70 35.41 -11.91
C ASP A 157 -38.82 34.03 -12.58
N VAL A 158 -37.70 33.35 -12.88
CA VAL A 158 -37.69 31.95 -13.38
C VAL A 158 -36.75 31.12 -12.51
N TYR A 159 -37.20 29.94 -12.09
CA TYR A 159 -36.49 29.16 -11.09
C TYR A 159 -35.88 27.91 -11.71
N ILE A 160 -34.61 27.65 -11.37
CA ILE A 160 -33.92 26.51 -11.93
C ILE A 160 -33.14 25.77 -10.83
N THR A 161 -33.43 24.50 -10.71
CA THR A 161 -32.85 23.60 -9.75
C THR A 161 -31.43 23.23 -10.19
N ASP A 162 -30.62 22.77 -9.26
CA ASP A 162 -29.35 22.23 -9.66
C ASP A 162 -29.57 20.84 -10.24
N LYS A 163 -28.56 20.23 -10.86
CA LYS A 163 -28.68 18.83 -11.31
C LYS A 163 -28.80 17.95 -10.06
N CYS A 164 -29.37 16.78 -10.24
CA CYS A 164 -29.68 15.86 -9.18
C CYS A 164 -29.71 14.45 -9.80
N VAL A 165 -29.17 13.43 -9.13
CA VAL A 165 -29.07 12.08 -9.68
C VAL A 165 -30.10 11.16 -9.03
N LEU A 166 -30.85 10.42 -9.86
CA LEU A 166 -31.73 9.38 -9.32
C LEU A 166 -31.29 8.02 -9.87
N ASP A 167 -31.64 6.99 -9.13
CA ASP A 167 -31.21 5.64 -9.42
C ASP A 167 -32.43 4.73 -9.40
N MET A 168 -32.86 4.29 -10.58
CA MET A 168 -33.86 3.24 -10.71
C MET A 168 -33.15 1.92 -10.44
N ARG A 169 -33.30 1.38 -9.22
CA ARG A 169 -32.34 0.40 -8.67
C ARG A 169 -32.40 -0.89 -9.49
N SER A 170 -33.59 -1.34 -9.83
CA SER A 170 -33.83 -2.22 -10.96
C SER A 170 -34.74 -1.45 -11.92
N MET A 171 -34.28 -1.07 -13.11
CA MET A 171 -33.31 -1.79 -13.93
C MET A 171 -31.95 -1.07 -13.99
N ASP A 172 -31.28 -0.93 -12.85
CA ASP A 172 -29.84 -0.61 -12.77
C ASP A 172 -29.49 0.64 -13.59
N PHE A 173 -30.27 1.70 -13.43
CA PHE A 173 -30.21 2.85 -14.32
C PHE A 173 -30.11 4.14 -13.51
N LYS A 174 -29.16 5.00 -13.85
CA LYS A 174 -29.04 6.29 -13.20
C LYS A 174 -29.31 7.40 -14.21
N SER A 175 -29.80 8.54 -13.74
CA SER A 175 -30.07 9.66 -14.64
C SER A 175 -29.94 11.00 -13.91
N ASN A 176 -29.44 12.00 -14.63
CA ASN A 176 -29.36 13.38 -14.16
C ASN A 176 -30.65 14.12 -14.54
N SER A 177 -31.00 15.16 -13.78
CA SER A 177 -32.25 15.89 -13.97
C SER A 177 -32.11 17.30 -13.41
N ALA A 178 -32.77 18.26 -14.04
CA ALA A 178 -32.93 19.59 -13.49
C ALA A 178 -34.33 20.12 -13.87
N VAL A 179 -34.90 20.92 -12.98
CA VAL A 179 -36.25 21.38 -13.14
C VAL A 179 -36.23 22.90 -13.25
N ALA A 180 -37.13 23.45 -14.04
CA ALA A 180 -37.30 24.88 -14.13
C ALA A 180 -38.79 25.23 -14.24
N TRP A 181 -39.17 26.40 -13.76
CA TRP A 181 -40.58 26.84 -13.85
C TRP A 181 -40.65 28.35 -13.66
N SER A 182 -41.60 29.00 -14.36
CA SER A 182 -41.93 30.36 -13.98
C SER A 182 -43.45 30.57 -13.96
N ASN A 183 -43.84 31.78 -13.54
CA ASN A 183 -45.22 32.26 -13.63
C ASN A 183 -45.40 33.20 -14.82
N LYS A 184 -44.42 33.39 -15.70
CA LYS A 184 -44.41 34.53 -16.61
C LYS A 184 -44.96 34.20 -18.02
N SER A 185 -45.35 35.27 -18.71
CA SER A 185 -45.31 35.29 -20.17
C SER A 185 -43.86 35.55 -20.62
N ASP A 186 -43.42 34.82 -21.63
CA ASP A 186 -42.03 34.88 -22.14
C ASP A 186 -41.23 33.66 -21.66
N PHE A 187 -41.89 32.71 -20.97
CA PHE A 187 -41.22 31.48 -20.54
C PHE A 187 -41.93 30.23 -21.09
N ALA A 188 -41.20 29.41 -21.83
CA ALA A 188 -41.57 28.06 -22.20
C ALA A 188 -40.29 27.24 -22.33
N CYS A 189 -40.44 25.94 -22.52
CA CYS A 189 -39.34 24.97 -22.35
C CYS A 189 -38.22 25.15 -23.38
N ALA A 190 -38.56 25.64 -24.58
CA ALA A 190 -37.56 25.99 -25.58
C ALA A 190 -36.51 26.96 -24.98
N ASN A 191 -36.91 27.92 -24.17
CA ASN A 191 -35.95 28.96 -23.72
C ASN A 191 -35.41 28.68 -22.31
N ALA A 192 -35.83 27.62 -21.62
CA ALA A 192 -35.74 27.59 -20.17
C ALA A 192 -34.27 27.54 -19.70
N PHE A 193 -33.50 26.64 -20.28
CA PHE A 193 -32.11 26.43 -19.92
C PHE A 193 -31.20 27.13 -20.95
N ASN A 194 -31.70 28.18 -21.60
CA ASN A 194 -30.80 29.17 -22.19
C ASN A 194 -30.07 29.80 -21.00
N ASN A 195 -28.82 30.16 -21.17
CA ASN A 195 -27.93 30.50 -20.04
C ASN A 195 -27.13 29.27 -19.63
N SER A 196 -27.53 28.04 -19.99
CA SER A 196 -26.67 26.87 -19.71
C SER A 196 -26.16 26.27 -21.02
N ILE A 197 -24.94 25.78 -21.02
CA ILE A 197 -24.33 25.24 -22.23
C ILE A 197 -25.23 24.32 -23.02
N ILE A 198 -25.68 23.23 -22.42
CA ILE A 198 -26.56 22.27 -23.09
C ILE A 198 -26.11 21.65 -24.38
N PRO A 199 -26.14 20.27 -24.44
CA PRO A 199 -25.69 19.69 -25.70
C PRO A 199 -26.42 20.25 -26.89
N GLU A 200 -25.96 19.93 -28.10
CA GLU A 200 -26.63 20.43 -29.32
C GLU A 200 -27.75 19.47 -29.73
N ASP A 201 -27.57 18.17 -29.47
CA ASP A 201 -28.53 17.13 -29.84
C ASP A 201 -29.64 16.98 -28.76
N THR A 202 -29.88 17.99 -27.91
CA THR A 202 -30.98 17.93 -26.95
C THR A 202 -32.31 17.87 -27.72
N PHE A 203 -33.14 16.89 -27.39
CA PHE A 203 -34.47 16.74 -27.95
C PHE A 203 -35.42 17.77 -27.34
N PHE A 204 -36.11 18.55 -28.17
CA PHE A 204 -37.10 19.52 -27.70
C PHE A 204 -38.45 19.24 -28.40
N PRO A 205 -39.31 18.44 -27.78
CA PRO A 205 -40.53 18.01 -28.49
C PRO A 205 -41.59 19.12 -28.63
N SER A 206 -42.74 18.83 -29.25
CA SER A 206 -43.86 19.80 -29.29
C SER A 206 -45.14 19.12 -28.76
N LEU B 3 -28.41 3.74 20.15
CA LEU B 3 -27.30 4.38 20.98
C LEU B 3 -27.38 5.90 20.86
N LEU B 4 -27.71 6.60 21.96
CA LEU B 4 -27.97 8.08 22.03
C LEU B 4 -29.26 8.53 21.32
N GLU B 5 -30.22 9.01 22.12
CA GLU B 5 -31.38 9.72 21.57
C GLU B 5 -31.33 11.18 22.02
N GLN B 6 -31.64 12.09 21.10
CA GLN B 6 -31.71 13.51 21.34
C GLN B 6 -33.11 14.02 20.98
N ASN B 7 -33.72 14.77 21.90
CA ASN B 7 -35.00 15.44 21.63
C ASN B 7 -34.85 16.92 21.98
N PRO B 8 -35.54 17.82 21.28
CA PRO B 8 -36.23 17.52 20.02
C PRO B 8 -35.23 17.33 18.88
N ARG B 9 -35.69 17.04 17.68
CA ARG B 9 -34.80 16.85 16.54
C ARG B 9 -34.67 18.19 15.83
N TRP B 10 -35.64 19.07 16.01
CA TRP B 10 -35.69 20.36 15.31
C TRP B 10 -36.27 21.39 16.29
N ARG B 11 -36.10 22.68 16.01
CA ARG B 11 -36.67 23.71 16.88
C ARG B 11 -36.64 25.08 16.19
N LEU B 12 -37.74 25.80 16.34
CA LEU B 12 -37.86 27.21 15.96
C LEU B 12 -37.66 28.10 17.20
N VAL B 13 -36.90 29.18 16.99
CA VAL B 13 -36.48 30.06 18.07
C VAL B 13 -36.60 31.50 17.57
N PRO B 14 -37.54 32.27 18.13
CA PRO B 14 -37.48 33.69 17.83
C PRO B 14 -36.38 34.33 18.69
N ARG B 15 -35.90 35.50 18.26
CA ARG B 15 -34.95 36.25 19.05
C ARG B 15 -35.50 36.45 20.45
N GLY B 16 -34.73 36.07 21.45
CA GLY B 16 -35.13 36.26 22.83
C GLY B 16 -35.42 34.94 23.53
N GLN B 17 -35.92 33.98 22.78
CA GLN B 17 -36.36 32.75 23.42
C GLN B 17 -35.13 31.91 23.74
N ALA B 18 -35.12 31.26 24.90
CA ALA B 18 -34.14 30.18 25.14
C ALA B 18 -34.77 28.84 24.75
N VAL B 19 -34.01 27.76 24.84
CA VAL B 19 -34.43 26.46 24.33
C VAL B 19 -33.70 25.36 25.10
N ASN B 20 -34.40 24.27 25.37
CA ASN B 20 -33.79 23.17 26.11
C ASN B 20 -33.64 21.94 25.21
N LEU B 21 -32.49 21.27 25.33
CA LEU B 21 -32.21 20.05 24.59
C LEU B 21 -31.82 18.96 25.58
N ARG B 22 -32.21 17.74 25.24
CA ARG B 22 -31.98 16.57 26.07
C ARG B 22 -31.24 15.54 25.21
N CYS B 23 -30.39 14.77 25.87
CA CYS B 23 -29.72 13.67 25.22
C CYS B 23 -29.66 12.50 26.19
N ILE B 24 -30.28 11.38 25.83
CA ILE B 24 -30.31 10.20 26.70
C ILE B 24 -29.33 9.17 26.15
N LEU B 25 -28.41 8.75 27.01
CA LEU B 25 -27.48 7.71 26.70
C LEU B 25 -28.20 6.38 26.87
N LYS B 26 -28.10 5.47 25.88
CA LYS B 26 -28.87 4.22 25.91
C LYS B 26 -27.94 3.02 26.15
N ASN B 27 -26.70 3.24 26.60
CA ASN B 27 -25.79 2.15 26.88
C ASN B 27 -24.70 2.65 27.82
N SER B 28 -24.61 2.04 29.01
CA SER B 28 -23.79 2.58 30.09
C SER B 28 -22.29 2.37 29.85
N GLN B 29 -21.89 1.61 28.83
CA GLN B 29 -20.45 1.40 28.55
C GLN B 29 -19.80 2.69 27.98
N TYR B 30 -20.59 3.66 27.50
CA TYR B 30 -20.06 4.92 26.91
C TYR B 30 -20.49 6.12 27.76
N PRO B 31 -20.07 6.16 29.04
CA PRO B 31 -20.52 7.17 30.02
C PRO B 31 -20.06 8.61 29.73
N TRP B 32 -18.96 8.78 29.00
CA TRP B 32 -18.47 10.13 28.69
C TRP B 32 -19.33 10.74 27.59
N MET B 33 -19.99 11.84 27.91
CA MET B 33 -20.95 12.45 26.99
C MET B 33 -20.48 13.88 26.71
N SER B 34 -20.68 14.33 25.46
CA SER B 34 -20.18 15.64 25.07
C SER B 34 -21.21 16.35 24.17
N TRP B 35 -21.04 17.66 24.04
CA TRP B 35 -21.82 18.47 23.10
C TRP B 35 -20.87 19.06 22.05
N TYR B 36 -21.30 19.07 20.79
CA TYR B 36 -20.61 19.75 19.73
C TYR B 36 -21.64 20.60 18.99
N GLN B 37 -21.25 21.80 18.59
CA GLN B 37 -22.10 22.60 17.78
C GLN B 37 -21.57 22.49 16.35
N GLN B 38 -22.46 22.63 15.39
CA GLN B 38 -22.09 22.70 14.01
C GLN B 38 -22.81 23.93 13.46
N ASP B 39 -22.05 24.87 12.94
CA ASP B 39 -22.64 26.13 12.52
C ASP B 39 -23.23 25.98 11.12
N LEU B 40 -23.75 27.08 10.60
CA LEU B 40 -24.43 27.07 9.31
C LEU B 40 -23.41 26.87 8.17
N GLN B 41 -22.13 27.19 8.39
CA GLN B 41 -21.08 26.90 7.40
C GLN B 41 -20.52 25.48 7.63
N LYS B 42 -21.11 24.70 8.50
CA LYS B 42 -20.80 23.26 8.65
C LYS B 42 -19.57 23.02 9.55
N GLN B 43 -19.01 24.06 10.14
CA GLN B 43 -17.86 23.87 11.03
C GLN B 43 -18.31 23.31 12.40
N LEU B 44 -17.70 22.21 12.80
CA LEU B 44 -17.92 21.61 14.09
C LEU B 44 -16.96 22.21 15.12
N GLN B 45 -17.47 22.34 16.34
CA GLN B 45 -16.80 22.91 17.47
C GLN B 45 -17.29 22.23 18.74
N TRP B 46 -16.36 21.72 19.53
CA TRP B 46 -16.65 21.12 20.82
C TRP B 46 -17.10 22.19 21.84
N LEU B 47 -18.05 21.83 22.70
CA LEU B 47 -18.58 22.71 23.76
C LEU B 47 -18.20 22.17 25.14
N PHE B 48 -18.66 20.97 25.47
CA PHE B 48 -18.42 20.41 26.78
C PHE B 48 -18.30 18.89 26.73
N THR B 49 -17.70 18.36 27.79
CA THR B 49 -17.70 16.95 28.12
C THR B 49 -17.95 16.81 29.61
N LEU B 50 -19.04 16.14 29.97
CA LEU B 50 -19.45 16.04 31.37
C LEU B 50 -19.58 14.55 31.74
N ARG B 51 -18.80 14.12 32.73
CA ARG B 51 -18.75 12.70 33.06
C ARG B 51 -19.82 12.36 34.11
N SER B 52 -19.78 13.05 35.26
CA SER B 52 -20.53 12.63 36.46
C SER B 52 -21.87 13.37 36.58
N PRO B 53 -22.87 12.72 37.21
CA PRO B 53 -24.13 13.42 37.46
C PRO B 53 -23.87 14.62 38.39
N GLY B 54 -24.52 15.74 38.10
CA GLY B 54 -24.35 16.92 38.91
C GLY B 54 -23.36 17.90 38.31
N ASP B 55 -22.52 17.46 37.36
CA ASP B 55 -21.60 18.39 36.68
C ASP B 55 -22.43 19.38 35.84
N LYS B 56 -22.11 20.66 35.95
CA LYS B 56 -22.67 21.69 35.05
C LYS B 56 -21.55 22.63 34.62
N GLU B 57 -21.72 23.28 33.47
CA GLU B 57 -20.73 24.24 32.94
C GLU B 57 -21.47 25.26 32.06
N VAL B 58 -20.84 26.43 31.89
CA VAL B 58 -21.35 27.49 31.03
C VAL B 58 -20.27 27.86 30.03
N LYS B 59 -20.67 28.39 28.88
CA LYS B 59 -19.72 28.72 27.83
C LYS B 59 -20.43 29.61 26.81
N SER B 60 -19.68 30.55 26.24
CA SER B 60 -20.21 31.49 25.26
C SER B 60 -19.40 31.38 23.98
N LEU B 61 -20.08 31.23 22.86
CA LEU B 61 -19.49 31.27 21.54
C LEU B 61 -20.21 32.37 20.77
N PRO B 62 -19.62 32.78 19.66
CA PRO B 62 -20.40 33.67 18.78
C PRO B 62 -21.40 32.83 18.00
N GLY B 63 -22.64 33.27 17.78
CA GLY B 63 -23.51 33.92 18.71
C GLY B 63 -24.54 32.92 19.26
N ALA B 64 -24.16 32.29 20.37
CA ALA B 64 -25.04 31.53 21.21
C ALA B 64 -24.40 31.34 22.59
N ASP B 65 -25.21 31.32 23.66
CA ASP B 65 -24.68 31.05 25.00
C ASP B 65 -25.25 29.70 25.49
N TYR B 66 -24.41 28.93 26.16
CA TYR B 66 -24.72 27.55 26.46
C TYR B 66 -24.55 27.30 27.96
N LEU B 67 -25.52 26.62 28.53
CA LEU B 67 -25.34 26.00 29.81
C LEU B 67 -25.66 24.51 29.69
N ALA B 68 -24.73 23.70 30.14
CA ALA B 68 -24.88 22.28 29.98
C ALA B 68 -24.86 21.62 31.35
N THR B 69 -25.57 20.52 31.48
CA THR B 69 -25.70 19.84 32.76
C THR B 69 -25.90 18.33 32.56
N ARG B 70 -25.02 17.55 33.15
CA ARG B 70 -25.21 16.11 33.23
C ARG B 70 -26.12 15.80 34.43
N VAL B 71 -27.40 15.58 34.19
CA VAL B 71 -28.33 15.40 35.29
C VAL B 71 -28.15 14.00 35.88
N THR B 72 -28.30 12.93 35.10
CA THR B 72 -28.18 11.54 35.62
C THR B 72 -27.07 10.82 34.86
N ASP B 73 -26.80 9.57 35.23
CA ASP B 73 -25.79 8.77 34.56
C ASP B 73 -26.16 8.53 33.09
N THR B 74 -27.39 8.85 32.68
CA THR B 74 -27.82 8.58 31.31
C THR B 74 -28.53 9.79 30.69
N GLU B 75 -28.47 10.96 31.30
CA GLU B 75 -29.17 12.11 30.74
C GLU B 75 -28.26 13.34 30.78
N LEU B 76 -28.21 14.04 29.65
CA LEU B 76 -27.43 15.25 29.50
C LEU B 76 -28.34 16.32 28.88
N ARG B 77 -28.32 17.51 29.47
CA ARG B 77 -29.22 18.58 29.05
C ARG B 77 -28.38 19.76 28.56
N LEU B 78 -28.98 20.60 27.71
CA LEU B 78 -28.32 21.81 27.25
C LEU B 78 -29.35 22.92 27.05
N GLN B 79 -29.04 24.07 27.60
CA GLN B 79 -29.86 25.23 27.44
C GLN B 79 -29.10 26.16 26.49
N VAL B 80 -29.82 26.69 25.53
CA VAL B 80 -29.22 27.48 24.49
C VAL B 80 -29.93 28.84 24.51
N ALA B 81 -29.18 29.92 24.68
CA ALA B 81 -29.82 31.22 24.74
C ALA B 81 -29.02 32.25 23.96
N ASN B 82 -29.70 33.31 23.62
CA ASN B 82 -29.11 34.47 22.94
C ASN B 82 -28.56 34.03 21.59
N MET B 83 -29.41 33.39 20.78
CA MET B 83 -29.01 32.89 19.49
C MET B 83 -29.23 33.97 18.42
N SER B 84 -28.13 34.48 17.86
CA SER B 84 -28.21 35.42 16.73
C SER B 84 -28.35 34.59 15.46
N GLN B 85 -27.39 33.67 15.27
CA GLN B 85 -27.30 32.80 14.10
C GLN B 85 -27.67 31.37 14.51
N GLY B 86 -28.37 30.68 13.59
CA GLY B 86 -28.85 29.28 13.78
C GLY B 86 -27.70 28.26 13.82
N ARG B 87 -27.98 27.05 14.29
CA ARG B 87 -26.92 26.05 14.39
C ARG B 87 -27.52 24.68 14.70
N THR B 88 -26.67 23.65 14.78
CA THR B 88 -27.09 22.30 15.04
C THR B 88 -26.21 21.72 16.15
N LEU B 89 -26.79 20.90 16.99
CA LEU B 89 -26.13 20.51 18.16
C LEU B 89 -26.08 18.99 18.26
N TYR B 90 -24.87 18.44 18.34
CA TYR B 90 -24.71 17.01 18.41
C TYR B 90 -24.26 16.65 19.81
N CYS B 91 -24.91 15.64 20.32
CA CYS B 91 -24.54 14.96 21.52
C CYS B 91 -23.61 13.80 21.11
N THR B 92 -22.49 13.61 21.78
CA THR B 92 -21.66 12.46 21.48
C THR B 92 -21.48 11.61 22.74
N CYS B 93 -21.12 10.35 22.56
CA CYS B 93 -20.70 9.52 23.70
C CYS B 93 -19.44 8.72 23.35
N SER B 94 -18.74 8.28 24.38
CA SER B 94 -17.41 7.68 24.24
C SER B 94 -17.08 6.85 25.50
N ALA B 95 -16.12 5.92 25.37
CA ALA B 95 -15.61 5.17 26.52
C ALA B 95 -14.23 5.71 26.94
N GLY B 96 -13.14 4.94 26.78
CA GLY B 96 -11.87 5.27 27.44
C GLY B 96 -11.21 6.52 26.87
N GLY B 98 -10.84 10.10 26.51
CA GLY B 98 -11.76 10.27 25.37
C GLY B 98 -11.13 9.81 24.06
N TYR B 99 -11.70 8.77 23.47
CA TYR B 99 -11.21 8.31 22.19
C TYR B 99 -12.28 8.37 21.13
N GLU B 100 -12.72 7.23 20.62
CA GLU B 100 -13.73 7.25 19.57
C GLU B 100 -14.91 8.00 20.08
N GLN B 101 -15.56 8.76 19.23
CA GLN B 101 -16.74 9.48 19.65
C GLN B 101 -17.90 9.17 18.70
N TYR B 102 -18.98 8.60 19.22
CA TYR B 102 -20.17 8.33 18.41
C TYR B 102 -21.12 9.53 18.50
N PHE B 103 -21.45 10.12 17.36
CA PHE B 103 -22.33 11.30 17.30
C PHE B 103 -23.80 10.88 17.25
N GLY B 104 -24.62 11.44 18.12
CA GLY B 104 -26.05 11.28 18.01
C GLY B 104 -26.63 11.97 16.76
N PRO B 105 -27.97 11.91 16.63
CA PRO B 105 -28.71 12.34 15.45
C PRO B 105 -28.83 13.86 15.30
N GLY B 106 -28.62 14.57 16.42
CA GLY B 106 -28.51 16.03 16.40
C GLY B 106 -29.83 16.75 16.52
N THR B 107 -29.76 17.98 17.02
CA THR B 107 -30.91 18.84 17.15
C THR B 107 -30.65 20.11 16.34
N ARG B 108 -31.55 20.48 15.45
CA ARG B 108 -31.30 21.61 14.57
C ARG B 108 -32.06 22.82 15.08
N LEU B 109 -31.39 23.94 15.20
CA LEU B 109 -31.99 25.15 15.72
C LEU B 109 -31.99 26.18 14.58
N THR B 110 -33.16 26.73 14.29
CA THR B 110 -33.28 27.86 13.35
C THR B 110 -33.79 29.07 14.12
N VAL B 111 -33.39 30.23 13.68
CA VAL B 111 -33.57 31.46 14.37
C VAL B 111 -34.31 32.39 13.43
N LEU B 112 -35.35 33.03 13.92
CA LEU B 112 -36.14 33.96 13.12
C LEU B 112 -36.24 35.28 13.88
N GLU B 113 -36.17 36.41 13.18
CA GLU B 113 -36.51 37.67 13.80
C GLU B 113 -37.98 37.59 14.26
N ASP B 114 -38.87 37.41 13.30
CA ASP B 114 -40.31 37.54 13.45
C ASP B 114 -40.96 36.15 13.29
N LEU B 115 -42.03 35.87 14.02
CA LEU B 115 -42.83 34.67 13.71
C LEU B 115 -43.78 34.95 12.53
N LYS B 116 -43.97 36.21 12.20
CA LYS B 116 -44.94 36.64 11.22
C LYS B 116 -44.63 36.03 9.84
N ASN B 117 -43.37 35.65 9.58
CA ASN B 117 -42.94 35.26 8.23
C ASN B 117 -42.82 33.74 8.07
N VAL B 118 -43.37 32.96 9.00
CA VAL B 118 -43.45 31.52 8.86
C VAL B 118 -44.62 31.18 7.93
N PHE B 119 -44.38 30.36 6.89
CA PHE B 119 -45.43 29.82 6.05
C PHE B 119 -45.22 28.34 5.76
N PRO B 120 -46.33 27.59 5.62
CA PRO B 120 -46.23 26.19 5.24
C PRO B 120 -46.14 26.11 3.70
N PRO B 121 -45.78 24.94 3.19
CA PRO B 121 -45.62 24.79 1.75
C PRO B 121 -46.96 24.55 1.05
N GLU B 122 -47.06 25.05 -0.18
CA GLU B 122 -48.02 24.55 -1.16
C GLU B 122 -47.32 23.45 -1.98
N VAL B 123 -48.06 22.39 -2.30
CA VAL B 123 -47.47 21.22 -2.97
C VAL B 123 -48.26 20.89 -4.25
N ALA B 124 -47.55 20.65 -5.33
CA ALA B 124 -48.15 20.33 -6.63
C ALA B 124 -47.37 19.18 -7.28
N VAL B 125 -48.06 18.26 -7.91
CA VAL B 125 -47.41 17.19 -8.65
C VAL B 125 -47.61 17.41 -10.14
N PHE B 126 -46.57 17.22 -10.94
CA PHE B 126 -46.65 17.39 -12.39
C PHE B 126 -46.48 16.02 -13.06
N GLU B 127 -47.37 15.74 -14.00
CA GLU B 127 -47.47 14.40 -14.57
C GLU B 127 -46.47 14.28 -15.72
N PRO B 128 -45.95 13.06 -15.93
CA PRO B 128 -45.04 12.72 -17.02
C PRO B 128 -45.46 13.31 -18.37
N SER B 129 -44.49 13.83 -19.11
CA SER B 129 -44.65 14.21 -20.52
C SER B 129 -44.94 12.95 -21.37
N GLU B 130 -45.81 13.09 -22.36
CA GLU B 130 -46.10 12.01 -23.30
C GLU B 130 -44.86 11.81 -24.19
N ALA B 131 -44.24 12.92 -24.58
CA ALA B 131 -42.99 12.90 -25.33
C ALA B 131 -41.95 12.01 -24.63
N GLU B 132 -41.81 12.17 -23.32
CA GLU B 132 -40.79 11.44 -22.57
C GLU B 132 -41.15 9.95 -22.56
N ILE B 133 -42.43 9.61 -22.53
CA ILE B 133 -42.82 8.20 -22.45
C ILE B 133 -42.50 7.53 -23.79
N SER B 134 -42.80 8.21 -24.89
CA SER B 134 -42.54 7.70 -26.24
C SER B 134 -41.02 7.54 -26.47
N HIS B 135 -40.26 8.56 -26.08
CA HIS B 135 -38.84 8.65 -26.37
C HIS B 135 -38.00 7.70 -25.51
N THR B 136 -38.39 7.43 -24.27
CA THR B 136 -37.51 6.73 -23.32
C THR B 136 -38.19 5.50 -22.70
N GLN B 137 -39.51 5.36 -22.85
CA GLN B 137 -40.28 4.29 -22.17
C GLN B 137 -40.11 4.42 -20.65
N LYS B 138 -40.08 5.67 -20.19
CA LYS B 138 -39.93 6.01 -18.76
C LYS B 138 -40.73 7.27 -18.46
N ALA B 139 -41.16 7.39 -17.21
CA ALA B 139 -42.04 8.47 -16.80
C ALA B 139 -41.52 9.11 -15.50
N THR B 140 -41.33 10.41 -15.57
CA THR B 140 -40.84 11.20 -14.45
C THR B 140 -41.98 12.06 -13.90
N LEU B 141 -42.39 11.81 -12.65
CA LEU B 141 -43.23 12.78 -11.92
C LEU B 141 -42.30 13.78 -11.23
N VAL B 142 -42.72 15.05 -11.24
CA VAL B 142 -42.03 16.09 -10.48
C VAL B 142 -42.98 16.58 -9.37
N CYS B 143 -42.40 16.89 -8.22
CA CYS B 143 -43.13 17.45 -7.07
C CYS B 143 -42.51 18.81 -6.73
N LEU B 144 -43.33 19.85 -6.61
CA LEU B 144 -42.87 21.20 -6.28
C LEU B 144 -43.49 21.65 -4.95
N ALA B 145 -42.69 21.76 -3.90
CA ALA B 145 -43.11 22.40 -2.67
C ALA B 145 -42.67 23.86 -2.68
N THR B 146 -43.61 24.80 -2.72
CA THR B 146 -43.30 26.22 -2.86
C THR B 146 -43.81 27.04 -1.66
N GLY B 147 -43.23 28.23 -1.52
CA GLY B 147 -43.73 29.28 -0.65
C GLY B 147 -43.56 29.00 0.84
N PHE B 148 -42.59 28.20 1.25
CA PHE B 148 -42.50 27.83 2.67
C PHE B 148 -41.33 28.56 3.35
N TYR B 149 -41.43 28.73 4.66
CA TYR B 149 -40.42 29.37 5.49
C TYR B 149 -40.66 29.00 6.96
N PRO B 150 -39.64 28.69 7.72
CA PRO B 150 -38.27 28.50 7.25
C PRO B 150 -38.08 27.22 6.43
N ASP B 151 -36.85 26.91 6.04
CA ASP B 151 -36.55 25.71 5.24
C ASP B 151 -36.52 24.46 6.13
N HIS B 152 -37.64 24.07 6.70
CA HIS B 152 -37.73 22.82 7.46
C HIS B 152 -38.76 21.90 6.82
N VAL B 153 -38.42 21.23 5.72
CA VAL B 153 -39.33 20.30 5.11
C VAL B 153 -38.62 18.95 4.96
N GLU B 154 -39.40 17.88 4.94
CA GLU B 154 -38.97 16.53 4.62
C GLU B 154 -39.95 15.98 3.58
N LEU B 155 -39.48 15.87 2.34
CA LEU B 155 -40.31 15.44 1.22
C LEU B 155 -40.17 13.92 1.03
N SER B 156 -41.27 13.24 0.77
CA SER B 156 -41.23 11.80 0.54
C SER B 156 -42.24 11.42 -0.56
N TRP B 157 -42.05 10.26 -1.19
CA TRP B 157 -42.93 9.82 -2.28
C TRP B 157 -43.63 8.53 -1.84
N TRP B 158 -44.92 8.47 -2.15
CA TRP B 158 -45.76 7.34 -1.74
C TRP B 158 -46.48 6.79 -2.98
N VAL B 159 -46.33 5.50 -3.16
CA VAL B 159 -46.90 4.83 -4.32
C VAL B 159 -47.80 3.71 -3.82
N ASN B 160 -49.10 3.84 -4.12
CA ASN B 160 -50.15 2.93 -3.63
C ASN B 160 -49.98 2.73 -2.11
N GLY B 161 -49.80 3.83 -1.36
CA GLY B 161 -49.81 3.77 0.11
C GLY B 161 -48.50 3.30 0.75
N LYS B 162 -47.51 2.88 -0.02
CA LYS B 162 -46.19 2.55 0.56
C LYS B 162 -45.18 3.62 0.11
N GLU B 163 -44.23 3.93 1.00
CA GLU B 163 -43.17 4.89 0.68
C GLU B 163 -42.12 4.23 -0.22
N VAL B 164 -41.59 4.97 -1.20
CA VAL B 164 -40.60 4.48 -2.18
C VAL B 164 -39.33 5.32 -2.09
N HIS B 165 -38.19 4.70 -2.29
CA HIS B 165 -36.89 5.41 -2.37
C HIS B 165 -36.29 5.24 -3.76
N SER B 166 -36.40 4.05 -4.34
CA SER B 166 -35.98 3.81 -5.73
C SER B 166 -36.68 4.80 -6.67
N GLY B 167 -35.89 5.42 -7.52
CA GLY B 167 -36.43 6.25 -8.59
C GLY B 167 -36.55 7.68 -8.15
N VAL B 168 -36.13 7.98 -6.92
CA VAL B 168 -36.42 9.27 -6.32
C VAL B 168 -35.13 10.10 -6.27
N CYS B 169 -35.27 11.39 -6.46
CA CYS B 169 -34.21 12.30 -6.04
C CYS B 169 -34.83 13.65 -5.68
N THR B 170 -34.50 14.11 -4.47
CA THR B 170 -34.96 15.40 -3.97
C THR B 170 -33.79 16.39 -4.02
N ASP B 171 -34.06 17.63 -4.41
CA ASP B 171 -33.03 18.67 -4.32
C ASP B 171 -32.36 18.63 -2.95
N PRO B 172 -31.04 18.76 -2.91
CA PRO B 172 -30.41 18.80 -1.61
C PRO B 172 -30.60 20.15 -0.92
N GLN B 173 -30.76 21.23 -1.70
CA GLN B 173 -30.90 22.59 -1.18
C GLN B 173 -32.16 23.24 -1.74
N PRO B 174 -33.02 23.82 -0.87
CA PRO B 174 -34.13 24.60 -1.37
C PRO B 174 -33.63 25.92 -1.95
N LEU B 175 -34.31 26.50 -2.93
CA LEU B 175 -33.89 27.78 -3.50
C LEU B 175 -34.85 28.89 -3.08
N LYS B 176 -34.33 30.11 -3.02
CA LYS B 176 -35.04 31.24 -2.49
C LYS B 176 -35.89 31.86 -3.60
N GLU B 177 -37.16 32.12 -3.33
CA GLU B 177 -38.09 32.64 -4.34
C GLU B 177 -37.72 34.10 -4.67
N GLN B 178 -37.36 34.88 -3.66
CA GLN B 178 -36.88 36.26 -3.84
C GLN B 178 -35.45 36.35 -3.27
N PRO B 179 -34.43 35.92 -4.05
CA PRO B 179 -33.10 35.69 -3.45
C PRO B 179 -32.48 36.91 -2.76
N ALA B 180 -32.96 38.12 -3.11
CA ALA B 180 -32.52 39.39 -2.52
C ALA B 180 -32.87 39.46 -1.02
N LEU B 181 -34.13 39.18 -0.68
CA LEU B 181 -34.69 39.41 0.67
C LEU B 181 -33.99 38.53 1.72
N ASN B 182 -33.95 39.05 2.95
CA ASN B 182 -33.32 38.39 4.07
C ASN B 182 -34.18 37.20 4.53
N ASP B 183 -35.51 37.38 4.58
CA ASP B 183 -36.46 36.35 5.07
C ASP B 183 -37.25 35.75 3.91
N SER B 184 -36.57 35.32 2.86
CA SER B 184 -37.24 34.85 1.64
C SER B 184 -37.79 33.43 1.84
N ARG B 185 -39.03 33.25 1.39
CA ARG B 185 -39.68 31.96 1.37
C ARG B 185 -38.98 31.04 0.34
N TYR B 186 -39.02 29.75 0.60
CA TYR B 186 -38.20 28.79 -0.10
C TYR B 186 -39.03 27.95 -1.08
N CYS B 187 -38.32 27.12 -1.83
CA CYS B 187 -38.93 26.14 -2.71
C CYS B 187 -37.97 24.98 -3.01
N LEU B 188 -38.56 23.81 -3.20
CA LEU B 188 -37.87 22.55 -3.28
C LEU B 188 -38.56 21.67 -4.33
N SER B 189 -37.79 20.94 -5.12
CA SER B 189 -38.38 20.04 -6.08
C SER B 189 -37.92 18.60 -5.80
N SER B 190 -38.67 17.65 -6.31
CA SER B 190 -38.28 16.27 -6.20
C SER B 190 -38.78 15.54 -7.45
N ARG B 191 -38.17 14.39 -7.75
CA ARG B 191 -38.60 13.64 -8.90
C ARG B 191 -38.69 12.18 -8.51
N LEU B 192 -39.73 11.54 -9.05
CA LEU B 192 -39.90 10.09 -8.98
C LEU B 192 -39.96 9.58 -10.42
N ARG B 193 -39.13 8.61 -10.75
CA ARG B 193 -39.10 8.10 -12.12
C ARG B 193 -39.46 6.62 -12.11
N VAL B 194 -40.40 6.27 -12.97
CA VAL B 194 -40.89 4.91 -13.05
C VAL B 194 -40.94 4.48 -14.52
N SER B 195 -41.10 3.16 -14.71
CA SER B 195 -41.31 2.59 -16.05
C SER B 195 -42.60 3.16 -16.62
N ALA B 196 -42.67 3.33 -17.93
CA ALA B 196 -43.88 3.91 -18.54
C ALA B 196 -45.06 2.93 -18.40
N THR B 197 -44.78 1.64 -18.38
CA THR B 197 -45.85 0.65 -18.23
C THR B 197 -46.53 0.85 -16.86
N PHE B 198 -45.75 1.17 -15.83
CA PHE B 198 -46.28 1.35 -14.46
C PHE B 198 -47.08 2.67 -14.34
N TRP B 199 -46.61 3.70 -15.02
CA TRP B 199 -47.33 4.95 -15.01
C TRP B 199 -48.67 4.80 -15.74
N GLN B 200 -48.71 3.89 -16.71
CA GLN B 200 -49.82 3.83 -17.66
C GLN B 200 -50.98 3.02 -17.09
N ASN B 201 -50.74 2.23 -16.04
CA ASN B 201 -51.81 1.59 -15.27
C ASN B 201 -52.54 2.64 -14.42
N PRO B 202 -53.87 2.83 -14.63
CA PRO B 202 -54.58 3.88 -13.89
C PRO B 202 -54.99 3.44 -12.48
N ARG B 203 -54.70 2.19 -12.13
CA ARG B 203 -54.85 1.67 -10.78
C ARG B 203 -53.67 2.13 -9.90
N ASN B 204 -52.69 2.80 -10.50
CA ASN B 204 -51.49 3.22 -9.75
C ASN B 204 -51.66 4.67 -9.31
N HIS B 205 -51.40 4.85 -8.00
CA HIS B 205 -51.63 6.11 -7.31
C HIS B 205 -50.27 6.66 -6.79
N PHE B 206 -50.04 7.93 -7.03
CA PHE B 206 -48.79 8.58 -6.66
C PHE B 206 -49.08 9.77 -5.71
N ARG B 207 -48.28 9.93 -4.67
CA ARG B 207 -48.40 11.09 -3.79
C ARG B 207 -47.01 11.56 -3.34
N CYS B 208 -46.72 12.86 -3.47
CA CYS B 208 -45.60 13.40 -2.68
C CYS B 208 -46.16 14.11 -1.45
N GLN B 209 -45.48 13.87 -0.33
CA GLN B 209 -45.86 14.29 0.99
C GLN B 209 -44.76 15.20 1.54
N VAL B 210 -45.12 16.40 1.98
CA VAL B 210 -44.14 17.34 2.55
C VAL B 210 -44.47 17.56 4.03
N GLN B 211 -43.70 16.94 4.91
CA GLN B 211 -43.74 17.26 6.33
C GLN B 211 -43.12 18.65 6.53
N PHE B 212 -43.91 19.60 7.03
CA PHE B 212 -43.41 20.94 7.36
C PHE B 212 -43.21 21.03 8.86
N TYR B 213 -42.21 21.80 9.26
CA TYR B 213 -41.97 22.02 10.69
C TYR B 213 -42.06 23.52 10.95
N GLY B 214 -43.00 23.86 11.84
CA GLY B 214 -43.38 25.23 12.10
C GLY B 214 -43.74 25.44 13.56
N LEU B 215 -44.84 26.14 13.78
CA LEU B 215 -45.14 26.60 15.12
C LEU B 215 -45.85 25.50 15.90
N SER B 216 -45.87 25.69 17.20
CA SER B 216 -46.48 24.72 18.12
C SER B 216 -47.58 25.42 18.90
N GLU B 217 -48.26 24.64 19.74
CA GLU B 217 -49.19 25.14 20.78
C GLU B 217 -48.56 26.32 21.54
N ASN B 218 -47.26 26.26 21.86
CA ASN B 218 -46.63 27.28 22.72
C ASN B 218 -46.35 28.59 21.97
N ASP B 219 -46.40 28.60 20.65
CA ASP B 219 -46.02 29.82 19.92
C ASP B 219 -47.27 30.68 19.71
N GLU B 220 -47.15 31.97 19.98
CA GLU B 220 -48.28 32.90 19.90
C GLU B 220 -48.59 33.08 18.43
N TRP B 221 -49.81 33.49 18.10
CA TRP B 221 -50.17 33.77 16.71
C TRP B 221 -51.28 34.83 16.63
N THR B 222 -51.00 35.90 15.89
CA THR B 222 -51.81 37.12 15.96
C THR B 222 -52.55 37.38 14.64
N GLN B 223 -52.14 36.77 13.53
CA GLN B 223 -52.58 37.21 12.18
C GLN B 223 -53.83 36.44 11.68
N ASP B 224 -54.38 36.91 10.58
CA ASP B 224 -55.69 36.43 10.07
C ASP B 224 -55.52 35.07 9.39
N ARG B 225 -54.41 34.88 8.65
CA ARG B 225 -54.21 33.59 7.94
C ARG B 225 -54.04 32.48 8.99
N ALA B 226 -54.10 31.24 8.55
CA ALA B 226 -54.05 30.12 9.47
C ALA B 226 -52.66 30.05 10.08
N LYS B 227 -52.65 29.77 11.37
CA LYS B 227 -51.43 29.57 12.13
C LYS B 227 -50.60 28.45 11.47
N PRO B 228 -49.41 28.78 10.94
CA PRO B 228 -48.51 27.86 10.20
C PRO B 228 -47.86 26.82 11.12
N VAL B 229 -48.68 25.88 11.55
CA VAL B 229 -48.29 24.86 12.49
C VAL B 229 -47.53 23.76 11.74
N THR B 230 -46.81 22.96 12.50
CA THR B 230 -46.26 21.71 12.02
C THR B 230 -47.37 20.83 11.42
N GLN B 231 -47.22 20.43 10.17
CA GLN B 231 -48.28 19.78 9.41
C GLN B 231 -47.68 19.07 8.18
N ILE B 232 -48.48 18.21 7.57
CA ILE B 232 -48.18 17.58 6.30
C ILE B 232 -49.04 18.25 5.22
N VAL B 233 -48.44 18.44 4.05
CA VAL B 233 -49.15 18.87 2.85
C VAL B 233 -48.78 17.90 1.72
N SER B 234 -49.80 17.39 1.03
CA SER B 234 -49.64 16.33 0.05
C SER B 234 -50.18 16.79 -1.30
N ALA B 235 -49.75 16.09 -2.34
CA ALA B 235 -50.31 16.26 -3.68
C ALA B 235 -50.29 14.88 -4.36
N GLU B 236 -51.22 14.64 -5.28
CA GLU B 236 -51.34 13.32 -5.85
C GLU B 236 -51.53 13.40 -7.36
N ALA B 237 -51.34 12.23 -7.98
CA ALA B 237 -51.68 11.99 -9.39
C ALA B 237 -51.98 10.50 -9.57
N TRP B 238 -52.79 10.20 -10.56
CA TRP B 238 -53.13 8.82 -10.91
C TRP B 238 -52.48 8.44 -12.24
N GLY B 239 -52.15 7.16 -12.42
CA GLY B 239 -51.77 6.64 -13.73
C GLY B 239 -52.82 6.92 -14.82
N ARG B 240 -52.38 7.21 -16.05
CA ARG B 240 -53.27 7.28 -17.24
C ARG B 240 -52.70 6.45 -18.39
N ALA B 241 -53.57 5.84 -19.20
CA ALA B 241 -53.15 5.00 -20.35
C ALA B 241 -53.22 5.78 -21.68
N GLU C 2 -12.64 -18.96 20.89
CA GLU C 2 -12.27 -20.03 21.83
C GLU C 2 -10.76 -20.34 21.70
N LYS C 3 -10.20 -20.61 20.51
CA LYS C 3 -8.78 -21.00 20.36
C LYS C 3 -8.15 -20.11 19.27
N VAL C 4 -6.90 -19.74 19.46
CA VAL C 4 -6.15 -19.02 18.47
C VAL C 4 -4.98 -19.91 18.07
N GLU C 5 -4.86 -20.21 16.78
CA GLU C 5 -3.79 -21.09 16.31
C GLU C 5 -2.71 -20.22 15.66
N GLN C 6 -1.46 -20.51 16.02
CA GLN C 6 -0.31 -19.84 15.46
C GLN C 6 0.48 -20.89 14.68
N HIS C 7 0.57 -20.74 13.37
CA HIS C 7 0.98 -21.86 12.52
C HIS C 7 2.49 -22.13 12.63
N GLU C 8 3.34 -21.13 12.53
CA GLU C 8 4.77 -21.35 12.58
C GLU C 8 5.21 -21.39 14.05
N SER C 9 5.94 -22.42 14.45
CA SER C 9 6.47 -22.50 15.82
C SER C 9 7.88 -21.88 15.86
N THR C 10 8.68 -22.20 14.85
CA THR C 10 10.04 -21.68 14.81
C THR C 10 10.29 -21.08 13.42
N LEU C 11 11.02 -19.97 13.40
CA LEU C 11 11.24 -19.22 12.19
C LEU C 11 12.65 -18.64 12.19
N SER C 12 13.52 -19.21 11.35
CA SER C 12 14.89 -18.77 11.26
C SER C 12 15.11 -18.02 9.94
N VAL C 13 15.62 -16.80 9.99
CA VAL C 13 15.57 -15.89 8.84
C VAL C 13 16.89 -15.09 8.80
N ARG C 14 17.43 -14.86 7.61
CA ARG C 14 18.70 -14.15 7.49
C ARG C 14 18.45 -12.66 7.59
N GLU C 15 19.36 -11.95 8.22
CA GLU C 15 19.25 -10.52 8.35
C GLU C 15 18.88 -9.93 6.98
N GLY C 16 17.92 -9.02 7.00
CA GLY C 16 17.51 -8.31 5.79
C GLY C 16 16.36 -8.96 5.04
N ASP C 17 16.12 -10.25 5.23
CA ASP C 17 15.02 -10.90 4.58
C ASP C 17 13.69 -10.56 5.25
N SER C 18 12.60 -10.86 4.54
CA SER C 18 11.23 -10.66 5.03
C SER C 18 10.72 -11.92 5.72
N ALA C 19 9.87 -11.74 6.74
CA ALA C 19 9.25 -12.87 7.47
C ALA C 19 7.74 -12.68 7.64
N VAL C 20 7.02 -13.80 7.75
CA VAL C 20 5.61 -13.80 8.12
C VAL C 20 5.37 -14.83 9.21
N ILE C 21 4.46 -14.42 10.09
CA ILE C 21 3.81 -15.28 11.02
C ILE C 21 2.31 -15.22 10.75
N ASN C 22 1.72 -16.42 10.72
CA ASN C 22 0.36 -16.67 10.33
C ASN C 22 -0.42 -17.24 11.52
N CYS C 23 -1.58 -16.66 11.77
CA CYS C 23 -2.48 -17.09 12.84
C CYS C 23 -3.91 -17.25 12.32
N THR C 24 -4.68 -18.11 12.99
CA THR C 24 -6.12 -18.23 12.76
C THR C 24 -6.85 -18.21 14.10
N TYR C 25 -8.11 -17.84 14.03
CA TYR C 25 -8.97 -17.83 15.20
C TYR C 25 -10.32 -18.47 14.86
N THR C 26 -10.98 -19.01 15.88
CA THR C 26 -12.19 -19.82 15.70
C THR C 26 -13.44 -18.97 15.97
N ASP C 27 -13.40 -18.14 16.98
CA ASP C 27 -14.59 -17.51 17.49
C ASP C 27 -14.80 -16.19 16.71
N THR C 28 -15.72 -16.19 15.80
CA THR C 28 -16.33 -14.92 15.42
C THR C 28 -17.18 -14.47 16.61
N ALA C 29 -17.29 -13.20 16.97
CA ALA C 29 -16.54 -12.14 16.43
C ALA C 29 -15.64 -11.67 17.57
N SER C 30 -14.57 -12.42 17.67
CA SER C 30 -13.28 -11.83 17.93
C SER C 30 -13.11 -10.61 17.01
N SER C 31 -12.70 -9.47 17.55
CA SER C 31 -12.67 -8.23 16.76
C SER C 31 -11.44 -7.36 17.06
N TYR C 32 -10.53 -7.85 17.89
CA TYR C 32 -9.33 -7.12 18.23
C TYR C 32 -8.20 -8.14 18.26
N PHE C 33 -7.12 -7.84 17.57
CA PHE C 33 -6.08 -8.82 17.30
C PHE C 33 -4.71 -8.16 17.46
N PRO C 34 -4.19 -8.23 18.67
CA PRO C 34 -2.92 -7.61 18.97
C PRO C 34 -1.77 -8.62 18.88
N TRP C 35 -0.55 -8.11 18.75
CA TRP C 35 0.66 -8.91 18.67
C TRP C 35 1.64 -8.44 19.74
N TYR C 36 2.30 -9.39 20.39
CA TYR C 36 3.21 -9.10 21.46
C TYR C 36 4.52 -9.83 21.14
N LYS C 37 5.66 -9.29 21.61
CA LYS C 37 6.91 -10.00 21.46
C LYS C 37 7.59 -10.10 22.82
N GLN C 38 8.33 -11.19 23.00
CA GLN C 38 9.01 -11.49 24.24
C GLN C 38 10.46 -11.85 23.90
N GLU C 39 11.35 -10.87 24.12
CA GLU C 39 12.82 -11.07 24.01
C GLU C 39 13.25 -12.04 25.12
N ALA C 40 14.16 -12.95 24.82
CA ALA C 40 14.56 -14.01 25.79
C ALA C 40 14.78 -13.41 27.18
N GLY C 41 14.21 -14.07 28.21
CA GLY C 41 14.32 -13.66 29.62
C GLY C 41 13.82 -12.24 29.88
N LYS C 42 12.75 -11.81 29.23
CA LYS C 42 12.18 -10.48 29.45
C LYS C 42 10.65 -10.54 29.37
N GLY C 43 10.02 -9.37 29.49
CA GLY C 43 8.57 -9.29 29.53
C GLY C 43 7.98 -9.20 28.14
N LEU C 44 6.69 -8.94 28.07
CA LEU C 44 5.96 -8.94 26.82
C LEU C 44 5.76 -7.50 26.40
N HIS C 45 6.15 -7.18 25.17
CA HIS C 45 5.95 -5.83 24.67
C HIS C 45 4.98 -5.89 23.50
N PHE C 46 4.06 -4.96 23.53
CA PHE C 46 3.13 -4.75 22.44
C PHE C 46 3.89 -4.31 21.18
N VAL C 47 3.53 -4.90 20.04
CA VAL C 47 4.12 -4.59 18.76
C VAL C 47 3.14 -3.81 17.89
N ILE C 48 2.00 -4.40 17.62
CA ILE C 48 1.04 -3.82 16.68
C ILE C 48 -0.29 -4.57 16.83
N ASP C 49 -1.39 -3.95 16.42
CA ASP C 49 -2.70 -4.57 16.56
C ASP C 49 -3.51 -4.33 15.29
N ILE C 50 -4.62 -5.04 15.20
CA ILE C 50 -5.59 -4.72 14.17
C ILE C 50 -7.02 -5.02 14.66
N ARG C 51 -7.95 -4.20 14.20
CA ARG C 51 -9.38 -4.32 14.55
C ARG C 51 -10.20 -4.79 13.34
N SER C 52 -11.50 -5.02 13.55
CA SER C 52 -12.34 -5.74 12.59
C SER C 52 -12.66 -4.95 11.32
N ASN C 53 -12.81 -3.64 11.34
CA ASN C 53 -13.11 -2.97 10.01
C ASN C 53 -11.93 -3.18 9.03
N VAL C 54 -10.71 -3.30 9.56
CA VAL C 54 -9.49 -2.98 8.88
C VAL C 54 -8.90 -4.24 8.22
N ASP C 55 -8.39 -4.15 6.98
CA ASP C 55 -7.84 -5.34 6.32
C ASP C 55 -6.32 -5.31 6.36
N ARG C 56 -5.74 -4.12 6.45
CA ARG C 56 -4.30 -4.00 6.33
C ARG C 56 -3.86 -2.75 7.09
N LYS C 57 -2.78 -2.89 7.85
CA LYS C 57 -2.28 -1.79 8.61
C LYS C 57 -0.76 -1.87 8.64
N GLN C 58 -0.11 -0.73 8.52
CA GLN C 58 1.35 -0.67 8.43
C GLN C 58 1.94 0.29 9.46
N SER C 59 2.99 -0.15 10.10
CA SER C 59 3.75 0.72 10.98
C SER C 59 5.24 0.44 10.83
N GLN C 60 5.99 1.40 10.29
CA GLN C 60 7.41 1.23 9.98
C GLN C 60 7.59 -0.06 9.18
N ARG C 61 8.38 -1.01 9.67
CA ARG C 61 8.69 -2.21 8.91
C ARG C 61 7.69 -3.34 9.20
N LEU C 62 6.61 -3.06 9.91
CA LEU C 62 5.64 -4.05 10.29
C LEU C 62 4.35 -3.85 9.49
N ILE C 63 3.73 -4.95 9.09
CA ILE C 63 2.43 -4.92 8.44
C ILE C 63 1.57 -6.04 9.03
N VAL C 64 0.28 -5.73 9.29
CA VAL C 64 -0.67 -6.77 9.71
C VAL C 64 -1.80 -6.81 8.71
N LEU C 65 -2.23 -8.02 8.43
CA LEU C 65 -3.39 -8.31 7.61
C LEU C 65 -4.44 -9.02 8.45
N LEU C 66 -5.70 -8.75 8.13
CA LEU C 66 -6.79 -9.48 8.71
C LEU C 66 -7.80 -9.84 7.62
N ASP C 67 -8.13 -11.11 7.51
CA ASP C 67 -9.30 -11.55 6.75
C ASP C 67 -10.38 -12.12 7.69
N LYS C 68 -11.46 -11.36 7.94
CA LYS C 68 -12.58 -11.80 8.82
C LYS C 68 -13.30 -13.04 8.26
N LYS C 69 -13.68 -13.00 6.97
CA LYS C 69 -14.38 -14.14 6.40
C LYS C 69 -13.58 -15.42 6.66
N ALA C 70 -12.27 -15.42 6.42
CA ALA C 70 -11.53 -16.66 6.51
C ALA C 70 -11.01 -16.89 7.93
N LYS C 71 -11.18 -15.88 8.79
CA LYS C 71 -10.71 -15.90 10.18
C LYS C 71 -9.20 -16.18 10.22
N ARG C 72 -8.44 -15.36 9.50
CA ARG C 72 -6.98 -15.47 9.57
C ARG C 72 -6.37 -14.06 9.60
N PHE C 73 -5.20 -14.00 10.21
CA PHE C 73 -4.50 -12.74 10.33
C PHE C 73 -2.99 -13.02 10.39
N SER C 74 -2.18 -12.06 9.98
CA SER C 74 -0.74 -12.31 9.85
C SER C 74 0.08 -11.05 10.17
N LEU C 75 1.28 -11.28 10.67
CA LEU C 75 2.28 -10.23 10.90
C LEU C 75 3.42 -10.38 9.88
N HIS C 76 3.75 -9.29 9.21
CA HIS C 76 4.77 -9.27 8.17
C HIS C 76 5.90 -8.33 8.60
N ILE C 77 7.14 -8.82 8.62
CA ILE C 77 8.28 -7.97 8.94
C ILE C 77 9.17 -7.83 7.70
N THR C 78 9.28 -6.62 7.19
CA THR C 78 10.20 -6.32 6.12
C THR C 78 11.61 -6.10 6.69
N ALA C 79 12.65 -6.62 6.04
CA ALA C 79 14.01 -6.17 6.33
C ALA C 79 14.37 -6.47 7.78
N THR C 80 14.26 -7.75 8.14
CA THR C 80 14.53 -8.14 9.50
C THR C 80 15.94 -7.69 9.91
N GLN C 81 16.02 -7.30 11.18
CA GLN C 81 17.27 -6.99 11.88
C GLN C 81 17.43 -8.01 13.01
N PRO C 82 18.65 -8.18 13.54
CA PRO C 82 18.74 -9.20 14.63
C PRO C 82 18.03 -8.77 15.93
N GLU C 83 17.79 -7.48 16.09
CA GLU C 83 17.07 -6.92 17.23
C GLU C 83 15.62 -7.45 17.27
N ASP C 84 15.11 -7.86 16.11
CA ASP C 84 13.78 -8.42 15.99
C ASP C 84 13.70 -9.82 16.63
N SER C 85 14.84 -10.49 16.86
CA SER C 85 14.82 -11.84 17.41
C SER C 85 14.07 -11.84 18.74
N ALA C 86 13.13 -12.79 18.90
CA ALA C 86 12.16 -12.82 20.02
C ALA C 86 11.15 -13.94 19.80
N ILE C 87 10.29 -14.18 20.80
CA ILE C 87 9.08 -14.94 20.57
C ILE C 87 7.94 -13.95 20.28
N TYR C 88 7.22 -14.19 19.21
CA TYR C 88 6.09 -13.35 18.83
C TYR C 88 4.80 -14.11 19.15
N PHE C 89 3.83 -13.40 19.71
CA PHE C 89 2.55 -13.98 20.06
C PHE C 89 1.42 -13.22 19.35
N CYS C 90 0.49 -13.94 18.76
CA CYS C 90 -0.78 -13.31 18.33
C CYS C 90 -1.86 -13.58 19.38
N ALA C 91 -2.87 -12.74 19.40
CA ALA C 91 -3.99 -12.93 20.27
C ALA C 91 -5.27 -12.38 19.64
N ALA C 92 -6.39 -12.82 20.19
CA ALA C 92 -7.69 -12.37 19.77
C ALA C 92 -8.58 -12.09 20.98
N SER C 93 -9.52 -11.20 20.79
CA SER C 93 -10.36 -10.74 21.86
C SER C 93 -11.74 -10.38 21.31
N PRO C 94 -12.80 -10.89 21.94
CA PRO C 94 -14.19 -10.56 21.62
C PRO C 94 -14.63 -9.09 21.77
N SER C 95 -13.77 -8.11 21.56
CA SER C 95 -14.21 -6.68 21.43
C SER C 95 -15.30 -6.52 20.34
N GLY C 99 -19.75 -11.49 26.93
CA GLY C 99 -19.54 -11.83 28.32
C GLY C 99 -18.13 -11.52 28.77
N SER C 100 -17.23 -12.47 28.59
CA SER C 100 -15.85 -12.28 28.95
C SER C 100 -15.26 -11.55 27.79
N ASN C 101 -15.46 -10.24 27.73
CA ASN C 101 -14.93 -9.52 26.59
C ASN C 101 -13.68 -8.69 26.79
N TYR C 102 -12.86 -9.03 27.77
CA TYR C 102 -11.62 -8.29 27.96
C TYR C 102 -10.56 -9.31 28.01
N LYS C 103 -10.91 -10.52 27.62
CA LYS C 103 -9.93 -11.61 27.73
C LYS C 103 -9.14 -11.66 26.40
N LEU C 104 -7.80 -11.74 26.44
CA LEU C 104 -7.05 -12.11 25.28
C LEU C 104 -6.84 -13.62 25.29
N THR C 105 -7.06 -14.22 24.13
CA THR C 105 -6.69 -15.57 23.90
C THR C 105 -5.44 -15.55 23.01
N PHE C 106 -4.40 -16.29 23.43
CA PHE C 106 -3.10 -16.17 22.87
C PHE C 106 -2.74 -17.44 22.09
N GLY C 107 -1.97 -17.28 21.02
CA GLY C 107 -1.33 -18.41 20.38
C GLY C 107 -0.13 -18.89 21.19
N LYS C 108 0.39 -20.04 20.80
CA LYS C 108 1.48 -20.70 21.52
C LYS C 108 2.80 -19.96 21.32
N GLY C 109 2.87 -19.00 20.38
CA GLY C 109 4.08 -18.24 20.11
C GLY C 109 4.90 -18.78 18.92
N THR C 110 5.62 -17.88 18.27
CA THR C 110 6.60 -18.21 17.23
C THR C 110 7.96 -17.65 17.63
N LEU C 111 8.97 -18.50 17.72
CA LEU C 111 10.34 -18.06 17.94
C LEU C 111 10.96 -17.60 16.62
N LEU C 112 11.28 -16.31 16.54
CA LEU C 112 11.91 -15.74 15.37
C LEU C 112 13.36 -15.45 15.69
N THR C 113 14.26 -16.13 14.96
CA THR C 113 15.68 -15.83 15.01
C THR C 113 16.12 -15.17 13.71
N VAL C 114 16.69 -13.98 13.83
CA VAL C 114 17.26 -13.29 12.70
C VAL C 114 18.78 -13.43 12.81
N THR C 115 19.34 -14.27 11.94
CA THR C 115 20.76 -14.54 11.94
C THR C 115 21.46 -13.42 11.17
N PRO C 116 22.57 -12.93 11.72
CA PRO C 116 23.31 -11.83 11.14
C PRO C 116 24.08 -12.27 9.89
N ASN C 117 24.30 -11.32 8.98
CA ASN C 117 25.05 -11.62 7.75
C ASN C 117 26.56 -11.50 8.03
N ILE C 118 27.27 -12.63 8.09
CA ILE C 118 28.68 -12.60 8.39
C ILE C 118 29.47 -12.25 7.11
N GLN C 119 30.04 -11.04 7.13
CA GLN C 119 30.71 -10.41 5.97
C GLN C 119 31.93 -11.24 5.58
N ASN C 120 32.87 -11.45 6.53
CA ASN C 120 34.11 -12.16 6.27
C ASN C 120 34.22 -13.34 7.24
N PRO C 121 33.67 -14.48 6.87
CA PRO C 121 33.79 -15.65 7.74
C PRO C 121 35.27 -15.95 8.04
N ASP C 122 35.55 -16.62 9.16
CA ASP C 122 36.91 -16.98 9.56
C ASP C 122 36.86 -18.11 10.60
N PRO C 123 36.12 -19.16 10.28
CA PRO C 123 35.84 -20.18 11.27
C PRO C 123 37.14 -20.69 11.89
N ALA C 124 37.09 -20.91 13.19
CA ALA C 124 38.25 -21.18 14.02
C ALA C 124 37.79 -21.79 15.35
N VAL C 125 38.61 -22.66 15.94
CA VAL C 125 38.33 -23.23 17.24
C VAL C 125 39.55 -23.01 18.14
N TYR C 126 39.38 -22.17 19.16
CA TYR C 126 40.49 -21.78 20.01
C TYR C 126 40.32 -22.39 21.39
N GLN C 127 41.45 -22.58 22.07
CA GLN C 127 41.48 -23.08 23.44
C GLN C 127 41.80 -21.90 24.36
N LEU C 128 41.09 -21.82 25.49
CA LEU C 128 41.22 -20.73 26.46
C LEU C 128 41.57 -21.30 27.84
N ARG C 129 42.51 -20.66 28.55
CA ARG C 129 42.86 -21.14 29.87
C ARG C 129 42.20 -20.25 30.95
N ASP C 130 41.99 -20.85 32.11
CA ASP C 130 41.42 -20.18 33.29
C ASP C 130 42.40 -19.13 33.86
N SER C 131 41.90 -18.12 34.58
CA SER C 131 42.74 -17.39 35.57
C SER C 131 42.27 -17.72 37.00
N SER C 137 39.78 -25.72 31.35
CA SER C 137 40.07 -25.20 30.00
C SER C 137 38.81 -25.28 29.13
N VAL C 138 38.65 -24.37 28.17
CA VAL C 138 37.40 -24.23 27.42
C VAL C 138 37.71 -24.11 25.92
N CYS C 139 36.84 -24.67 25.09
CA CYS C 139 37.01 -24.57 23.62
C CYS C 139 35.95 -23.63 23.03
N LEU C 140 36.41 -22.73 22.16
CA LEU C 140 35.59 -21.68 21.58
C LEU C 140 35.57 -21.82 20.05
N PHE C 141 34.42 -22.18 19.50
CA PHE C 141 34.17 -22.16 18.07
C PHE C 141 33.61 -20.80 17.70
N THR C 142 34.23 -20.07 16.78
CA THR C 142 33.84 -18.67 16.53
C THR C 142 34.03 -18.32 15.06
N ASP C 143 33.56 -17.13 14.71
CA ASP C 143 33.78 -16.49 13.43
C ASP C 143 33.14 -17.30 12.29
N PHE C 144 32.27 -18.24 12.62
CA PHE C 144 31.70 -19.08 11.59
C PHE C 144 30.50 -18.38 10.98
N ASP C 145 30.07 -18.92 9.84
CA ASP C 145 29.02 -18.35 9.02
C ASP C 145 27.67 -18.68 9.66
N SER C 146 26.67 -17.84 9.42
CA SER C 146 25.37 -17.99 10.09
C SER C 146 24.69 -19.30 9.66
N GLN C 147 24.99 -19.80 8.47
CA GLN C 147 24.31 -20.97 7.91
C GLN C 147 24.88 -22.26 8.55
N THR C 148 25.97 -22.16 9.32
CA THR C 148 26.52 -23.29 10.08
C THR C 148 25.68 -23.55 11.33
N ASN C 149 25.37 -24.81 11.63
CA ASN C 149 24.59 -25.17 12.83
C ASN C 149 25.46 -25.98 13.78
N VAL C 150 25.34 -25.67 15.08
CA VAL C 150 26.13 -26.32 16.11
C VAL C 150 25.25 -27.36 16.79
N SER C 151 25.69 -28.62 16.85
CA SER C 151 24.88 -29.68 17.45
C SER C 151 25.53 -30.16 18.75
N GLN C 152 24.84 -31.09 19.41
CA GLN C 152 24.99 -31.31 20.88
C GLN C 152 26.06 -32.35 21.23
N SER C 153 26.57 -33.15 20.28
CA SER C 153 27.49 -34.26 20.61
C SER C 153 26.75 -35.29 21.49
N LYS C 154 26.84 -36.58 21.16
CA LYS C 154 26.04 -37.64 21.82
C LYS C 154 26.73 -38.13 23.10
N ASP C 155 27.45 -37.23 23.78
CA ASP C 155 28.35 -37.58 24.87
C ASP C 155 28.00 -36.73 26.10
N SER C 156 27.42 -37.37 27.11
CA SER C 156 26.86 -36.67 28.29
C SER C 156 27.96 -36.22 29.27
N ASP C 157 29.24 -36.36 28.92
CA ASP C 157 30.35 -35.85 29.77
C ASP C 157 30.94 -34.56 29.18
N VAL C 158 30.43 -34.07 28.03
CA VAL C 158 30.96 -32.85 27.37
C VAL C 158 29.82 -31.89 27.05
N TYR C 159 30.00 -30.60 27.34
CA TYR C 159 28.91 -29.64 27.24
C TYR C 159 29.17 -28.69 26.07
N ILE C 160 28.14 -28.45 25.28
CA ILE C 160 28.23 -27.57 24.15
C ILE C 160 27.03 -26.62 24.13
N THR C 161 27.33 -25.34 24.11
CA THR C 161 26.28 -24.33 24.09
C THR C 161 25.77 -24.19 22.66
N ASP C 162 24.63 -23.58 22.48
CA ASP C 162 24.16 -23.29 21.15
C ASP C 162 24.98 -22.09 20.62
N LYS C 163 24.86 -21.79 19.33
CA LYS C 163 25.43 -20.58 18.76
C LYS C 163 24.76 -19.37 19.41
N CYS C 164 25.44 -18.25 19.36
CA CYS C 164 25.09 -17.04 20.07
C CYS C 164 25.74 -15.87 19.32
N VAL C 165 25.04 -14.77 19.09
CA VAL C 165 25.58 -13.65 18.29
C VAL C 165 26.00 -12.49 19.18
N LEU C 166 27.21 -11.98 19.01
CA LEU C 166 27.61 -10.74 19.68
C LEU C 166 27.96 -9.66 18.65
N ASP C 167 27.85 -8.42 19.09
CA ASP C 167 28.03 -7.28 18.24
C ASP C 167 29.04 -6.33 18.88
N MET C 168 30.23 -6.27 18.31
CA MET C 168 31.20 -5.23 18.67
C MET C 168 30.75 -3.94 17.96
N ARG C 169 30.14 -3.05 18.76
CA ARG C 169 29.27 -2.03 18.20
C ARG C 169 30.07 -1.02 17.38
N SER C 170 31.29 -0.69 17.79
CA SER C 170 31.89 0.59 17.41
C SER C 170 32.67 0.73 16.07
N MET C 171 33.31 -0.09 15.20
CA MET C 171 33.59 -1.52 15.01
C MET C 171 32.60 -2.17 14.02
N ASP C 172 31.32 -2.07 14.26
CA ASP C 172 30.23 -2.56 13.40
C ASP C 172 30.48 -4.00 12.96
N PHE C 173 30.81 -4.87 13.91
CA PHE C 173 31.25 -6.22 13.61
C PHE C 173 30.41 -7.21 14.41
N LYS C 174 29.87 -8.20 13.73
CA LYS C 174 29.09 -9.22 14.42
C LYS C 174 29.81 -10.58 14.28
N SER C 175 29.60 -11.47 15.24
CA SER C 175 30.25 -12.77 15.22
C SER C 175 29.40 -13.82 15.93
N ASN C 176 29.40 -15.02 15.37
CA ASN C 176 28.76 -16.20 15.97
C ASN C 176 29.79 -16.92 16.85
N SER C 177 29.33 -17.61 17.88
CA SER C 177 30.23 -18.27 18.85
C SER C 177 29.51 -19.45 19.50
N ALA C 178 30.26 -20.47 19.85
CA ALA C 178 29.77 -21.56 20.69
C ALA C 178 30.92 -22.05 21.58
N VAL C 179 30.57 -22.49 22.76
CA VAL C 179 31.55 -22.87 23.74
C VAL C 179 31.35 -24.35 24.06
N ALA C 180 32.44 -25.04 24.32
CA ALA C 180 32.36 -26.40 24.77
C ALA C 180 33.41 -26.65 25.85
N TRP C 181 33.11 -27.57 26.76
CA TRP C 181 34.03 -27.86 27.87
C TRP C 181 33.70 -29.24 28.46
N SER C 182 34.74 -29.95 28.88
CA SER C 182 34.52 -31.14 29.67
C SER C 182 35.47 -31.19 30.85
N ASN C 183 35.22 -32.17 31.75
CA ASN C 183 36.13 -32.49 32.86
C ASN C 183 37.18 -33.54 32.39
N LYS C 184 36.90 -34.29 31.32
CA LYS C 184 37.68 -35.48 30.98
C LYS C 184 38.71 -35.14 29.88
N ASP C 186 41.71 -36.49 27.59
CA ASP C 186 41.27 -36.99 26.27
C ASP C 186 40.35 -35.96 25.59
N PHE C 187 40.18 -34.80 26.19
CA PHE C 187 39.42 -33.67 25.64
C PHE C 187 40.30 -32.41 25.71
N ALA C 188 40.58 -31.72 24.61
CA ALA C 188 40.35 -32.09 23.19
C ALA C 188 40.63 -30.86 22.34
N CYS C 189 39.57 -30.14 21.95
CA CYS C 189 39.67 -28.99 21.03
C CYS C 189 40.08 -29.50 19.65
N ALA C 190 39.26 -30.40 19.07
CA ALA C 190 39.56 -30.93 17.73
C ALA C 190 38.36 -31.63 17.04
N ASN C 191 37.74 -32.74 17.49
CA ASN C 191 37.67 -33.33 18.82
C ASN C 191 37.04 -32.29 19.75
N ALA C 192 35.79 -32.02 19.46
CA ALA C 192 34.96 -31.18 20.34
C ALA C 192 33.63 -30.94 19.62
N PHE C 193 33.73 -30.29 18.47
CA PHE C 193 32.60 -30.06 17.57
C PHE C 193 32.63 -31.11 16.44
N ASN C 194 33.18 -32.29 16.72
CA ASN C 194 33.26 -33.40 15.77
C ASN C 194 31.86 -33.75 15.24
N ASN C 195 30.83 -33.65 16.09
CA ASN C 195 29.47 -34.12 15.77
C ASN C 195 28.64 -33.00 15.13
N SER C 196 29.28 -31.89 14.75
CA SER C 196 28.64 -30.80 13.99
C SER C 196 29.27 -30.71 12.59
N ILE C 197 28.44 -30.38 11.60
CA ILE C 197 28.94 -30.13 10.26
C ILE C 197 29.59 -28.74 10.28
N ILE C 198 30.89 -28.71 9.98
CA ILE C 198 31.81 -27.63 10.35
C ILE C 198 32.68 -27.31 9.13
N PRO C 199 32.76 -26.04 8.72
CA PRO C 199 33.19 -25.67 7.37
C PRO C 199 34.39 -26.36 6.71
N GLU C 200 35.20 -27.17 7.39
CA GLU C 200 36.39 -27.78 6.78
C GLU C 200 37.53 -26.75 6.71
N ASP C 201 37.22 -25.48 6.44
CA ASP C 201 38.22 -24.37 6.42
C ASP C 201 38.53 -23.88 7.86
N THR C 202 38.01 -24.59 8.88
CA THR C 202 38.15 -24.18 10.25
C THR C 202 39.62 -24.26 10.67
N PHE C 203 40.14 -23.15 11.20
CA PHE C 203 41.49 -23.06 11.74
C PHE C 203 41.57 -23.76 13.11
N PHE C 204 42.49 -24.70 13.28
CA PHE C 204 42.71 -25.38 14.56
C PHE C 204 44.18 -25.20 14.97
N PRO C 205 44.49 -24.17 15.75
CA PRO C 205 45.90 -23.80 15.97
C PRO C 205 46.68 -24.76 16.88
N MET D 1 6.52 6.42 30.37
CA MET D 1 5.94 6.16 31.73
C MET D 1 5.72 4.65 31.91
N THR D 2 6.13 4.13 33.06
CA THR D 2 6.35 2.69 33.27
C THR D 2 5.02 1.96 33.52
N LEU D 3 4.06 2.58 34.24
CA LEU D 3 2.61 2.25 34.07
C LEU D 3 2.08 1.12 34.98
N LEU D 4 2.86 0.11 35.36
CA LEU D 4 2.45 -0.95 36.30
C LEU D 4 3.70 -1.42 37.05
N GLU D 5 3.66 -1.48 38.38
CA GLU D 5 4.74 -2.14 39.12
CA GLU D 5 4.73 -2.13 39.12
C GLU D 5 4.18 -3.40 39.78
N GLN D 6 4.95 -4.48 39.71
CA GLN D 6 4.62 -5.75 40.36
C GLN D 6 5.74 -6.13 41.33
N ASN D 7 5.39 -6.48 42.56
CA ASN D 7 6.36 -7.00 43.54
C ASN D 7 5.83 -8.32 44.10
N PRO D 8 6.72 -9.26 44.46
CA PRO D 8 8.13 -9.24 44.07
C PRO D 8 8.31 -9.54 42.57
N ARG D 9 9.56 -9.55 42.10
CA ARG D 9 9.82 -9.82 40.69
C ARG D 9 10.10 -11.31 40.54
N TRP D 10 10.52 -11.97 41.61
CA TRP D 10 10.79 -13.41 41.58
C TRP D 10 10.40 -14.00 42.95
N ARG D 11 10.25 -15.33 43.03
CA ARG D 11 10.06 -15.99 44.31
C ARG D 11 10.30 -17.49 44.21
N LEU D 12 10.96 -18.04 45.25
CA LEU D 12 11.13 -19.48 45.42
C LEU D 12 10.07 -20.03 46.40
N VAL D 13 9.51 -21.19 46.04
CA VAL D 13 8.30 -21.73 46.65
C VAL D 13 8.46 -23.25 46.77
N PRO D 14 8.48 -23.79 47.99
CA PRO D 14 8.38 -25.23 48.08
C PRO D 14 6.92 -25.67 47.84
N ARG D 15 6.73 -26.93 47.42
CA ARG D 15 5.39 -27.49 47.29
C ARG D 15 4.63 -27.25 48.59
N GLY D 16 3.46 -26.63 48.48
CA GLY D 16 2.59 -26.47 49.63
C GLY D 16 2.54 -25.03 50.11
N GLN D 17 3.60 -24.27 49.88
CA GLN D 17 3.60 -22.89 50.31
C GLN D 17 2.71 -22.10 49.33
N ALA D 18 1.94 -21.16 49.86
CA ALA D 18 1.27 -20.17 49.03
C ALA D 18 2.19 -18.95 48.90
N VAL D 19 1.81 -17.99 48.05
CA VAL D 19 2.60 -16.81 47.81
C VAL D 19 1.67 -15.64 47.41
N ASN D 20 2.05 -14.45 47.83
CA ASN D 20 1.23 -13.27 47.58
C ASN D 20 1.94 -12.34 46.61
N LEU D 21 1.19 -11.80 45.64
CA LEU D 21 1.73 -10.89 44.64
C LEU D 21 0.89 -9.61 44.66
N ARG D 22 1.57 -8.50 44.40
CA ARG D 22 0.94 -7.20 44.34
C ARG D 22 1.21 -6.61 42.94
N CYS D 23 0.27 -5.81 42.46
CA CYS D 23 0.43 -5.04 41.28
C CYS D 23 -0.17 -3.65 41.49
N ILE D 24 0.65 -2.61 41.37
CA ILE D 24 0.19 -1.24 41.56
C ILE D 24 0.07 -0.57 40.19
N LEU D 25 -1.12 -0.06 39.93
CA LEU D 25 -1.37 0.73 38.75
C LEU D 25 -0.84 2.14 38.99
N LYS D 26 -0.06 2.69 38.07
CA LYS D 26 0.58 3.99 38.29
C LYS D 26 -0.04 5.07 37.38
N ASN D 27 -1.20 4.81 36.77
CA ASN D 27 -1.90 5.84 36.01
C ASN D 27 -3.39 5.48 35.94
N SER D 28 -4.24 6.35 36.44
CA SER D 28 -5.66 6.01 36.66
C SER D 28 -6.46 5.99 35.34
N GLN D 29 -5.87 6.39 34.21
CA GLN D 29 -6.59 6.34 32.92
C GLN D 29 -6.75 4.88 32.44
N TYR D 30 -5.98 3.93 32.99
CA TYR D 30 -6.03 2.50 32.61
C TYR D 30 -6.54 1.65 33.78
N PRO D 31 -7.77 1.91 34.25
CA PRO D 31 -8.35 1.29 35.44
C PRO D 31 -8.63 -0.21 35.34
N TRP D 32 -8.84 -0.74 34.14
CA TRP D 32 -9.13 -2.16 33.96
C TRP D 32 -7.82 -2.95 34.11
N MET D 33 -7.77 -3.82 35.12
CA MET D 33 -6.55 -4.54 35.44
C MET D 33 -6.83 -6.03 35.33
N SER D 34 -5.84 -6.81 34.88
CA SER D 34 -6.04 -8.24 34.64
C SER D 34 -4.80 -9.02 35.09
N TRP D 35 -4.98 -10.32 35.27
CA TRP D 35 -3.88 -11.26 35.54
C TRP D 35 -3.81 -12.26 34.38
N TYR D 36 -2.59 -12.56 33.93
CA TYR D 36 -2.34 -13.62 32.98
C TYR D 36 -1.22 -14.48 33.55
N GLN D 37 -1.34 -15.79 33.36
CA GLN D 37 -0.26 -16.66 33.68
C GLN D 37 0.46 -17.00 32.37
N GLN D 38 1.74 -17.31 32.47
CA GLN D 38 2.50 -17.81 31.36
C GLN D 38 3.22 -19.03 31.90
N ASP D 39 2.96 -20.18 31.28
CA ASP D 39 3.48 -21.42 31.81
C ASP D 39 4.92 -21.61 31.33
N LEU D 40 5.50 -22.74 31.69
CA LEU D 40 6.89 -23.01 31.37
C LEU D 40 7.08 -23.27 29.88
N GLN D 41 6.03 -23.66 29.16
CA GLN D 41 6.09 -23.77 27.69
C GLN D 41 5.79 -22.42 27.02
N LYS D 42 5.64 -21.35 27.80
CA LYS D 42 5.52 -19.99 27.27
C LYS D 42 4.08 -19.67 26.84
N GLN D 43 3.12 -20.59 27.06
CA GLN D 43 1.72 -20.29 26.70
C GLN D 43 1.08 -19.35 27.72
N LEU D 44 0.52 -18.26 27.21
CA LEU D 44 -0.21 -17.30 28.00
C LEU D 44 -1.68 -17.71 28.09
N GLN D 45 -2.24 -17.43 29.26
CA GLN D 45 -3.58 -17.78 29.65
C GLN D 45 -4.12 -16.69 30.59
N TRP D 46 -5.24 -16.11 30.21
CA TRP D 46 -5.93 -15.14 31.03
C TRP D 46 -6.54 -15.79 32.27
N LEU D 47 -6.52 -15.07 33.39
CA LEU D 47 -7.09 -15.53 34.68
C LEU D 47 -8.32 -14.66 35.05
N PHE D 48 -8.10 -13.37 35.25
CA PHE D 48 -9.15 -12.48 35.70
C PHE D 48 -8.96 -11.07 35.14
N THR D 49 -10.06 -10.32 35.19
CA THR D 49 -10.08 -8.89 35.00
C THR D 49 -10.97 -8.28 36.10
N LEU D 50 -10.42 -7.38 36.90
CA LEU D 50 -11.15 -6.81 38.05
C LEU D 50 -11.15 -5.28 37.91
N ARG D 51 -12.32 -4.68 37.81
CA ARG D 51 -12.42 -3.24 37.56
C ARG D 51 -12.45 -2.46 38.87
N SER D 52 -13.41 -2.77 39.74
CA SER D 52 -13.77 -1.91 40.89
C SER D 52 -13.08 -2.39 42.17
N PRO D 53 -12.81 -1.46 43.11
CA PRO D 53 -12.29 -1.88 44.41
C PRO D 53 -13.31 -2.78 45.11
N GLY D 54 -12.84 -3.84 45.75
CA GLY D 54 -13.72 -4.76 46.44
C GLY D 54 -14.02 -6.00 45.62
N ASP D 55 -13.81 -5.95 44.30
CA ASP D 55 -14.01 -7.14 43.47
C ASP D 55 -12.97 -8.19 43.84
N LYS D 56 -13.42 -9.44 43.98
CA LYS D 56 -12.51 -10.60 44.08
C LYS D 56 -13.01 -11.70 43.15
N GLU D 57 -12.10 -12.62 42.76
CA GLU D 57 -12.42 -13.77 41.95
C GLU D 57 -11.49 -14.92 42.29
N VAL D 58 -11.94 -16.14 41.99
CA VAL D 58 -11.17 -17.35 42.21
C VAL D 58 -11.10 -18.10 40.89
N LYS D 59 -10.07 -18.91 40.72
CA LYS D 59 -9.94 -19.70 39.54
C LYS D 59 -8.86 -20.77 39.78
N SER D 60 -9.06 -21.95 39.21
CA SER D 60 -8.09 -23.03 39.26
C SER D 60 -7.67 -23.40 37.84
N LEU D 61 -6.36 -23.50 37.62
CA LEU D 61 -5.82 -24.14 36.46
C LEU D 61 -4.96 -25.32 36.89
N PRO D 62 -4.56 -26.17 35.95
CA PRO D 62 -3.48 -27.09 36.27
C PRO D 62 -2.13 -26.34 36.25
N GLY D 63 -1.20 -26.59 37.13
CA GLY D 63 -1.41 -26.85 38.55
C GLY D 63 -1.04 -25.62 39.36
N ALA D 64 -2.05 -24.78 39.56
CA ALA D 64 -1.99 -23.67 40.51
C ALA D 64 -3.41 -23.17 40.79
N ASP D 65 -3.69 -22.72 42.01
CA ASP D 65 -5.02 -22.15 42.34
C ASP D 65 -4.85 -20.68 42.69
N TYR D 66 -5.78 -19.85 42.25
CA TYR D 66 -5.59 -18.41 42.26
C TYR D 66 -6.79 -17.74 42.94
N LEU D 67 -6.49 -16.81 43.85
CA LEU D 67 -7.50 -15.89 44.30
C LEU D 67 -6.97 -14.47 44.09
N ALA D 68 -7.78 -13.66 43.46
CA ALA D 68 -7.37 -12.33 43.07
C ALA D 68 -8.32 -11.33 43.71
N THR D 69 -7.81 -10.15 44.02
CA THR D 69 -8.63 -9.12 44.67
C THR D 69 -8.12 -7.73 44.28
N ARG D 70 -9.04 -6.93 43.73
CA ARG D 70 -8.78 -5.52 43.50
C ARG D 70 -9.05 -4.76 44.80
N VAL D 71 -8.01 -4.44 45.56
CA VAL D 71 -8.16 -3.80 46.84
C VAL D 71 -8.58 -2.34 46.63
N THR D 72 -7.77 -1.53 45.96
CA THR D 72 -8.07 -0.10 45.75
C THR D 72 -8.11 0.18 44.24
N ASP D 73 -8.38 1.42 43.87
CA ASP D 73 -8.40 1.82 42.46
CA ASP D 73 -8.41 1.81 42.46
C ASP D 73 -7.01 1.69 41.85
N THR D 74 -5.96 1.43 42.64
CA THR D 74 -4.61 1.34 42.09
C THR D 74 -3.87 0.11 42.61
N GLU D 75 -4.54 -0.82 43.27
CA GLU D 75 -3.80 -1.96 43.82
C GLU D 75 -4.59 -3.24 43.53
N LEU D 76 -3.86 -4.25 43.06
CA LEU D 76 -4.44 -5.54 42.74
C LEU D 76 -3.52 -6.60 43.35
N ARG D 77 -4.13 -7.55 44.04
CA ARG D 77 -3.37 -8.59 44.73
C ARG D 77 -3.70 -9.95 44.10
N LEU D 78 -2.79 -10.91 44.26
CA LEU D 78 -3.07 -12.27 43.83
C LEU D 78 -2.37 -13.26 44.78
N GLN D 79 -3.14 -14.24 45.21
CA GLN D 79 -2.62 -15.29 46.02
C GLN D 79 -2.55 -16.53 45.14
N VAL D 80 -1.44 -17.23 45.23
CA VAL D 80 -1.20 -18.37 44.38
C VAL D 80 -0.93 -19.56 45.29
N ALA D 81 -1.72 -20.61 45.19
CA ALA D 81 -1.53 -21.75 46.09
C ALA D 81 -1.60 -23.06 45.33
N ASN D 82 -1.01 -24.08 45.95
CA ASN D 82 -1.04 -25.45 45.44
C ASN D 82 -0.33 -25.50 44.09
N MET D 83 0.91 -25.04 44.06
CA MET D 83 1.68 -25.00 42.82
C MET D 83 2.46 -26.31 42.65
N SER D 84 2.11 -27.09 41.63
CA SER D 84 2.89 -28.26 41.24
C SER D 84 4.07 -27.80 40.39
N GLN D 85 3.76 -27.10 39.30
CA GLN D 85 4.75 -26.64 38.31
C GLN D 85 4.82 -25.11 38.39
N GLY D 86 6.04 -24.57 38.16
CA GLY D 86 6.35 -23.13 38.22
C GLY D 86 5.73 -22.32 37.09
N ARG D 87 5.69 -21.00 37.22
CA ARG D 87 5.06 -20.18 36.18
C ARG D 87 5.40 -18.71 36.38
N THR D 88 4.91 -17.86 35.47
CA THR D 88 5.15 -16.44 35.54
C THR D 88 3.81 -15.73 35.42
N LEU D 89 3.69 -14.61 36.11
CA LEU D 89 2.42 -14.02 36.27
C LEU D 89 2.48 -12.55 35.86
N TYR D 90 1.69 -12.18 34.87
CA TYR D 90 1.71 -10.83 34.38
C TYR D 90 0.43 -10.14 34.81
N CYS D 91 0.61 -8.94 35.29
CA CYS D 91 -0.44 -8.01 35.56
C CYS D 91 -0.61 -7.15 34.30
N THR D 92 -1.82 -6.91 33.82
CA THR D 92 -2.00 -6.01 32.67
C THR D 92 -2.95 -4.88 33.05
N CYS D 93 -2.90 -3.77 32.32
CA CYS D 93 -3.89 -2.72 32.44
C CYS D 93 -4.36 -2.22 31.07
N SER D 94 -5.52 -1.58 31.05
CA SER D 94 -6.21 -1.23 29.82
C SER D 94 -7.24 -0.13 30.10
N ALA D 95 -7.66 0.59 29.05
CA ALA D 95 -8.74 1.57 29.14
C ALA D 95 -9.97 1.03 28.44
N GLY D 98 -11.94 -3.41 25.05
CA GLY D 98 -11.29 -2.12 25.04
C GLY D 98 -9.89 -2.18 24.46
N TYR D 99 -8.90 -2.38 25.34
CA TYR D 99 -7.51 -2.45 24.91
C TYR D 99 -7.04 -1.13 24.32
N GLU D 100 -5.76 -1.07 23.94
CA GLU D 100 -4.85 -2.25 24.11
C GLU D 100 -4.69 -2.76 25.54
N GLN D 101 -3.99 -3.87 25.75
CA GLN D 101 -3.61 -4.33 27.08
C GLN D 101 -2.09 -4.22 27.25
N TYR D 102 -1.63 -3.37 28.18
CA TYR D 102 -0.20 -3.21 28.45
C TYR D 102 0.18 -4.19 29.57
N PHE D 103 1.15 -5.05 29.29
CA PHE D 103 1.63 -6.06 30.27
C PHE D 103 2.71 -5.48 31.19
N GLY D 104 2.53 -5.66 32.48
CA GLY D 104 3.58 -5.34 33.44
C GLY D 104 4.78 -6.26 33.31
N PRO D 105 5.77 -6.04 34.17
CA PRO D 105 7.09 -6.67 34.15
C PRO D 105 7.09 -8.12 34.61
N GLY D 106 6.04 -8.53 35.32
CA GLY D 106 5.82 -9.94 35.65
C GLY D 106 6.53 -10.39 36.93
N THR D 107 5.96 -11.43 37.53
CA THR D 107 6.55 -12.06 38.69
C THR D 107 6.82 -13.52 38.34
N ARG D 108 8.02 -14.00 38.60
CA ARG D 108 8.38 -15.34 38.23
C ARG D 108 8.33 -16.22 39.49
N LEU D 109 7.63 -17.34 39.38
CA LEU D 109 7.56 -18.29 40.47
C LEU D 109 8.29 -19.56 40.05
N THR D 110 9.24 -20.01 40.87
CA THR D 110 9.81 -21.35 40.69
C THR D 110 9.41 -22.23 41.87
N VAL D 111 9.22 -23.50 41.56
CA VAL D 111 8.70 -24.44 42.53
C VAL D 111 9.73 -25.54 42.71
N LEU D 112 10.03 -25.87 43.96
CA LEU D 112 10.97 -26.95 44.24
C LEU D 112 10.30 -27.98 45.15
N GLU D 113 10.50 -29.26 44.86
CA GLU D 113 10.15 -30.30 45.81
C GLU D 113 10.97 -30.05 47.08
N ASP D 114 12.29 -30.16 46.94
CA ASP D 114 13.23 -30.11 48.05
C ASP D 114 14.00 -28.78 48.00
N LEU D 115 14.20 -28.15 49.15
CA LEU D 115 15.12 -27.02 49.23
C LEU D 115 16.56 -27.53 49.37
N LYS D 116 16.73 -28.82 49.65
CA LYS D 116 18.06 -29.38 49.91
C LYS D 116 18.94 -29.26 48.66
N ASN D 117 18.34 -29.16 47.47
CA ASN D 117 19.09 -29.23 46.21
C ASN D 117 19.29 -27.86 45.57
N VAL D 118 19.10 -26.78 46.33
CA VAL D 118 19.45 -25.45 45.89
C VAL D 118 20.96 -25.25 46.05
N PHE D 119 21.64 -24.82 44.98
CA PHE D 119 23.05 -24.43 45.06
C PHE D 119 23.29 -23.13 44.27
N PRO D 120 24.25 -22.33 44.74
CA PRO D 120 24.64 -21.15 44.02
C PRO D 120 25.67 -21.53 42.94
N PRO D 121 25.95 -20.62 42.01
CA PRO D 121 26.89 -20.91 40.95
C PRO D 121 28.35 -20.74 41.39
N GLU D 122 29.23 -21.57 40.84
CA GLU D 122 30.66 -21.27 40.77
C GLU D 122 30.93 -20.55 39.44
N VAL D 123 31.83 -19.57 39.46
CA VAL D 123 32.06 -18.72 38.29
C VAL D 123 33.55 -18.68 37.95
N ALA D 124 33.87 -18.85 36.67
CA ALA D 124 35.26 -18.82 36.20
C ALA D 124 35.33 -17.99 34.92
N VAL D 125 36.40 -17.22 34.78
CA VAL D 125 36.64 -16.49 33.54
C VAL D 125 37.82 -17.15 32.82
N PHE D 126 37.70 -17.29 31.51
CA PHE D 126 38.77 -17.87 30.70
C PHE D 126 39.36 -16.77 29.81
N GLU D 127 40.67 -16.68 29.81
CA GLU D 127 41.38 -15.59 29.16
C GLU D 127 41.55 -15.93 27.67
N PRO D 128 41.52 -14.91 26.81
CA PRO D 128 41.63 -15.01 25.37
C PRO D 128 42.75 -15.95 24.94
N SER D 129 42.47 -16.76 23.91
CA SER D 129 43.50 -17.54 23.19
C SER D 129 44.53 -16.60 22.53
N GLU D 130 45.80 -17.00 22.57
CA GLU D 130 46.86 -16.20 21.94
C GLU D 130 46.70 -16.35 20.42
N ALA D 131 46.36 -17.58 19.99
CA ALA D 131 46.06 -17.86 18.59
C ALA D 131 45.01 -16.89 18.04
N GLU D 132 43.94 -16.67 18.79
CA GLU D 132 42.84 -15.83 18.35
C GLU D 132 43.32 -14.39 18.24
N ILE D 133 44.22 -13.97 19.12
CA ILE D 133 44.66 -12.56 19.11
C ILE D 133 45.52 -12.32 17.86
N SER D 134 46.40 -13.27 17.56
CA SER D 134 47.28 -13.18 16.39
C SER D 134 46.45 -13.21 15.10
N HIS D 135 45.51 -14.15 15.03
CA HIS D 135 44.77 -14.43 13.81
C HIS D 135 43.71 -13.36 13.49
N THR D 136 43.12 -12.72 14.49
CA THR D 136 41.96 -11.83 14.25
C THR D 136 42.17 -10.44 14.81
N GLN D 137 43.18 -10.24 15.67
CA GLN D 137 43.37 -8.95 16.37
C GLN D 137 42.12 -8.62 17.22
N LYS D 138 41.56 -9.67 17.81
CA LYS D 138 40.40 -9.59 18.70
C LYS D 138 40.54 -10.62 19.82
N ALA D 139 39.95 -10.34 20.96
CA ALA D 139 40.08 -11.20 22.13
C ALA D 139 38.70 -11.45 22.75
N THR D 140 38.41 -12.74 22.92
CA THR D 140 37.16 -13.20 23.47
C THR D 140 37.42 -13.78 24.86
N LEU D 141 36.86 -13.13 25.89
CA LEU D 141 36.77 -13.73 27.22
C LEU D 141 35.52 -14.59 27.27
N VAL D 142 35.61 -15.74 27.92
CA VAL D 142 34.46 -16.59 28.19
C VAL D 142 34.23 -16.63 29.70
N CYS D 143 32.96 -16.67 30.10
CA CYS D 143 32.55 -16.80 31.50
C CYS D 143 31.70 -18.07 31.66
N LEU D 144 31.99 -18.92 32.63
CA LEU D 144 31.23 -20.16 32.87
C LEU D 144 30.65 -20.15 34.29
N ALA D 145 29.34 -20.01 34.40
CA ALA D 145 28.67 -20.19 35.70
C ALA D 145 28.12 -21.62 35.80
N THR D 146 28.67 -22.42 36.70
CA THR D 146 28.36 -23.86 36.76
C THR D 146 27.73 -24.23 38.11
N GLY D 147 27.07 -25.38 38.12
CA GLY D 147 26.67 -26.05 39.34
C GLY D 147 25.54 -25.39 40.09
N PHE D 148 24.67 -24.64 39.43
CA PHE D 148 23.64 -23.88 40.18
C PHE D 148 22.26 -24.52 39.98
N TYR D 149 21.38 -24.26 40.96
CA TYR D 149 20.01 -24.76 40.94
C TYR D 149 19.20 -23.95 41.96
N PRO D 150 17.97 -23.57 41.61
CA PRO D 150 17.39 -23.71 40.26
C PRO D 150 18.01 -22.73 39.23
N ASP D 151 17.47 -22.67 38.02
CA ASP D 151 18.03 -21.80 36.97
C ASP D 151 17.55 -20.36 37.12
N HIS D 152 17.83 -19.66 38.22
CA HIS D 152 17.64 -18.17 38.17
C HIS D 152 19.01 -17.51 38.40
N VAL D 153 19.67 -17.24 37.28
CA VAL D 153 20.88 -16.39 37.30
C VAL D 153 20.70 -15.25 36.31
N GLU D 154 21.39 -14.15 36.57
CA GLU D 154 21.53 -13.03 35.63
C GLU D 154 23.00 -12.68 35.53
N LEU D 155 23.60 -12.97 34.36
CA LEU D 155 25.04 -12.79 34.17
C LEU D 155 25.29 -11.42 33.53
N SER D 156 26.31 -10.72 33.98
CA SER D 156 26.65 -9.41 33.40
C SER D 156 28.18 -9.27 33.33
N TRP D 157 28.66 -8.37 32.48
CA TRP D 157 30.10 -8.14 32.32
C TRP D 157 30.42 -6.72 32.77
N TRP D 158 31.54 -6.59 33.49
CA TRP D 158 31.97 -5.33 34.04
C TRP D 158 33.42 -5.07 33.64
N VAL D 159 33.63 -3.91 33.01
CA VAL D 159 34.93 -3.56 32.49
C VAL D 159 35.34 -2.23 33.11
N ASN D 160 36.43 -2.28 33.89
CA ASN D 160 36.94 -1.16 34.66
C ASN D 160 35.78 -0.53 35.47
N GLY D 161 35.01 -1.38 36.15
CA GLY D 161 33.98 -0.94 37.09
C GLY D 161 32.67 -0.46 36.46
N LYS D 162 32.58 -0.38 35.15
CA LYS D 162 31.31 -0.04 34.49
C LYS D 162 30.78 -1.30 33.79
N GLU D 163 29.46 -1.46 33.74
CA GLU D 163 28.83 -2.58 33.04
C GLU D 163 28.87 -2.31 31.52
N VAL D 164 29.09 -3.37 30.73
CA VAL D 164 29.24 -3.25 29.26
C VAL D 164 28.19 -4.15 28.60
N HIS D 165 27.68 -3.71 27.45
CA HIS D 165 26.74 -4.53 26.67
C HIS D 165 27.33 -4.88 25.31
N SER D 166 27.98 -3.92 24.66
CA SER D 166 28.74 -4.14 23.43
C SER D 166 29.73 -5.30 23.61
N GLY D 167 29.71 -6.23 22.67
CA GLY D 167 30.70 -7.28 22.60
C GLY D 167 30.28 -8.49 23.42
N VAL D 168 29.07 -8.45 23.96
CA VAL D 168 28.64 -9.46 24.92
C VAL D 168 27.63 -10.39 24.26
N CYS D 169 27.66 -11.64 24.65
CA CYS D 169 26.63 -12.58 24.28
C CYS D 169 26.49 -13.64 25.36
N THR D 170 25.32 -13.75 25.97
CA THR D 170 25.07 -14.78 27.00
C THR D 170 24.14 -15.85 26.42
N ASP D 171 24.39 -17.12 26.71
CA ASP D 171 23.46 -18.17 26.31
C ASP D 171 22.03 -17.77 26.70
N PRO D 172 21.06 -18.01 25.84
CA PRO D 172 19.71 -17.69 26.24
C PRO D 172 19.14 -18.74 27.21
N GLN D 173 19.62 -19.99 27.12
CA GLN D 173 19.13 -21.11 27.95
C GLN D 173 20.30 -21.75 28.70
N PRO D 174 20.19 -21.93 30.03
CA PRO D 174 21.19 -22.73 30.74
C PRO D 174 21.03 -24.20 30.37
N LEU D 175 22.11 -24.97 30.37
CA LEU D 175 22.02 -26.39 30.00
C LEU D 175 22.27 -27.26 31.23
N LYS D 176 21.69 -28.46 31.22
CA LYS D 176 21.68 -29.30 32.40
C LYS D 176 22.98 -30.13 32.46
N GLU D 177 23.61 -30.17 33.63
CA GLU D 177 24.88 -30.90 33.79
C GLU D 177 24.64 -32.41 33.69
N GLN D 178 23.56 -32.89 34.29
CA GLN D 178 23.16 -34.31 34.18
C GLN D 178 21.76 -34.36 33.54
N PRO D 179 21.65 -34.26 32.20
CA PRO D 179 20.32 -34.04 31.59
C PRO D 179 19.27 -35.12 31.93
N ALA D 180 19.72 -36.30 32.35
CA ALA D 180 18.84 -37.42 32.78
C ALA D 180 18.04 -37.05 34.04
N LEU D 181 18.70 -36.53 35.07
CA LEU D 181 18.09 -36.29 36.42
C LEU D 181 16.95 -35.26 36.35
N ASN D 182 15.99 -35.43 37.25
CA ASN D 182 14.85 -34.53 37.38
C ASN D 182 15.31 -33.19 38.00
N ASP D 183 16.19 -33.23 39.01
CA ASP D 183 16.62 -32.02 39.75
C ASP D 183 18.07 -31.66 39.41
N SER D 184 18.41 -31.62 38.12
CA SER D 184 19.79 -31.43 37.67
C SER D 184 20.24 -29.98 37.84
N ARG D 185 21.45 -29.81 38.37
CA ARG D 185 22.12 -28.52 38.46
C ARG D 185 22.44 -28.02 37.05
N TYR D 186 22.46 -26.70 36.88
CA TYR D 186 22.52 -26.08 35.56
C TYR D 186 23.91 -25.46 35.31
N CYS D 187 24.07 -24.95 34.09
CA CYS D 187 25.24 -24.19 33.71
C CYS D 187 24.95 -23.23 32.54
N LEU D 188 25.69 -22.13 32.51
CA LEU D 188 25.47 -21.04 31.59
C LEU D 188 26.82 -20.47 31.15
N SER D 189 26.96 -20.11 29.89
CA SER D 189 28.19 -19.47 29.45
C SER D 189 27.91 -18.08 28.89
N SER D 190 28.93 -17.27 28.83
CA SER D 190 28.79 -15.96 28.22
C SER D 190 30.13 -15.58 27.60
N ARG D 191 30.11 -14.63 26.67
CA ARG D 191 31.35 -14.20 26.05
C ARG D 191 31.35 -12.68 25.97
N LEU D 192 32.53 -12.11 26.19
CA LEU D 192 32.79 -10.69 25.96
C LEU D 192 33.95 -10.60 24.98
N ARG D 193 33.76 -9.85 23.90
CA ARG D 193 34.78 -9.73 22.90
C ARG D 193 35.25 -8.28 22.81
N VAL D 194 36.57 -8.12 22.83
CA VAL D 194 37.16 -6.79 22.76
C VAL D 194 38.30 -6.82 21.75
N SER D 195 38.74 -5.62 21.38
CA SER D 195 39.92 -5.48 20.51
C SER D 195 41.14 -6.06 21.24
N ALA D 196 42.10 -6.58 20.51
CA ALA D 196 43.26 -7.22 21.17
C ALA D 196 44.12 -6.16 21.86
N THR D 197 44.14 -4.95 21.30
CA THR D 197 44.92 -3.87 21.88
C THR D 197 44.36 -3.57 23.30
N PHE D 198 43.03 -3.63 23.45
CA PHE D 198 42.36 -3.34 24.74
C PHE D 198 42.62 -4.45 25.76
N TRP D 199 42.62 -5.69 25.30
CA TRP D 199 42.89 -6.80 26.19
C TRP D 199 44.34 -6.73 26.66
N GLN D 200 45.22 -6.19 25.83
CA GLN D 200 46.66 -6.33 26.04
C GLN D 200 47.17 -5.26 27.01
N ASN D 201 46.39 -4.21 27.24
CA ASN D 201 46.66 -3.23 28.28
C ASN D 201 46.39 -3.84 29.66
N PRO D 202 47.41 -3.93 30.54
CA PRO D 202 47.21 -4.60 31.83
C PRO D 202 46.54 -3.68 32.87
N ARG D 203 46.29 -2.42 32.50
CA ARG D 203 45.48 -1.50 33.28
C ARG D 203 43.99 -1.85 33.15
N ASN D 204 43.64 -2.77 32.25
CA ASN D 204 42.23 -3.07 31.97
C ASN D 204 41.79 -4.31 32.77
N HIS D 205 40.65 -4.13 33.44
CA HIS D 205 40.09 -5.11 34.38
C HIS D 205 38.74 -5.63 33.86
N PHE D 206 38.59 -6.96 33.90
CA PHE D 206 37.39 -7.62 33.40
C PHE D 206 36.77 -8.45 34.53
N ARG D 207 35.45 -8.37 34.66
CA ARG D 207 34.74 -9.22 35.64
C ARG D 207 33.40 -9.66 35.05
N CYS D 208 33.11 -10.96 35.12
CA CYS D 208 31.72 -11.37 34.96
C CYS D 208 31.12 -11.63 36.33
N GLN D 209 29.89 -11.15 36.47
CA GLN D 209 29.14 -11.14 37.72
C GLN D 209 27.86 -11.95 37.52
N VAL D 210 27.62 -12.94 38.39
CA VAL D 210 26.43 -13.77 38.29
C VAL D 210 25.55 -13.56 39.52
N GLN D 211 24.47 -12.80 39.35
CA GLN D 211 23.44 -12.68 40.37
C GLN D 211 22.68 -14.01 40.45
N PHE D 212 22.73 -14.67 41.59
CA PHE D 212 21.95 -15.89 41.83
C PHE D 212 20.71 -15.55 42.66
N TYR D 213 19.64 -16.28 42.41
CA TYR D 213 18.42 -16.08 43.19
C TYR D 213 18.07 -17.40 43.88
N GLY D 214 18.04 -17.33 45.21
CA GLY D 214 17.91 -18.50 46.08
C GLY D 214 17.12 -18.18 47.33
N LEU D 215 17.60 -18.64 48.47
CA LEU D 215 16.79 -18.59 49.69
C LEU D 215 16.94 -17.21 50.35
N SER D 216 16.01 -16.93 51.26
CA SER D 216 16.00 -15.68 52.01
C SER D 216 16.12 -15.98 53.51
N GLU D 217 16.14 -14.90 54.31
CA GLU D 217 16.00 -15.00 55.79
C GLU D 217 14.79 -15.87 56.17
N ASN D 218 13.69 -15.81 55.42
CA ASN D 218 12.44 -16.53 55.75
C ASN D 218 12.56 -18.04 55.52
N ASP D 219 13.51 -18.51 54.75
CA ASP D 219 13.55 -19.94 54.39
C ASP D 219 14.41 -20.67 55.42
N GLU D 220 13.92 -21.76 55.99
CA GLU D 220 14.71 -22.44 57.06
C GLU D 220 15.82 -23.23 56.36
N TRP D 221 16.86 -23.61 57.09
CA TRP D 221 18.02 -24.31 56.47
C TRP D 221 18.69 -25.20 57.52
N THR D 222 18.85 -26.48 57.17
CA THR D 222 19.16 -27.55 58.12
C THR D 222 20.61 -28.04 57.98
N GLN D 223 21.21 -27.90 56.79
CA GLN D 223 22.37 -28.71 56.39
C GLN D 223 23.69 -27.97 56.69
N ASP D 224 24.80 -28.71 56.48
CA ASP D 224 26.12 -28.33 57.01
C ASP D 224 26.95 -27.53 56.00
N ARG D 225 26.52 -27.43 54.73
CA ARG D 225 27.13 -26.49 53.77
C ARG D 225 26.44 -25.13 53.90
N ALA D 226 26.95 -24.11 53.22
CA ALA D 226 26.43 -22.77 53.41
C ALA D 226 25.00 -22.67 52.83
N LYS D 227 24.14 -22.00 53.59
CA LYS D 227 22.78 -21.69 53.16
C LYS D 227 22.82 -20.93 51.84
N PRO D 228 22.32 -21.54 50.75
CA PRO D 228 22.39 -21.00 49.37
C PRO D 228 21.45 -19.81 49.18
N VAL D 229 21.88 -18.69 49.73
CA VAL D 229 21.12 -17.45 49.74
C VAL D 229 21.26 -16.76 48.38
N THR D 230 20.35 -15.85 48.10
CA THR D 230 20.49 -14.88 47.03
C THR D 230 21.81 -14.13 47.20
N GLN D 231 22.65 -14.15 46.18
CA GLN D 231 24.03 -13.66 46.27
C GLN D 231 24.58 -13.38 44.88
N ILE D 232 25.68 -12.65 44.85
CA ILE D 232 26.48 -12.47 43.64
C ILE D 232 27.74 -13.34 43.76
N VAL D 233 28.12 -13.94 42.64
CA VAL D 233 29.40 -14.63 42.51
C VAL D 233 30.10 -14.07 41.28
N SER D 234 31.36 -13.67 41.45
CA SER D 234 32.10 -12.98 40.41
C SER D 234 33.37 -13.75 40.06
N ALA D 235 33.90 -13.43 38.90
CA ALA D 235 35.21 -13.89 38.51
C ALA D 235 35.89 -12.77 37.71
N GLU D 236 37.22 -12.69 37.79
CA GLU D 236 37.90 -11.56 37.19
C GLU D 236 39.17 -12.03 36.48
N ALA D 237 39.63 -11.15 35.60
CA ALA D 237 40.94 -11.28 34.96
C ALA D 237 41.43 -9.88 34.59
N TRP D 238 42.74 -9.76 34.50
CA TRP D 238 43.38 -8.50 34.11
C TRP D 238 43.96 -8.65 32.70
N GLY D 239 44.04 -7.53 31.98
CA GLY D 239 44.79 -7.48 30.70
C GLY D 239 46.24 -7.94 30.85
N ARG D 240 46.76 -8.62 29.83
CA ARG D 240 48.18 -9.08 29.79
C ARG D 240 48.78 -8.72 28.42
N ALA D 241 50.05 -8.27 28.41
CA ALA D 241 50.73 -7.88 27.16
C ALA D 241 51.68 -8.99 26.68
N MET E 1 -10.84 5.19 -33.32
CA MET E 1 -9.46 5.17 -32.75
C MET E 1 -9.52 4.63 -31.31
N GLU E 2 -8.38 4.22 -30.80
CA GLU E 2 -8.12 4.35 -29.36
C GLU E 2 -8.20 5.85 -28.99
N LYS E 3 -8.90 6.15 -27.91
CA LYS E 3 -8.84 7.46 -27.24
C LYS E 3 -8.45 7.26 -25.77
N VAL E 4 -7.64 8.15 -25.21
CA VAL E 4 -7.28 8.10 -23.80
C VAL E 4 -7.79 9.38 -23.16
N GLU E 5 -8.64 9.25 -22.15
CA GLU E 5 -9.25 10.43 -21.51
C GLU E 5 -8.55 10.69 -20.19
N GLN E 6 -8.22 11.95 -19.96
CA GLN E 6 -7.54 12.38 -18.74
C GLN E 6 -8.49 13.31 -18.00
N HIS E 7 -8.98 12.91 -16.84
CA HIS E 7 -10.16 13.58 -16.26
C HIS E 7 -9.81 14.97 -15.68
N GLU E 8 -8.75 15.10 -14.91
CA GLU E 8 -8.42 16.38 -14.32
C GLU E 8 -7.60 17.22 -15.33
N SER E 9 -8.00 18.45 -15.61
CA SER E 9 -7.24 19.31 -16.52
C SER E 9 -6.24 20.17 -15.73
N THR E 10 -6.68 20.70 -14.62
CA THR E 10 -5.81 21.55 -13.81
C THR E 10 -5.90 21.10 -12.34
N LEU E 11 -4.77 21.12 -11.66
CA LEU E 11 -4.65 20.52 -10.33
C LEU E 11 -3.70 21.36 -9.48
N SER E 12 -4.24 22.11 -8.52
CA SER E 12 -3.45 22.96 -7.64
C SER E 12 -3.42 22.38 -6.23
N VAL E 13 -2.24 22.13 -5.68
CA VAL E 13 -2.15 21.44 -4.38
C VAL E 13 -1.00 22.04 -3.57
N ARG E 14 -1.13 21.97 -2.26
CA ARG E 14 -0.15 22.53 -1.35
C ARG E 14 1.01 21.57 -1.19
N GLU E 15 2.21 22.13 -1.05
CA GLU E 15 3.40 21.35 -0.81
C GLU E 15 3.10 20.35 0.30
N GLY E 16 3.52 19.12 0.09
CA GLY E 16 3.40 18.07 1.11
C GLY E 16 2.12 17.25 0.99
N ASP E 17 1.10 17.76 0.32
CA ASP E 17 -0.10 17.02 0.17
C ASP E 17 0.03 15.94 -0.91
N SER E 18 -0.93 15.00 -0.89
CA SER E 18 -1.04 13.93 -1.87
C SER E 18 -1.93 14.37 -3.03
N ALA E 19 -1.61 13.88 -4.25
CA ALA E 19 -2.40 14.22 -5.45
C ALA E 19 -2.71 12.97 -6.29
N VAL E 20 -3.82 13.02 -7.05
CA VAL E 20 -4.12 11.99 -8.05
C VAL E 20 -4.49 12.62 -9.38
N ILE E 21 -4.05 11.91 -10.43
CA ILE E 21 -4.55 12.09 -11.77
C ILE E 21 -5.16 10.76 -12.24
N ASN E 22 -6.33 10.89 -12.84
CA ASN E 22 -7.18 9.79 -13.25
C ASN E 22 -7.34 9.81 -14.78
N CYS E 23 -7.10 8.66 -15.39
CA CYS E 23 -7.25 8.47 -16.83
C CYS E 23 -8.12 7.23 -17.14
N THR E 24 -8.73 7.25 -18.32
CA THR E 24 -9.40 6.06 -18.87
C THR E 24 -8.96 5.84 -20.32
N TYR E 25 -9.10 4.61 -20.77
CA TYR E 25 -8.79 4.25 -22.13
C TYR E 25 -9.92 3.37 -22.71
N THR E 26 -10.07 3.39 -24.03
CA THR E 26 -11.20 2.75 -24.70
C THR E 26 -10.82 1.37 -25.25
N ASP E 27 -9.62 1.27 -25.77
CA ASP E 27 -9.27 0.10 -26.57
C ASP E 27 -8.71 -0.99 -25.64
N THR E 28 -9.55 -1.97 -25.40
CA THR E 28 -9.19 -3.15 -24.66
C THR E 28 -7.91 -3.73 -25.28
N ALA E 29 -7.08 -4.38 -24.48
CA ALA E 29 -5.81 -4.90 -25.02
C ALA E 29 -4.83 -3.77 -25.42
N SER E 30 -5.12 -2.49 -25.16
CA SER E 30 -4.06 -1.61 -24.65
C SER E 30 -3.42 -2.33 -23.46
N SER E 31 -2.10 -2.40 -23.38
CA SER E 31 -1.44 -3.22 -22.37
C SER E 31 -0.19 -2.54 -21.76
N TYR E 32 0.10 -1.31 -22.15
CA TYR E 32 1.23 -0.57 -21.64
C TYR E 32 0.76 0.86 -21.44
N PHE E 33 1.04 1.39 -20.25
CA PHE E 33 0.43 2.65 -19.82
C PHE E 33 1.50 3.50 -19.11
N PRO E 34 2.19 4.32 -19.88
CA PRO E 34 3.24 5.12 -19.34
C PRO E 34 2.74 6.52 -18.99
N TRP E 35 3.53 7.21 -18.16
CA TRP E 35 3.26 8.59 -17.76
C TRP E 35 4.46 9.46 -18.07
N TYR E 36 4.22 10.65 -18.58
CA TYR E 36 5.29 11.58 -18.90
C TYR E 36 4.97 12.92 -18.23
N LYS E 37 6.00 13.70 -17.91
CA LYS E 37 5.77 15.05 -17.43
C LYS E 37 6.56 16.06 -18.24
N GLN E 38 6.00 17.24 -18.37
CA GLN E 38 6.56 18.31 -19.17
C GLN E 38 6.59 19.58 -18.31
N GLU E 39 7.79 19.91 -17.79
CA GLU E 39 8.01 21.19 -17.08
C GLU E 39 7.89 22.32 -18.11
N ALA E 40 7.26 23.43 -17.75
CA ALA E 40 6.86 24.46 -18.72
C ALA E 40 8.03 24.79 -19.66
N GLY E 41 7.71 24.85 -20.97
CA GLY E 41 8.68 25.18 -22.03
C GLY E 41 9.88 24.25 -22.07
N LYS E 42 9.69 22.96 -21.83
CA LYS E 42 10.79 21.97 -21.89
C LYS E 42 10.25 20.65 -22.48
N GLY E 43 11.05 19.59 -22.47
CA GLY E 43 10.69 18.34 -23.17
C GLY E 43 9.88 17.42 -22.29
N LEU E 44 9.62 16.21 -22.77
CA LEU E 44 8.81 15.25 -22.01
C LEU E 44 9.74 14.26 -21.33
N HIS E 45 9.58 14.08 -20.03
CA HIS E 45 10.39 13.12 -19.32
C HIS E 45 9.48 12.03 -18.77
N PHE E 46 9.94 10.81 -18.95
CA PHE E 46 9.28 9.65 -18.45
C PHE E 46 9.25 9.66 -16.91
N VAL E 47 8.12 9.30 -16.33
CA VAL E 47 7.92 9.26 -14.91
C VAL E 47 7.83 7.80 -14.44
N ILE E 48 6.85 7.07 -14.95
CA ILE E 48 6.59 5.71 -14.47
C ILE E 48 5.62 5.06 -15.47
N ASP E 49 5.58 3.73 -15.48
CA ASP E 49 4.70 3.03 -16.40
C ASP E 49 4.03 1.86 -15.67
N ILE E 50 3.01 1.31 -16.31
CA ILE E 50 2.47 0.05 -15.82
C ILE E 50 1.98 -0.81 -17.00
N ARG E 51 2.16 -2.12 -16.83
CA ARG E 51 1.73 -3.12 -17.83
C ARG E 51 0.52 -3.88 -17.29
N SER E 52 -0.30 -4.49 -18.13
CA SER E 52 -1.60 -5.03 -17.71
C SER E 52 -1.45 -6.33 -16.90
N ASN E 53 -0.27 -6.93 -16.89
CA ASN E 53 0.16 -7.85 -15.76
C ASN E 53 -0.37 -7.45 -14.37
N VAL E 54 -0.18 -6.18 -14.00
CA VAL E 54 -0.11 -5.76 -12.61
C VAL E 54 -1.21 -4.75 -12.31
N ASP E 55 -1.59 -4.67 -11.03
CA ASP E 55 -2.65 -3.77 -10.62
C ASP E 55 -2.06 -2.53 -9.93
N ARG E 56 -0.87 -2.65 -9.38
CA ARG E 56 -0.36 -1.60 -8.54
C ARG E 56 1.17 -1.65 -8.61
N LYS E 57 1.77 -0.48 -8.78
CA LYS E 57 3.21 -0.39 -8.83
C LYS E 57 3.63 0.87 -8.09
N GLN E 58 4.69 0.74 -7.32
CA GLN E 58 5.19 1.85 -6.54
C GLN E 58 6.68 2.10 -6.81
N SER E 59 7.00 3.37 -6.99
CA SER E 59 8.38 3.76 -7.16
C SER E 59 8.61 5.09 -6.46
N GLN E 60 9.46 5.11 -5.43
CA GLN E 60 9.69 6.32 -4.61
C GLN E 60 8.32 6.84 -4.14
N ARG E 61 8.02 8.09 -4.43
CA ARG E 61 6.81 8.74 -3.98
C ARG E 61 5.67 8.58 -5.00
N LEU E 62 5.86 7.74 -6.01
CA LEU E 62 4.85 7.59 -7.06
C LEU E 62 4.19 6.22 -6.94
N ILE E 63 2.89 6.20 -7.20
CA ILE E 63 2.14 4.95 -7.28
C ILE E 63 1.23 5.00 -8.51
N VAL E 64 1.16 3.88 -9.24
CA VAL E 64 0.22 3.78 -10.36
C VAL E 64 -0.67 2.59 -10.08
N LEU E 65 -1.94 2.78 -10.43
CA LEU E 65 -2.93 1.74 -10.38
C LEU E 65 -3.45 1.50 -11.79
N LEU E 66 -3.77 0.24 -12.05
CA LEU E 66 -4.45 -0.12 -13.29
C LEU E 66 -5.60 -1.07 -12.97
N ASP E 67 -6.80 -0.71 -13.42
CA ASP E 67 -7.94 -1.64 -13.43
C ASP E 67 -8.30 -1.94 -14.89
N LYS E 68 -7.92 -3.12 -15.40
CA LYS E 68 -8.17 -3.44 -16.84
C LYS E 68 -9.67 -3.70 -17.06
N LYS E 69 -10.37 -4.39 -16.16
CA LYS E 69 -11.80 -4.60 -16.35
C LYS E 69 -12.48 -3.25 -16.57
N ALA E 70 -12.19 -2.25 -15.76
CA ALA E 70 -12.94 -0.99 -15.86
C ALA E 70 -12.26 -0.04 -16.84
N LYS E 71 -11.07 -0.41 -17.32
CA LYS E 71 -10.25 0.39 -18.24
C LYS E 71 -9.98 1.77 -17.65
N ARG E 72 -9.42 1.77 -16.44
CA ARG E 72 -8.99 3.03 -15.82
C ARG E 72 -7.63 2.82 -15.14
N PHE E 73 -6.91 3.92 -15.06
CA PHE E 73 -5.59 3.87 -14.45
C PHE E 73 -5.30 5.26 -13.85
N SER E 74 -4.42 5.31 -12.86
CA SER E 74 -4.21 6.57 -12.14
C SER E 74 -2.76 6.68 -11.65
N LEU E 75 -2.32 7.94 -11.55
CA LEU E 75 -1.03 8.29 -10.94
C LEU E 75 -1.26 8.97 -9.58
N HIS E 76 -0.57 8.49 -8.56
CA HIS E 76 -0.70 8.99 -7.20
C HIS E 76 0.64 9.55 -6.74
N ILE E 77 0.70 10.81 -6.31
CA ILE E 77 1.96 11.38 -5.83
C ILE E 77 1.86 11.69 -4.34
N THR E 78 2.64 11.01 -3.54
CA THR E 78 2.70 11.26 -2.11
C THR E 78 3.66 12.44 -1.84
N ALA E 79 3.27 13.34 -0.93
CA ALA E 79 4.22 14.30 -0.40
C ALA E 79 4.77 15.19 -1.53
N THR E 80 3.87 15.83 -2.24
CA THR E 80 4.28 16.65 -3.36
C THR E 80 5.30 17.72 -2.90
N GLN E 81 6.24 17.98 -3.79
CA GLN E 81 7.21 19.05 -3.71
C GLN E 81 6.93 20.04 -4.84
N PRO E 82 7.43 21.28 -4.74
CA PRO E 82 7.14 22.19 -5.87
C PRO E 82 7.86 21.81 -7.18
N GLU E 83 8.92 21.04 -7.08
CA GLU E 83 9.68 20.52 -8.22
C GLU E 83 8.79 19.61 -9.09
N ASP E 84 7.77 19.02 -8.48
CA ASP E 84 6.81 18.18 -9.16
C ASP E 84 5.90 18.99 -10.08
N SER E 85 5.81 20.30 -9.92
CA SER E 85 4.98 21.15 -10.81
C SER E 85 5.37 20.92 -12.27
N ALA E 86 4.37 20.68 -13.12
CA ALA E 86 4.56 20.25 -14.52
C ALA E 86 3.21 19.95 -15.15
N ILE E 87 3.20 19.69 -16.44
CA ILE E 87 2.04 19.01 -17.07
C ILE E 87 2.33 17.51 -17.09
N TYR E 88 1.37 16.72 -16.59
CA TYR E 88 1.52 15.27 -16.60
C TYR E 88 0.61 14.70 -17.69
N PHE E 89 1.13 13.72 -18.41
CA PHE E 89 0.38 13.08 -19.48
C PHE E 89 0.31 11.57 -19.24
N CYS E 90 -0.89 11.00 -19.39
CA CYS E 90 -1.01 9.53 -19.44
C CYS E 90 -1.10 9.05 -20.89
N ALA E 91 -0.76 7.80 -21.13
CA ALA E 91 -0.80 7.26 -22.48
C ALA E 91 -1.04 5.75 -22.44
N ALA E 92 -1.50 5.25 -23.56
CA ALA E 92 -1.80 3.83 -23.68
C ALA E 92 -1.29 3.33 -25.04
N SER E 93 -0.96 2.05 -25.07
CA SER E 93 -0.33 1.46 -26.22
C SER E 93 -0.76 0.00 -26.30
N PRO E 94 -1.18 -0.43 -27.50
CA PRO E 94 -1.54 -1.86 -27.77
C PRO E 94 -0.35 -2.84 -27.70
N SER E 95 -0.52 -4.17 -27.87
CA SER E 95 0.71 -5.03 -28.00
C SER E 95 0.58 -6.12 -29.11
N TYR E 102 1.87 -0.16 -31.23
CA TYR E 102 3.23 0.30 -31.52
C TYR E 102 3.44 1.72 -30.96
N LYS E 103 2.43 2.55 -31.15
CA LYS E 103 2.50 3.95 -30.82
C LYS E 103 1.77 4.22 -29.52
N LEU E 104 2.03 5.40 -28.98
CA LEU E 104 1.34 5.84 -27.78
C LEU E 104 0.20 6.75 -28.20
N THR E 105 -0.94 6.53 -27.57
CA THR E 105 -2.02 7.49 -27.58
C THR E 105 -2.01 8.23 -26.26
N PHE E 106 -2.06 9.57 -26.33
CA PHE E 106 -1.84 10.39 -25.15
C PHE E 106 -3.14 11.09 -24.72
N GLY E 107 -3.28 11.30 -23.42
CA GLY E 107 -4.31 12.22 -22.90
C GLY E 107 -3.92 13.67 -23.13
N LYS E 108 -4.86 14.57 -22.90
CA LYS E 108 -4.65 16.00 -23.20
C LYS E 108 -3.74 16.66 -22.16
N GLY E 109 -3.45 15.96 -21.06
CA GLY E 109 -2.55 16.49 -20.01
C GLY E 109 -3.29 17.09 -18.80
N THR E 110 -2.62 17.03 -17.65
CA THR E 110 -3.04 17.67 -16.41
C THR E 110 -1.93 18.60 -15.93
N LEU E 111 -2.24 19.88 -15.76
CA LEU E 111 -1.29 20.82 -15.17
C LEU E 111 -1.34 20.71 -13.64
N LEU E 112 -0.23 20.28 -13.05
CA LEU E 112 -0.10 20.16 -11.62
C LEU E 112 0.79 21.30 -11.10
N THR E 113 0.20 22.14 -10.27
CA THR E 113 0.94 23.16 -9.53
C THR E 113 1.01 22.78 -8.05
N VAL E 114 2.23 22.68 -7.54
CA VAL E 114 2.45 22.46 -6.13
C VAL E 114 2.93 23.78 -5.52
N THR E 115 2.05 24.42 -4.75
CA THR E 115 2.36 25.71 -4.10
C THR E 115 3.16 25.44 -2.83
N PRO E 116 4.23 26.20 -2.61
CA PRO E 116 5.08 26.05 -1.42
C PRO E 116 4.41 26.53 -0.13
N ASN E 117 4.79 25.93 0.99
CA ASN E 117 4.27 26.34 2.31
C ASN E 117 5.13 27.49 2.84
N ILE E 118 4.57 28.69 2.87
CA ILE E 118 5.31 29.87 3.33
C ILE E 118 5.28 29.90 4.87
N GLN E 119 6.47 29.68 5.45
CA GLN E 119 6.69 29.58 6.91
C GLN E 119 6.27 30.86 7.62
N ASN E 120 6.90 31.99 7.28
CA ASN E 120 6.58 33.28 7.93
C ASN E 120 6.19 34.30 6.86
N PRO E 121 4.89 34.38 6.56
CA PRO E 121 4.46 35.36 5.56
C PRO E 121 4.94 36.76 5.94
N ASP E 122 5.08 37.65 4.94
CA ASP E 122 5.57 39.03 5.13
C ASP E 122 5.10 39.89 3.96
N PRO E 123 3.82 39.81 3.65
CA PRO E 123 3.34 40.42 2.42
C PRO E 123 3.71 41.89 2.39
N ALA E 124 4.08 42.34 1.21
CA ALA E 124 4.68 43.65 0.97
C ALA E 124 4.60 43.97 -0.53
N VAL E 125 4.45 45.24 -0.87
CA VAL E 125 4.50 45.69 -2.25
C VAL E 125 5.56 46.81 -2.36
N TYR E 126 6.65 46.52 -3.08
CA TYR E 126 7.75 47.44 -3.17
C TYR E 126 7.81 48.03 -4.59
N GLN E 127 8.40 49.22 -4.68
CA GLN E 127 8.63 49.87 -5.96
C GLN E 127 10.12 49.78 -6.29
N LEU E 128 10.43 49.45 -7.53
CA LEU E 128 11.81 49.23 -7.99
C LEU E 128 12.09 50.15 -9.19
N ARG E 129 13.26 50.78 -9.23
CA ARG E 129 13.55 51.68 -10.37
C ARG E 129 14.44 50.96 -11.38
N ASP E 130 14.30 51.35 -12.65
CA ASP E 130 15.18 50.91 -13.73
C ASP E 130 16.61 51.33 -13.42
N SER E 131 17.57 50.41 -13.59
CA SER E 131 18.99 50.74 -13.42
C SER E 131 19.49 51.70 -14.53
N LYS E 132 18.62 52.17 -15.43
CA LYS E 132 18.96 53.15 -16.50
C LYS E 132 18.58 54.56 -16.01
N SER E 133 17.29 54.95 -16.03
CA SER E 133 16.88 56.23 -15.35
C SER E 133 15.48 56.12 -14.67
N SER E 134 14.36 56.16 -15.40
CA SER E 134 14.31 56.60 -16.80
C SER E 134 13.03 57.37 -17.18
N ASP E 135 12.04 57.68 -16.32
CA ASP E 135 11.83 57.23 -14.94
C ASP E 135 10.76 56.12 -14.97
N LYS E 136 11.09 55.04 -15.68
CA LYS E 136 10.37 53.75 -15.66
C LYS E 136 10.57 53.05 -14.30
N SER E 137 9.52 52.36 -13.85
CA SER E 137 9.55 51.60 -12.59
C SER E 137 8.60 50.39 -12.65
N VAL E 138 8.77 49.52 -11.68
CA VAL E 138 8.01 48.27 -11.56
C VAL E 138 7.54 48.11 -10.11
N CYS E 139 6.39 47.50 -9.94
CA CYS E 139 5.86 47.18 -8.59
C CYS E 139 5.92 45.67 -8.36
N LEU E 140 6.44 45.29 -7.19
CA LEU E 140 6.69 43.92 -6.82
C LEU E 140 5.90 43.55 -5.57
N PHE E 141 4.91 42.69 -5.72
CA PHE E 141 4.18 42.06 -4.63
C PHE E 141 4.92 40.78 -4.22
N THR E 142 5.31 40.63 -2.96
CA THR E 142 6.19 39.50 -2.58
C THR E 142 5.82 39.03 -1.17
N ASP E 143 6.40 37.87 -0.81
CA ASP E 143 6.43 37.34 0.54
C ASP E 143 5.02 36.98 1.00
N PHE E 144 4.06 36.93 0.09
CA PHE E 144 2.70 36.63 0.47
C PHE E 144 2.52 35.11 0.58
N ASP E 145 1.42 34.73 1.18
CA ASP E 145 1.08 33.36 1.49
C ASP E 145 0.59 32.68 0.22
N SER E 146 0.76 31.36 0.14
CA SER E 146 0.43 30.64 -1.11
C SER E 146 -1.09 30.70 -1.40
N GLN E 147 -1.91 30.84 -0.37
CA GLN E 147 -3.37 30.83 -0.53
C GLN E 147 -3.86 32.19 -1.05
N THR E 148 -2.99 33.18 -1.17
CA THR E 148 -3.34 34.46 -1.81
C THR E 148 -3.30 34.31 -3.33
N ASN E 149 -4.30 34.82 -4.03
CA ASN E 149 -4.36 34.70 -5.50
C ASN E 149 -4.25 36.08 -6.13
N VAL E 150 -3.43 36.18 -7.18
CA VAL E 150 -3.16 37.44 -7.86
C VAL E 150 -4.01 37.47 -9.13
N SER E 151 -4.79 38.52 -9.33
CA SER E 151 -5.59 38.61 -10.55
C SER E 151 -4.97 39.66 -11.49
N GLN E 152 -5.04 39.40 -12.81
CA GLN E 152 -5.05 40.48 -13.81
C GLN E 152 -6.42 41.13 -13.69
N SER E 153 -6.59 42.45 -13.58
CA SER E 153 -5.76 43.57 -14.04
C SER E 153 -6.72 44.77 -14.19
N LYS E 154 -7.64 44.68 -15.16
CA LYS E 154 -8.92 45.42 -15.14
C LYS E 154 -8.76 46.83 -15.73
N ASP E 155 -7.53 47.34 -15.85
CA ASP E 155 -7.20 48.52 -16.65
C ASP E 155 -6.24 48.06 -17.76
N SER E 156 -6.64 48.11 -19.03
CA SER E 156 -5.98 47.33 -20.09
C SER E 156 -4.64 47.94 -20.53
N ASP E 157 -4.14 48.99 -19.86
CA ASP E 157 -2.80 49.56 -20.15
C ASP E 157 -1.82 49.23 -19.01
N VAL E 158 -2.17 48.31 -18.10
CA VAL E 158 -1.29 47.92 -16.95
C VAL E 158 -1.13 46.39 -16.89
N TYR E 159 0.09 45.91 -16.68
CA TYR E 159 0.41 44.49 -16.84
C TYR E 159 0.70 43.86 -15.48
N ILE E 160 0.14 42.68 -15.24
CA ILE E 160 0.37 41.98 -13.99
C ILE E 160 0.67 40.50 -14.27
N THR E 161 1.80 40.05 -13.76
CA THR E 161 2.20 38.67 -13.97
C THR E 161 1.47 37.79 -12.97
N ASP E 162 1.44 36.51 -13.23
CA ASP E 162 0.89 35.58 -12.29
C ASP E 162 1.90 35.42 -11.14
N LYS E 163 1.49 34.77 -10.05
CA LYS E 163 2.42 34.47 -8.97
C LYS E 163 3.45 33.47 -9.50
N CYS E 164 4.60 33.44 -8.86
CA CYS E 164 5.75 32.69 -9.31
C CYS E 164 6.62 32.41 -8.08
N VAL E 165 7.15 31.20 -7.95
CA VAL E 165 7.91 30.79 -6.74
C VAL E 165 9.41 30.78 -7.03
N LEU E 166 10.19 31.42 -6.18
CA LEU E 166 11.65 31.24 -6.24
C LEU E 166 12.16 30.61 -4.94
N ASP E 167 13.30 29.95 -5.05
CA ASP E 167 13.85 29.15 -3.98
C ASP E 167 15.31 29.52 -3.82
N MET E 168 15.62 30.24 -2.75
CA MET E 168 17.00 30.49 -2.36
C MET E 168 17.48 29.22 -1.65
N ARG E 169 18.26 28.40 -2.37
CA ARG E 169 18.37 26.97 -2.03
C ARG E 169 19.08 26.81 -0.69
N SER E 170 20.15 27.57 -0.47
CA SER E 170 20.64 27.89 0.87
C SER E 170 20.56 29.41 0.95
N MET E 171 19.68 29.99 1.77
CA MET E 171 19.29 29.50 3.07
C MET E 171 17.85 28.97 3.09
N ASP E 172 17.57 27.93 2.32
CA ASP E 172 16.35 27.07 2.52
C ASP E 172 15.07 27.90 2.55
N PHE E 173 14.92 28.83 1.61
CA PHE E 173 13.87 29.84 1.70
C PHE E 173 13.12 29.90 0.37
N LYS E 174 11.80 29.82 0.42
CA LYS E 174 10.99 29.97 -0.77
C LYS E 174 10.11 31.23 -0.64
N SER E 175 9.78 31.85 -1.76
CA SER E 175 8.97 33.06 -1.72
C SER E 175 8.13 33.21 -3.00
N ASN E 176 6.91 33.71 -2.82
CA ASN E 176 6.01 34.02 -3.93
C ASN E 176 6.24 35.48 -4.36
N SER E 177 5.93 35.79 -5.60
CA SER E 177 6.17 37.11 -6.17
C SER E 177 5.21 37.34 -7.34
N ALA E 178 4.83 38.58 -7.53
CA ALA E 178 4.13 39.00 -8.74
C ALA E 178 4.56 40.43 -9.08
N VAL E 179 4.63 40.72 -10.35
CA VAL E 179 5.16 41.94 -10.83
C VAL E 179 4.05 42.68 -11.58
N ALA E 180 4.02 44.01 -11.45
CA ALA E 180 3.10 44.81 -12.23
C ALA E 180 3.81 46.06 -12.71
N TRP E 181 3.41 46.56 -13.87
CA TRP E 181 4.01 47.75 -14.43
C TRP E 181 3.10 48.41 -15.49
N SER E 182 3.06 49.76 -15.38
CA SER E 182 3.45 50.90 -16.27
C SER E 182 2.27 51.59 -16.97
N ASN E 183 2.57 52.87 -17.21
CA ASN E 183 2.27 53.75 -18.38
C ASN E 183 0.88 54.38 -18.26
N LYS E 184 0.61 54.87 -17.08
CA LYS E 184 -0.39 55.93 -16.89
C LYS E 184 0.21 56.91 -15.90
N SER E 185 -0.46 58.04 -15.68
CA SER E 185 -0.02 58.99 -14.68
C SER E 185 -0.54 58.56 -13.30
N ASP E 186 -1.63 57.79 -13.29
CA ASP E 186 -2.34 57.40 -12.06
C ASP E 186 -1.68 56.16 -11.43
N PHE E 187 -0.53 55.71 -11.96
CA PHE E 187 0.06 54.42 -11.56
C PHE E 187 1.46 54.60 -10.96
N ALA E 188 1.72 54.20 -9.71
CA ALA E 188 0.79 53.73 -8.66
C ALA E 188 1.61 53.10 -7.54
N CYS E 189 1.60 51.76 -7.50
CA CYS E 189 2.14 50.92 -6.44
C CYS E 189 1.09 50.79 -5.34
N ALA E 190 0.66 51.89 -4.73
CA ALA E 190 -0.50 51.86 -3.84
C ALA E 190 -1.70 51.20 -4.53
N ASN E 191 -1.96 51.50 -5.80
CA ASN E 191 -3.21 50.98 -6.40
C ASN E 191 -2.95 49.82 -7.38
N ALA E 192 -1.73 49.31 -7.50
CA ALA E 192 -1.39 48.38 -8.57
C ALA E 192 -2.21 47.08 -8.48
N PHE E 193 -2.26 46.50 -7.28
CA PHE E 193 -2.93 45.23 -7.07
C PHE E 193 -4.32 45.47 -6.45
N ASN E 194 -4.93 46.62 -6.73
CA ASN E 194 -6.27 46.95 -6.21
C ASN E 194 -7.29 45.87 -6.57
N ASN E 195 -7.14 45.24 -7.73
CA ASN E 195 -8.14 44.29 -8.26
C ASN E 195 -7.89 42.85 -7.76
N SER E 196 -6.97 42.67 -6.81
CA SER E 196 -6.74 41.37 -6.16
C SER E 196 -7.09 41.47 -4.67
N ILE E 197 -7.60 40.36 -4.12
CA ILE E 197 -7.78 40.27 -2.69
C ILE E 197 -6.41 39.97 -2.10
N ILE E 198 -5.96 40.85 -1.22
CA ILE E 198 -4.56 41.07 -0.81
C ILE E 198 -4.56 41.26 0.70
N PRO E 199 -3.66 40.61 1.44
CA PRO E 199 -3.77 40.58 2.92
C PRO E 199 -3.91 41.95 3.60
N GLU E 200 -4.47 41.99 4.80
CA GLU E 200 -4.73 43.28 5.49
C GLU E 200 -3.40 43.88 6.00
N ASP E 201 -2.48 43.02 6.42
CA ASP E 201 -1.20 43.44 7.01
C ASP E 201 -0.14 43.66 5.90
N THR E 202 -0.52 43.85 4.64
CA THR E 202 0.53 43.99 3.62
C THR E 202 1.18 45.37 3.78
N PHE E 203 2.51 45.38 3.83
CA PHE E 203 3.33 46.56 4.01
C PHE E 203 3.41 47.33 2.69
N PHE E 204 3.10 48.62 2.70
CA PHE E 204 3.24 49.48 1.53
C PHE E 204 4.11 50.67 1.88
N PRO E 205 5.41 50.60 1.61
CA PRO E 205 6.30 51.67 2.05
C PRO E 205 6.18 52.95 1.21
N SER E 206 7.01 53.95 1.53
CA SER E 206 7.25 55.13 0.66
C SER E 206 8.43 55.93 1.22
N LEU F 3 19.99 9.14 -25.28
CA LEU F 3 20.36 10.53 -25.78
C LEU F 3 19.96 10.67 -27.27
N LEU F 4 19.55 11.90 -27.61
CA LEU F 4 19.03 12.30 -28.91
C LEU F 4 19.35 13.79 -29.06
N GLU F 5 19.92 14.23 -30.18
CA GLU F 5 19.99 15.67 -30.47
C GLU F 5 19.09 15.99 -31.67
N GLN F 6 18.35 17.09 -31.58
CA GLN F 6 17.51 17.59 -32.66
C GLN F 6 17.94 19.01 -33.03
N ASN F 7 18.14 19.26 -34.33
CA ASN F 7 18.43 20.60 -34.84
C ASN F 7 17.47 20.93 -35.96
N PRO F 8 17.09 22.19 -36.13
CA PRO F 8 17.28 23.25 -35.14
C PRO F 8 16.37 23.04 -33.92
N ARG F 9 16.50 23.88 -32.91
CA ARG F 9 15.66 23.73 -31.73
C ARG F 9 14.44 24.64 -31.89
N TRP F 10 14.55 25.65 -32.73
N TRP F 10 14.55 25.64 -32.74
CA TRP F 10 13.44 26.56 -32.99
CA TRP F 10 13.44 26.54 -33.02
C TRP F 10 13.43 26.91 -34.49
C TRP F 10 13.45 26.89 -34.52
N ARG F 11 12.32 27.38 -35.04
CA ARG F 11 12.28 27.77 -36.45
C ARG F 11 11.07 28.66 -36.74
N LEU F 12 11.35 29.69 -37.54
CA LEU F 12 10.32 30.58 -38.09
C LEU F 12 10.02 30.17 -39.53
N VAL F 13 8.73 30.17 -39.87
CA VAL F 13 8.23 29.60 -41.12
C VAL F 13 7.15 30.53 -41.66
N PRO F 14 7.39 31.17 -42.82
CA PRO F 14 6.24 31.88 -43.41
C PRO F 14 5.31 30.86 -44.08
N ARG F 15 4.04 31.23 -44.23
CA ARG F 15 3.07 30.30 -44.83
C ARG F 15 3.61 29.88 -46.21
N GLY F 16 3.71 28.57 -46.43
CA GLY F 16 4.11 28.07 -47.75
C GLY F 16 5.51 27.50 -47.75
N GLN F 17 6.38 28.01 -46.90
CA GLN F 17 7.75 27.50 -46.86
C GLN F 17 7.72 26.13 -46.18
N ALA F 18 8.52 25.20 -46.68
CA ALA F 18 8.78 23.96 -45.99
C ALA F 18 10.01 24.13 -45.09
N VAL F 19 10.28 23.13 -44.26
CA VAL F 19 11.34 23.20 -43.28
C VAL F 19 11.86 21.80 -42.99
N ASN F 20 13.15 21.70 -42.75
CA ASN F 20 13.77 20.41 -42.50
C ASN F 20 14.23 20.30 -41.05
N LEU F 21 13.99 19.13 -40.47
CA LEU F 21 14.42 18.82 -39.10
C LEU F 21 15.27 17.55 -39.14
N ARG F 22 16.28 17.54 -38.27
CA ARG F 22 17.19 16.42 -38.12
C ARG F 22 17.10 15.94 -36.68
N CYS F 23 17.29 14.64 -36.48
CA CYS F 23 17.40 14.06 -35.17
C CYS F 23 18.50 13.00 -35.21
N ILE F 24 19.54 13.17 -34.41
CA ILE F 24 20.65 12.21 -34.36
C ILE F 24 20.52 11.38 -33.09
N LEU F 25 20.49 10.08 -33.27
CA LEU F 25 20.51 9.14 -32.18
C LEU F 25 21.94 9.00 -31.68
N LYS F 26 22.18 9.09 -30.38
CA LYS F 26 23.58 9.03 -29.88
C LYS F 26 23.87 7.70 -29.16
N ASN F 27 23.00 6.70 -29.27
CA ASN F 27 23.27 5.40 -28.65
C ASN F 27 22.50 4.30 -29.42
N SER F 28 23.25 3.34 -29.94
CA SER F 28 22.71 2.39 -30.92
C SER F 28 21.79 1.34 -30.27
N GLN F 29 21.70 1.29 -28.94
CA GLN F 29 20.84 0.29 -28.27
C GLN F 29 19.35 0.64 -28.45
N TYR F 30 19.03 1.90 -28.82
CA TYR F 30 17.63 2.36 -28.98
C TYR F 30 17.37 2.73 -30.45
N PRO F 31 17.47 1.74 -31.36
CA PRO F 31 17.40 1.95 -32.81
C PRO F 31 16.04 2.39 -33.35
N TRP F 32 14.95 2.06 -32.66
CA TRP F 32 13.61 2.45 -33.11
C TRP F 32 13.39 3.93 -32.81
N MET F 33 13.17 4.71 -33.86
CA MET F 33 13.07 6.14 -33.74
C MET F 33 11.71 6.56 -34.27
N SER F 34 11.11 7.57 -33.63
CA SER F 34 9.74 7.98 -33.97
C SER F 34 9.66 9.51 -33.96
N TRP F 35 8.60 10.02 -34.60
CA TRP F 35 8.24 11.44 -34.54
C TRP F 35 6.89 11.58 -33.82
N TYR F 36 6.79 12.56 -32.91
CA TYR F 36 5.53 12.95 -32.33
C TYR F 36 5.38 14.45 -32.51
N GLN F 37 4.17 14.89 -32.81
CA GLN F 37 3.90 16.30 -32.81
C GLN F 37 3.20 16.62 -31.48
N GLN F 38 3.38 17.84 -31.02
CA GLN F 38 2.63 18.37 -29.91
C GLN F 38 2.07 19.71 -30.37
N ASP F 39 0.78 19.84 -30.34
CA ASP F 39 0.14 21.04 -30.88
C ASP F 39 0.17 22.15 -29.81
N LEU F 40 -0.44 23.27 -30.14
CA LEU F 40 -0.44 24.42 -29.27
C LEU F 40 -1.34 24.20 -28.04
N GLN F 41 -2.29 23.27 -28.09
CA GLN F 41 -3.09 22.88 -26.91
C GLN F 41 -2.35 21.79 -26.11
N LYS F 42 -1.13 21.44 -26.51
CA LYS F 42 -0.27 20.52 -25.74
C LYS F 42 -0.61 19.06 -26.01
N GLN F 43 -1.54 18.78 -26.95
CA GLN F 43 -1.88 17.38 -27.28
C GLN F 43 -0.77 16.74 -28.13
N LEU F 44 -0.31 15.60 -27.66
CA LEU F 44 0.67 14.80 -28.34
C LEU F 44 -0.03 13.80 -29.25
N GLN F 45 0.60 13.57 -30.39
CA GLN F 45 0.10 12.77 -31.50
C GLN F 45 1.29 12.13 -32.21
N TRP F 46 1.26 10.82 -32.31
CA TRP F 46 2.29 10.07 -33.03
C TRP F 46 2.19 10.29 -34.54
N LEU F 47 3.33 10.34 -35.22
CA LEU F 47 3.40 10.52 -36.69
C LEU F 47 3.98 9.24 -37.34
N PHE F 48 5.22 8.91 -37.01
CA PHE F 48 5.87 7.78 -37.63
C PHE F 48 6.82 7.05 -36.69
N THR F 49 7.14 5.82 -37.06
CA THR F 49 8.24 5.07 -36.50
C THR F 49 9.03 4.42 -37.64
N LEU F 50 10.31 4.71 -37.76
CA LEU F 50 11.14 4.19 -38.86
C LEU F 50 12.36 3.46 -38.29
N ARG F 51 12.51 2.18 -38.60
CA ARG F 51 13.57 1.37 -38.00
C ARG F 51 14.86 1.43 -38.83
N SER F 52 14.77 1.06 -40.11
CA SER F 52 15.97 0.77 -40.96
C SER F 52 16.36 1.99 -41.80
N PRO F 53 17.66 2.11 -42.15
CA PRO F 53 18.07 3.18 -43.05
C PRO F 53 17.39 2.99 -44.42
N GLY F 54 16.94 4.08 -45.02
CA GLY F 54 16.28 4.01 -46.30
C GLY F 54 14.77 4.04 -46.17
N ASP F 55 14.22 3.72 -44.99
CA ASP F 55 12.78 3.78 -44.80
C ASP F 55 12.32 5.23 -44.90
N LYS F 56 11.19 5.41 -45.59
CA LYS F 56 10.51 6.71 -45.65
C LYS F 56 9.01 6.51 -45.40
N GLU F 57 8.33 7.60 -45.04
CA GLU F 57 6.87 7.61 -44.87
C GLU F 57 6.35 9.03 -45.09
N VAL F 58 5.07 9.11 -45.44
CA VAL F 58 4.39 10.39 -45.65
C VAL F 58 3.12 10.36 -44.82
N LYS F 59 2.65 11.54 -44.43
CA LYS F 59 1.47 11.61 -43.57
C LYS F 59 0.99 13.06 -43.54
N SER F 60 -0.32 13.23 -43.52
CA SER F 60 -0.94 14.54 -43.46
C SER F 60 -1.86 14.59 -42.24
N LEU F 61 -1.67 15.62 -41.42
CA LEU F 61 -2.58 15.88 -40.32
C LEU F 61 -3.11 17.30 -40.51
N PRO F 62 -4.15 17.66 -39.77
CA PRO F 62 -4.49 19.07 -39.73
C PRO F 62 -3.50 19.80 -38.82
N GLY F 63 -3.05 21.01 -39.12
CA GLY F 63 -2.69 21.48 -40.44
C GLY F 63 -1.17 21.50 -40.57
N ALA F 64 -0.63 20.37 -41.01
CA ALA F 64 0.76 20.25 -41.42
C ALA F 64 0.93 18.94 -42.22
N ASP F 65 1.82 18.93 -43.21
CA ASP F 65 2.08 17.70 -43.99
C ASP F 65 3.55 17.28 -43.77
N TYR F 66 3.77 15.99 -43.62
CA TYR F 66 5.02 15.47 -43.10
C TYR F 66 5.59 14.41 -44.05
N LEU F 67 6.88 14.51 -44.34
CA LEU F 67 7.58 13.41 -44.94
C LEU F 67 8.81 13.10 -44.08
N ALA F 68 8.94 11.85 -43.69
CA ALA F 68 9.96 11.47 -42.77
C ALA F 68 10.86 10.43 -43.45
N THR F 69 12.12 10.42 -43.04
CA THR F 69 13.11 9.58 -43.65
C THR F 69 14.18 9.17 -42.63
N ARG F 70 14.35 7.88 -42.44
CA ARG F 70 15.48 7.37 -41.66
C ARG F 70 16.68 7.26 -42.62
N VAL F 71 17.58 8.24 -42.58
CA VAL F 71 18.69 8.27 -43.53
C VAL F 71 19.73 7.21 -43.12
N THR F 72 20.28 7.30 -41.91
CA THR F 72 21.32 6.35 -41.46
C THR F 72 20.84 5.65 -40.18
N ASP F 73 21.65 4.73 -39.67
CA ASP F 73 21.33 4.01 -38.44
C ASP F 73 21.20 4.99 -37.24
N THR F 74 21.64 6.24 -37.41
CA THR F 74 21.65 7.18 -36.30
C THR F 74 21.07 8.53 -36.72
N GLU F 75 20.43 8.64 -37.87
CA GLU F 75 19.93 9.95 -38.31
C GLU F 75 18.51 9.78 -38.85
N LEU F 76 17.63 10.66 -38.41
CA LEU F 76 16.24 10.68 -38.82
C LEU F 76 15.89 12.13 -39.22
N ARG F 77 15.28 12.29 -40.37
CA ARG F 77 14.99 13.60 -40.91
C ARG F 77 13.47 13.76 -41.04
N LEU F 78 12.99 14.99 -41.05
CA LEU F 78 11.57 15.27 -41.24
C LEU F 78 11.41 16.58 -42.00
N GLN F 79 10.58 16.52 -43.04
CA GLN F 79 10.24 17.69 -43.78
C GLN F 79 8.81 18.05 -43.39
N VAL F 80 8.58 19.32 -43.13
CA VAL F 80 7.29 19.76 -42.69
C VAL F 80 6.81 20.81 -43.69
N ALA F 81 5.65 20.61 -44.30
CA ALA F 81 5.14 21.61 -45.22
C ALA F 81 3.67 21.91 -44.96
N ASN F 82 3.25 23.06 -45.47
CA ASN F 82 1.86 23.52 -45.45
C ASN F 82 1.37 23.63 -44.01
N MET F 83 2.08 24.43 -43.22
CA MET F 83 1.71 24.64 -41.81
C MET F 83 0.75 25.82 -41.69
N SER F 84 -0.49 25.53 -41.28
CA SER F 84 -1.45 26.57 -40.93
C SER F 84 -1.16 27.06 -39.51
N GLN F 85 -1.20 26.10 -38.58
CA GLN F 85 -1.05 26.34 -37.13
C GLN F 85 0.31 25.75 -36.70
N GLY F 86 0.94 26.45 -35.74
CA GLY F 86 2.29 26.12 -35.23
C GLY F 86 2.31 24.85 -34.38
N ARG F 87 3.50 24.29 -34.13
CA ARG F 87 3.55 23.06 -33.37
C ARG F 87 4.99 22.76 -32.98
N THR F 88 5.16 21.68 -32.22
CA THR F 88 6.47 21.28 -31.72
C THR F 88 6.63 19.80 -32.01
N LEU F 89 7.84 19.42 -32.34
CA LEU F 89 8.04 18.14 -32.91
C LEU F 89 9.11 17.39 -32.12
N TYR F 90 8.75 16.25 -31.57
CA TYR F 90 9.66 15.50 -30.72
C TYR F 90 10.07 14.25 -31.49
N CYS F 91 11.35 14.01 -31.44
CA CYS F 91 11.96 12.80 -31.89
C CYS F 91 12.01 11.86 -30.68
N THR F 92 11.63 10.60 -30.81
CA THR F 92 11.79 9.68 -29.68
C THR F 92 12.64 8.49 -30.11
N CYS F 93 13.23 7.80 -29.15
CA CYS F 93 13.91 6.53 -29.44
C CYS F 93 13.54 5.47 -28.38
N SER F 94 13.68 4.22 -28.77
CA SER F 94 13.15 3.08 -28.01
C SER F 94 13.88 1.79 -28.41
N ALA F 95 13.84 0.78 -27.56
CA ALA F 95 14.32 -0.57 -27.90
C ALA F 95 13.10 -1.48 -28.07
N GLY F 96 12.95 -2.20 -29.18
CA GLY F 96 11.72 -2.98 -29.52
C GLY F 96 10.67 -2.97 -28.41
N TYR F 99 9.50 -0.78 -26.15
CA TYR F 99 8.54 -0.36 -25.12
C TYR F 99 9.25 0.51 -24.08
N GLU F 100 8.83 1.77 -23.98
CA GLU F 100 9.45 2.86 -23.21
C GLU F 100 10.14 3.76 -24.24
N GLN F 101 9.66 4.98 -24.34
CA GLN F 101 10.08 5.91 -25.40
C GLN F 101 10.77 7.10 -24.72
N TYR F 102 12.05 7.33 -25.01
CA TYR F 102 12.75 8.54 -24.52
C TYR F 102 12.55 9.67 -25.54
N PHE F 103 12.01 10.80 -25.08
CA PHE F 103 11.74 11.95 -25.93
C PHE F 103 12.97 12.87 -26.03
N GLY F 104 13.35 13.21 -27.26
CA GLY F 104 14.34 14.26 -27.46
C GLY F 104 13.86 15.64 -27.05
N PRO F 105 14.74 16.63 -27.24
CA PRO F 105 14.55 18.00 -26.77
C PRO F 105 13.53 18.81 -27.57
N GLY F 106 13.25 18.36 -28.79
CA GLY F 106 12.14 18.92 -29.58
C GLY F 106 12.52 20.13 -30.42
N THR F 107 11.77 20.33 -31.49
CA THR F 107 11.95 21.46 -32.36
C THR F 107 10.65 22.27 -32.38
N ARG F 108 10.71 23.56 -32.12
CA ARG F 108 9.49 24.35 -32.04
C ARG F 108 9.31 25.13 -33.33
N LEU F 109 8.15 25.02 -33.93
CA LEU F 109 7.89 25.64 -35.21
C LEU F 109 6.78 26.66 -35.01
N THR F 110 7.03 27.91 -35.41
CA THR F 110 5.96 28.92 -35.45
C THR F 110 5.73 29.34 -36.90
N VAL F 111 4.52 29.78 -37.18
CA VAL F 111 4.14 30.26 -38.46
C VAL F 111 3.87 31.78 -38.38
N LEU F 112 4.36 32.51 -39.36
CA LEU F 112 4.02 33.91 -39.47
C LEU F 112 3.32 34.16 -40.81
N GLU F 113 2.19 34.86 -40.75
CA GLU F 113 1.62 35.42 -41.97
C GLU F 113 2.66 36.40 -42.51
N ASP F 114 2.91 37.45 -41.74
CA ASP F 114 3.77 38.56 -42.13
C ASP F 114 5.09 38.49 -41.35
N LEU F 115 6.21 38.72 -42.02
CA LEU F 115 7.48 38.85 -41.30
C LEU F 115 7.64 40.29 -40.80
N LYS F 116 6.77 41.19 -41.24
CA LYS F 116 6.83 42.60 -40.87
C LYS F 116 6.68 42.76 -39.34
N ASN F 117 6.05 41.81 -38.65
CA ASN F 117 5.68 42.00 -37.22
C ASN F 117 6.59 41.17 -36.30
N VAL F 118 7.74 40.74 -36.77
CA VAL F 118 8.77 40.18 -35.91
C VAL F 118 9.53 41.33 -35.25
N PHE F 119 9.67 41.31 -33.92
CA PHE F 119 10.53 42.25 -33.20
C PHE F 119 11.32 41.54 -32.10
N PRO F 120 12.53 42.04 -31.83
CA PRO F 120 13.32 41.51 -30.74
C PRO F 120 12.89 42.21 -29.44
N PRO F 121 13.33 41.68 -28.29
CA PRO F 121 12.93 42.24 -27.02
C PRO F 121 13.79 43.45 -26.64
N GLU F 122 13.17 44.40 -25.95
CA GLU F 122 13.89 45.37 -25.14
C GLU F 122 13.97 44.81 -23.71
N VAL F 123 15.11 45.01 -23.04
CA VAL F 123 15.37 44.38 -21.76
C VAL F 123 15.80 45.43 -20.73
N ALA F 124 15.20 45.38 -19.55
CA ALA F 124 15.51 46.34 -18.48
C ALA F 124 15.63 45.60 -17.15
N VAL F 125 16.57 46.00 -16.32
CA VAL F 125 16.71 45.45 -15.00
C VAL F 125 16.28 46.51 -13.98
N PHE F 126 15.52 46.10 -12.97
CA PHE F 126 15.08 47.00 -11.90
C PHE F 126 15.78 46.62 -10.59
N GLU F 127 16.32 47.63 -9.93
CA GLU F 127 17.21 47.40 -8.80
C GLU F 127 16.34 47.24 -7.54
N PRO F 128 16.82 46.44 -6.58
CA PRO F 128 16.17 46.19 -5.31
C PRO F 128 15.66 47.48 -4.64
N SER F 129 14.45 47.42 -4.08
CA SER F 129 13.91 48.47 -3.19
C SER F 129 14.76 48.58 -1.91
N GLU F 130 14.98 49.80 -1.44
CA GLU F 130 15.70 50.01 -0.18
C GLU F 130 14.81 49.52 0.97
N ALA F 131 13.51 49.81 0.85
CA ALA F 131 12.51 49.33 1.81
C ALA F 131 12.64 47.80 2.00
N GLU F 132 12.76 47.06 0.90
CA GLU F 132 12.80 45.62 0.95
C GLU F 132 14.09 45.18 1.64
N ILE F 133 15.19 45.91 1.44
CA ILE F 133 16.47 45.48 2.01
C ILE F 133 16.42 45.66 3.53
N SER F 134 15.86 46.79 3.97
CA SER F 134 15.72 47.10 5.41
C SER F 134 14.81 46.08 6.10
N HIS F 135 13.65 45.82 5.46
CA HIS F 135 12.58 45.03 6.08
C HIS F 135 12.92 43.53 6.09
N THR F 136 13.64 43.01 5.10
CA THR F 136 13.77 41.55 4.96
C THR F 136 15.25 41.11 4.93
N GLN F 137 16.19 42.04 4.75
CA GLN F 137 17.59 41.69 4.56
C GLN F 137 17.76 40.77 3.33
N LYS F 138 16.97 41.10 2.29
CA LYS F 138 16.98 40.40 1.01
C LYS F 138 16.74 41.41 -0.12
N ALA F 139 17.25 41.08 -1.29
CA ALA F 139 17.18 41.98 -2.43
C ALA F 139 16.72 41.22 -3.67
N THR F 140 15.67 41.74 -4.29
CA THR F 140 15.06 41.16 -5.46
C THR F 140 15.36 42.06 -6.66
N LEU F 141 16.09 41.54 -7.63
CA LEU F 141 16.20 42.20 -8.93
C LEU F 141 15.05 41.66 -9.79
N VAL F 142 14.43 42.56 -10.59
CA VAL F 142 13.46 42.15 -11.59
C VAL F 142 14.02 42.43 -12.98
N CYS F 143 13.71 41.54 -13.94
CA CYS F 143 14.07 41.70 -15.33
C CYS F 143 12.81 41.72 -16.20
N LEU F 144 12.65 42.70 -17.07
CA LEU F 144 11.46 42.83 -17.94
C LEU F 144 11.91 42.79 -19.41
N ALA F 145 11.57 41.73 -20.11
CA ALA F 145 11.75 41.67 -21.58
C ALA F 145 10.43 42.02 -22.26
N THR F 146 10.37 43.15 -22.95
CA THR F 146 9.13 43.64 -23.52
C THR F 146 9.22 43.75 -25.04
N GLY F 147 8.04 43.82 -25.66
CA GLY F 147 7.88 44.22 -27.04
C GLY F 147 8.40 43.20 -28.06
N PHE F 148 8.42 41.91 -27.74
CA PHE F 148 9.01 40.94 -28.68
C PHE F 148 7.91 40.09 -29.34
N TYR F 149 8.24 39.56 -30.53
CA TYR F 149 7.36 38.73 -31.30
C TYR F 149 8.18 37.97 -32.35
N PRO F 150 7.94 36.68 -32.56
CA PRO F 150 7.03 35.86 -31.76
C PRO F 150 7.54 35.55 -30.35
N ASP F 151 6.82 34.72 -29.60
CA ASP F 151 7.21 34.37 -28.22
C ASP F 151 8.29 33.28 -28.22
N HIS F 152 9.47 33.60 -28.71
CA HIS F 152 10.59 32.67 -28.68
C HIS F 152 11.74 33.30 -27.89
N VAL F 153 11.68 33.29 -26.56
CA VAL F 153 12.77 33.84 -25.77
C VAL F 153 13.20 32.80 -24.74
N GLU F 154 14.47 32.89 -24.34
CA GLU F 154 15.00 32.16 -23.19
C GLU F 154 15.71 33.18 -22.29
N LEU F 155 15.14 33.47 -21.13
CA LEU F 155 15.72 34.43 -20.20
C LEU F 155 16.61 33.70 -19.18
N SER F 156 17.76 34.28 -18.87
CA SER F 156 18.67 33.67 -17.89
C SER F 156 19.33 34.78 -17.05
N TRP F 157 19.86 34.41 -15.89
CA TRP F 157 20.50 35.40 -15.01
C TRP F 157 21.98 35.05 -14.85
N TRP F 158 22.82 36.07 -14.90
CA TRP F 158 24.28 35.89 -14.85
C TRP F 158 24.88 36.79 -13.78
N VAL F 159 25.63 36.17 -12.88
CA VAL F 159 26.18 36.85 -11.73
C VAL F 159 27.69 36.65 -11.76
N ASN F 160 28.42 37.76 -11.90
CA ASN F 160 29.89 37.77 -12.03
C ASN F 160 30.33 36.76 -13.09
N GLY F 161 29.68 36.81 -14.26
CA GLY F 161 30.09 36.01 -15.41
C GLY F 161 29.56 34.57 -15.41
N LYS F 162 29.04 34.05 -14.31
CA LYS F 162 28.49 32.68 -14.31
C LYS F 162 26.95 32.71 -14.23
N GLU F 163 26.30 31.74 -14.81
CA GLU F 163 24.83 31.63 -14.80
C GLU F 163 24.37 31.10 -13.43
N VAL F 164 23.25 31.62 -12.91
CA VAL F 164 22.71 31.23 -11.59
C VAL F 164 21.29 30.69 -11.79
N HIS F 165 20.92 29.70 -10.98
CA HIS F 165 19.57 29.18 -10.93
C HIS F 165 18.93 29.44 -9.55
N SER F 166 19.71 29.29 -8.48
CA SER F 166 19.25 29.64 -7.13
C SER F 166 18.71 31.09 -7.08
N GLY F 167 17.51 31.23 -6.54
CA GLY F 167 16.93 32.52 -6.26
C GLY F 167 16.20 33.09 -7.46
N VAL F 168 16.05 32.28 -8.49
CA VAL F 168 15.53 32.77 -9.76
C VAL F 168 14.11 32.24 -9.93
N CYS F 169 13.26 33.04 -10.56
CA CYS F 169 12.00 32.51 -11.07
C CYS F 169 11.56 33.37 -12.25
N THR F 170 11.32 32.70 -13.39
CA THR F 170 10.86 33.34 -14.59
C THR F 170 9.38 33.00 -14.81
N ASP F 171 8.59 33.95 -15.27
CA ASP F 171 7.21 33.66 -15.66
C ASP F 171 7.20 32.43 -16.59
N PRO F 172 6.25 31.52 -16.38
CA PRO F 172 6.23 30.37 -17.27
C PRO F 172 5.67 30.70 -18.67
N GLN F 173 4.81 31.70 -18.76
CA GLN F 173 4.15 32.11 -20.04
C GLN F 173 4.36 33.61 -20.24
N PRO F 174 4.77 34.05 -21.44
CA PRO F 174 4.81 35.47 -21.72
C PRO F 174 3.38 36.01 -21.86
N LEU F 175 3.14 37.27 -21.51
CA LEU F 175 1.78 37.83 -21.58
C LEU F 175 1.72 38.84 -22.73
N LYS F 176 0.53 38.99 -23.30
CA LYS F 176 0.36 39.76 -24.52
C LYS F 176 0.15 41.23 -24.14
N GLU F 177 0.87 42.13 -24.81
CA GLU F 177 0.83 43.57 -24.48
C GLU F 177 -0.54 44.15 -24.90
N GLN F 178 -1.05 43.73 -26.05
CA GLN F 178 -2.38 44.13 -26.52
C GLN F 178 -3.22 42.86 -26.69
N PRO F 179 -3.81 42.31 -25.61
CA PRO F 179 -4.35 40.94 -25.67
C PRO F 179 -5.45 40.75 -26.74
N ALA F 180 -6.08 41.86 -27.18
CA ALA F 180 -7.11 41.85 -28.23
C ALA F 180 -6.54 41.42 -29.58
N LEU F 181 -5.42 42.03 -30.00
CA LEU F 181 -4.85 41.88 -31.36
C LEU F 181 -4.41 40.42 -31.62
N ASN F 182 -4.45 40.03 -32.88
CA ASN F 182 -4.11 38.67 -33.31
C ASN F 182 -2.59 38.47 -33.23
N ASP F 183 -1.82 39.46 -33.66
CA ASP F 183 -0.33 39.35 -33.76
C ASP F 183 0.33 40.24 -32.70
N SER F 184 -0.10 40.10 -31.44
CA SER F 184 0.33 40.99 -30.37
C SER F 184 1.76 40.63 -29.92
N ARG F 185 2.55 41.68 -29.72
CA ARG F 185 3.90 41.56 -29.15
C ARG F 185 3.78 41.13 -27.68
N TYR F 186 4.79 40.42 -27.21
CA TYR F 186 4.74 39.73 -25.94
C TYR F 186 5.62 40.44 -24.89
N CYS F 187 5.54 39.93 -23.66
CA CYS F 187 6.39 40.38 -22.58
C CYS F 187 6.54 39.31 -21.48
N LEU F 188 7.68 39.33 -20.82
CA LEU F 188 8.09 38.31 -19.87
C LEU F 188 8.84 38.96 -18.71
N SER F 189 8.62 38.51 -17.49
CA SER F 189 9.37 39.02 -16.37
C SER F 189 10.14 37.89 -15.68
N SER F 190 11.15 38.26 -14.93
CA SER F 190 11.88 37.28 -14.15
C SER F 190 12.39 37.98 -12.88
N ARG F 191 12.74 37.19 -11.88
CA ARG F 191 13.26 37.76 -10.66
C ARG F 191 14.44 36.92 -10.20
N LEU F 192 15.44 37.63 -9.69
CA LEU F 192 16.59 37.01 -9.01
C LEU F 192 16.63 37.60 -7.60
N ARG F 193 16.68 36.73 -6.60
CA ARG F 193 16.66 37.20 -5.23
C ARG F 193 17.95 36.75 -4.54
N VAL F 194 18.60 37.71 -3.89
CA VAL F 194 19.84 37.45 -3.23
C VAL F 194 19.79 38.09 -1.83
N SER F 195 20.75 37.70 -0.99
CA SER F 195 20.93 38.32 0.31
C SER F 195 21.26 39.79 0.11
N ALA F 196 20.88 40.65 1.05
CA ALA F 196 21.12 42.09 0.90
C ALA F 196 22.62 42.37 1.02
N THR F 197 23.34 41.56 1.80
CA THR F 197 24.80 41.75 1.94
C THR F 197 25.45 41.54 0.57
N PHE F 198 24.95 40.58 -0.22
CA PHE F 198 25.50 40.27 -1.55
C PHE F 198 25.17 41.36 -2.57
N TRP F 199 23.98 41.93 -2.48
CA TRP F 199 23.62 43.00 -3.36
C TRP F 199 24.45 44.24 -3.05
N GLN F 200 24.84 44.39 -1.80
CA GLN F 200 25.41 45.65 -1.31
C GLN F 200 26.91 45.73 -1.63
N ASN F 201 27.54 44.59 -1.93
CA ASN F 201 28.92 44.53 -2.42
C ASN F 201 28.97 45.06 -3.87
N PRO F 202 29.73 46.15 -4.13
CA PRO F 202 29.72 46.74 -5.49
C PRO F 202 30.65 45.99 -6.44
N ARG F 203 31.37 44.99 -5.94
CA ARG F 203 32.14 44.06 -6.75
C ARG F 203 31.22 43.05 -7.43
N ASN F 204 29.93 43.04 -7.08
CA ASN F 204 28.98 42.06 -7.62
C ASN F 204 28.22 42.68 -8.80
N HIS F 205 28.24 41.91 -9.89
CA HIS F 205 27.72 42.32 -11.19
C HIS F 205 26.57 41.39 -11.60
N PHE F 206 25.47 41.98 -12.03
CA PHE F 206 24.26 41.22 -12.36
C PHE F 206 23.87 41.50 -13.81
N ARG F 207 23.46 40.46 -14.53
CA ARG F 207 22.94 40.63 -15.88
C ARG F 207 21.80 39.64 -16.11
N CYS F 208 20.67 40.13 -16.63
N CYS F 208 20.70 40.12 -16.66
CA CYS F 208 19.72 39.21 -17.24
CA CYS F 208 19.68 39.28 -17.24
C CYS F 208 19.89 39.28 -18.76
C CYS F 208 19.88 39.29 -18.76
N GLN F 209 19.87 38.10 -19.35
CA GLN F 209 20.16 37.87 -20.76
C GLN F 209 18.92 37.24 -21.40
N VAL F 210 18.42 37.83 -22.47
CA VAL F 210 17.29 37.28 -23.21
C VAL F 210 17.77 36.82 -24.61
N GLN F 211 17.93 35.52 -24.79
CA GLN F 211 18.10 34.94 -26.10
C GLN F 211 16.79 35.07 -26.88
N PHE F 212 16.79 35.82 -27.98
CA PHE F 212 15.64 35.92 -28.86
C PHE F 212 15.86 35.02 -30.08
N TYR F 213 14.77 34.47 -30.60
CA TYR F 213 14.86 33.66 -31.80
C TYR F 213 13.96 34.29 -32.87
N GLY F 214 14.59 34.65 -33.99
CA GLY F 214 13.99 35.42 -35.06
C GLY F 214 14.52 35.01 -36.42
N LEU F 215 14.84 35.98 -37.26
CA LEU F 215 15.15 35.73 -38.65
C LEU F 215 16.60 35.28 -38.81
N SER F 216 16.89 34.71 -39.98
CA SER F 216 18.18 34.11 -40.26
C SER F 216 18.80 34.77 -41.50
N GLU F 217 19.98 34.25 -41.88
CA GLU F 217 20.64 34.54 -43.18
C GLU F 217 19.64 34.40 -44.34
N ASN F 218 18.75 33.39 -44.28
CA ASN F 218 17.83 33.06 -45.41
C ASN F 218 16.72 34.12 -45.57
N ASP F 219 16.42 34.91 -44.55
CA ASP F 219 15.24 35.75 -44.58
C ASP F 219 15.63 37.12 -45.17
N GLU F 220 14.82 37.64 -46.09
CA GLU F 220 15.24 38.79 -46.93
C GLU F 220 15.37 40.10 -46.15
N TRP F 221 14.27 40.69 -45.70
CA TRP F 221 14.18 41.94 -44.89
C TRP F 221 14.30 43.25 -45.69
N THR F 222 13.18 43.98 -45.71
CA THR F 222 12.96 45.08 -46.68
C THR F 222 12.98 46.45 -45.99
N GLN F 223 12.71 46.50 -44.68
CA GLN F 223 12.24 47.71 -43.99
C GLN F 223 13.41 48.45 -43.34
N ASP F 224 13.08 49.60 -42.68
CA ASP F 224 14.04 50.51 -42.06
C ASP F 224 14.24 50.24 -40.56
N ARG F 225 13.70 49.16 -40.00
CA ARG F 225 14.11 48.66 -38.66
C ARG F 225 15.36 47.79 -38.83
N ALA F 226 15.95 47.35 -37.72
CA ALA F 226 17.31 46.82 -37.75
C ALA F 226 17.41 45.50 -38.53
N LYS F 227 16.35 44.72 -38.57
CA LYS F 227 16.33 43.37 -39.09
C LYS F 227 16.40 42.44 -37.89
N PRO F 228 15.22 41.96 -37.43
CA PRO F 228 15.05 41.27 -36.15
C PRO F 228 15.60 39.83 -36.21
N VAL F 229 16.91 39.75 -36.20
CA VAL F 229 17.65 38.51 -36.27
C VAL F 229 17.66 37.84 -34.89
N THR F 230 17.95 36.55 -34.88
CA THR F 230 18.31 35.82 -33.67
C THR F 230 19.49 36.51 -33.00
N GLN F 231 19.32 36.89 -31.74
CA GLN F 231 20.28 37.74 -31.03
C GLN F 231 20.02 37.63 -29.52
N ILE F 232 20.99 38.12 -28.76
CA ILE F 232 20.88 38.27 -27.33
C ILE F 232 20.68 39.76 -27.01
N VAL F 233 19.80 40.01 -26.06
CA VAL F 233 19.63 41.34 -25.50
C VAL F 233 19.77 41.24 -23.99
N SER F 234 20.65 42.07 -23.43
CA SER F 234 21.02 41.98 -22.04
C SER F 234 20.71 43.29 -21.34
N ALA F 235 20.64 43.21 -20.01
CA ALA F 235 20.57 44.39 -19.17
C ALA F 235 21.33 44.07 -17.88
N GLU F 236 21.89 45.09 -17.25
CA GLU F 236 22.83 44.85 -16.15
C GLU F 236 22.57 45.86 -15.04
N ALA F 237 23.10 45.50 -13.87
CA ALA F 237 23.21 46.39 -12.73
C ALA F 237 24.38 45.95 -11.86
N TRP F 238 24.93 46.91 -11.12
CA TRP F 238 26.03 46.62 -10.20
C TRP F 238 25.53 46.74 -8.77
N GLY F 239 26.15 45.98 -7.86
CA GLY F 239 25.92 46.15 -6.41
C GLY F 239 26.22 47.57 -5.94
N ARG F 240 25.40 48.09 -5.01
CA ARG F 240 25.59 49.41 -4.40
C ARG F 240 25.40 49.28 -2.88
N ALA F 241 26.18 50.05 -2.09
CA ALA F 241 26.18 49.94 -0.61
C ALA F 241 25.34 51.05 0.03
N GLU G 2 28.09 -13.30 -11.94
CA GLU G 2 26.77 -13.12 -11.24
C GLU G 2 26.32 -14.47 -10.62
N LYS G 3 25.95 -14.40 -9.33
CA LYS G 3 25.25 -15.47 -8.63
C LYS G 3 23.95 -14.87 -8.06
N VAL G 4 22.89 -15.66 -8.08
CA VAL G 4 21.63 -15.29 -7.50
C VAL G 4 21.34 -16.31 -6.40
N GLU G 5 21.18 -15.86 -5.17
CA GLU G 5 20.91 -16.77 -4.06
C GLU G 5 19.41 -16.69 -3.72
N GLN G 6 18.83 -17.87 -3.52
CA GLN G 6 17.49 -18.04 -3.04
C GLN G 6 17.60 -18.66 -1.64
N HIS G 7 17.12 -17.94 -0.62
CA HIS G 7 17.38 -18.34 0.76
C HIS G 7 16.55 -19.55 1.16
N GLU G 8 15.26 -19.62 0.85
CA GLU G 8 14.42 -20.62 1.56
C GLU G 8 14.69 -22.08 1.14
N SER G 9 14.72 -22.48 -0.13
CA SER G 9 14.88 -23.96 -0.45
C SER G 9 13.58 -24.78 -0.32
N THR G 10 13.04 -25.03 0.86
CA THR G 10 11.77 -25.75 0.95
C THR G 10 10.83 -24.99 1.90
N LEU G 11 9.55 -24.95 1.54
CA LEU G 11 8.61 -24.05 2.19
C LEU G 11 7.24 -24.72 2.29
N SER G 12 6.85 -25.11 3.49
CA SER G 12 5.57 -25.81 3.70
C SER G 12 4.58 -24.90 4.44
N VAL G 13 3.41 -24.66 3.85
CA VAL G 13 2.50 -23.70 4.46
C VAL G 13 1.06 -24.18 4.33
N ARG G 14 0.22 -23.77 5.28
CA ARG G 14 -1.16 -24.17 5.29
CA ARG G 14 -1.17 -24.18 5.31
C ARG G 14 -1.98 -23.33 4.31
N GLU G 15 -2.94 -23.95 3.68
CA GLU G 15 -3.82 -23.25 2.77
C GLU G 15 -4.29 -21.97 3.45
N GLY G 16 -4.28 -20.89 2.71
CA GLY G 16 -4.81 -19.62 3.19
C GLY G 16 -3.74 -18.73 3.84
N ASP G 17 -2.62 -19.29 4.29
CA ASP G 17 -1.73 -18.36 4.92
C ASP G 17 -0.73 -17.83 3.88
N SER G 18 0.07 -16.86 4.34
CA SER G 18 0.94 -16.07 3.49
C SER G 18 2.34 -16.69 3.48
N ALA G 19 3.04 -16.48 2.35
CA ALA G 19 4.42 -17.02 2.19
C ALA G 19 5.35 -15.95 1.62
N VAL G 20 6.66 -16.08 1.94
CA VAL G 20 7.70 -15.30 1.28
C VAL G 20 8.83 -16.21 0.83
N ILE G 21 9.37 -15.79 -0.31
CA ILE G 21 10.65 -16.26 -0.78
C ILE G 21 11.57 -15.03 -0.94
N ASN G 22 12.79 -15.20 -0.45
CA ASN G 22 13.78 -14.16 -0.38
C ASN G 22 14.98 -14.53 -1.27
N CYS G 23 15.38 -13.57 -2.11
CA CYS G 23 16.52 -13.75 -2.98
C CYS G 23 17.50 -12.57 -2.84
N THR G 24 18.76 -12.87 -3.15
CA THR G 24 19.80 -11.84 -3.28
C THR G 24 20.56 -12.04 -4.58
N TYR G 25 21.14 -10.94 -5.06
CA TYR G 25 21.97 -10.97 -6.23
C TYR G 25 23.26 -10.18 -5.97
N THR G 26 24.32 -10.53 -6.70
CA THR G 26 25.68 -9.99 -6.43
C THR G 26 26.01 -8.86 -7.41
N ASP G 27 25.62 -9.03 -8.66
CA ASP G 27 26.14 -8.18 -9.70
C ASP G 27 25.20 -6.98 -9.83
N THR G 28 25.65 -5.85 -9.32
CA THR G 28 25.09 -4.59 -9.84
C THR G 28 25.63 -4.43 -11.26
N ALA G 29 24.90 -3.94 -12.25
CA ALA G 29 23.52 -3.62 -12.17
C ALA G 29 22.83 -4.60 -13.10
N SER G 30 22.62 -5.73 -12.49
CA SER G 30 21.39 -6.47 -12.69
C SER G 30 20.21 -5.48 -12.55
N SER G 31 19.27 -5.48 -13.47
CA SER G 31 18.19 -4.47 -13.46
C SER G 31 16.81 -5.06 -13.84
N TYR G 32 16.70 -6.38 -14.01
CA TYR G 32 15.45 -7.02 -14.34
C TYR G 32 15.41 -8.32 -13.54
N PHE G 33 14.29 -8.54 -12.85
CA PHE G 33 14.21 -9.57 -11.83
C PHE G 33 12.86 -10.29 -11.93
N PRO G 34 12.82 -11.33 -12.73
CA PRO G 34 11.59 -12.06 -12.97
C PRO G 34 11.49 -13.30 -12.07
N TRP G 35 10.29 -13.82 -11.93
CA TRP G 35 9.99 -15.00 -11.14
C TRP G 35 9.22 -16.00 -12.00
N TYR G 36 9.57 -17.26 -11.84
CA TYR G 36 8.97 -18.33 -12.63
C TYR G 36 8.53 -19.42 -11.65
N LYS G 37 7.48 -20.13 -12.01
CA LYS G 37 7.13 -21.30 -11.26
C LYS G 37 7.06 -22.53 -12.15
N GLN G 38 7.40 -23.67 -11.54
CA GLN G 38 7.39 -24.93 -12.18
C GLN G 38 6.57 -25.92 -11.34
N GLU G 39 5.31 -26.14 -11.77
CA GLU G 39 4.43 -27.17 -11.18
C GLU G 39 5.04 -28.54 -11.50
N ALA G 40 5.00 -29.46 -10.54
CA ALA G 40 5.67 -30.78 -10.72
C ALA G 40 5.34 -31.35 -12.12
N GLY G 41 6.39 -31.87 -12.77
CA GLY G 41 6.30 -32.50 -14.10
C GLY G 41 5.75 -31.56 -15.17
N LYS G 42 6.08 -30.28 -15.13
CA LYS G 42 5.62 -29.33 -16.16
C LYS G 42 6.73 -28.30 -16.44
N GLY G 43 6.42 -27.35 -17.32
CA GLY G 43 7.39 -26.35 -17.76
C GLY G 43 7.41 -25.15 -16.83
N LEU G 44 8.06 -24.08 -17.26
CA LEU G 44 8.21 -22.89 -16.44
C LEU G 44 7.18 -21.87 -16.90
N HIS G 45 6.41 -21.33 -15.95
CA HIS G 45 5.52 -20.24 -16.26
C HIS G 45 6.00 -18.99 -15.52
N PHE G 46 6.01 -17.91 -16.29
CA PHE G 46 6.25 -16.60 -15.75
C PHE G 46 5.14 -16.20 -14.78
N VAL G 47 5.50 -15.63 -13.64
CA VAL G 47 4.51 -15.18 -12.66
C VAL G 47 4.53 -13.65 -12.60
N ILE G 48 5.69 -13.06 -12.33
CA ILE G 48 5.75 -11.60 -12.10
C ILE G 48 7.21 -11.17 -12.16
N ASP G 49 7.43 -9.89 -12.46
CA ASP G 49 8.79 -9.38 -12.59
C ASP G 49 8.89 -8.01 -11.92
N ILE G 50 10.12 -7.54 -11.74
CA ILE G 50 10.33 -6.18 -11.32
C ILE G 50 11.64 -5.63 -11.92
N ARG G 51 11.62 -4.34 -12.21
CA ARG G 51 12.76 -3.62 -12.78
C ARG G 51 13.35 -2.66 -11.73
N SER G 52 14.49 -2.07 -12.11
CA SER G 52 15.30 -1.21 -11.25
C SER G 52 14.55 0.10 -10.95
N ASN G 53 14.60 0.51 -9.68
CA ASN G 53 13.96 1.78 -9.24
C ASN G 53 12.46 1.64 -8.99
N VAL G 54 11.83 0.56 -9.40
CA VAL G 54 10.55 0.18 -8.80
C VAL G 54 10.84 -0.54 -7.47
N ASP G 55 10.11 -0.20 -6.38
CA ASP G 55 10.41 -0.81 -5.09
C ASP G 55 9.38 -1.89 -4.78
N ARG G 56 8.20 -1.79 -5.35
CA ARG G 56 7.10 -2.67 -4.96
C ARG G 56 6.14 -2.80 -6.12
N LYS G 57 5.70 -4.00 -6.39
CA LYS G 57 4.77 -4.22 -7.47
C LYS G 57 3.80 -5.34 -7.06
N GLN G 58 2.54 -5.17 -7.42
CA GLN G 58 1.50 -6.11 -6.98
C GLN G 58 0.65 -6.59 -8.15
N SER G 59 0.41 -7.89 -8.19
CA SER G 59 -0.48 -8.44 -9.20
C SER G 59 -1.30 -9.57 -8.59
N GLN G 60 -2.63 -9.37 -8.52
CA GLN G 60 -3.54 -10.28 -7.82
C GLN G 60 -2.96 -10.55 -6.43
N ARG G 61 -2.72 -11.80 -6.09
CA ARG G 61 -2.28 -12.18 -4.77
C ARG G 61 -0.75 -12.22 -4.67
N LEU G 62 -0.04 -11.69 -5.66
CA LEU G 62 1.42 -11.71 -5.66
C LEU G 62 1.95 -10.30 -5.42
N ILE G 63 3.02 -10.20 -4.65
CA ILE G 63 3.75 -8.95 -4.48
C ILE G 63 5.25 -9.19 -4.59
N VAL G 64 5.97 -8.29 -5.28
CA VAL G 64 7.42 -8.34 -5.31
C VAL G 64 7.96 -7.03 -4.76
N LEU G 65 9.03 -7.16 -4.01
CA LEU G 65 9.81 -6.05 -3.51
C LEU G 65 11.22 -6.09 -4.10
N LEU G 66 11.78 -4.93 -4.32
CA LEU G 66 13.19 -4.82 -4.69
C LEU G 66 13.85 -3.74 -3.85
N ASP G 67 14.94 -4.12 -3.17
CA ASP G 67 15.87 -3.16 -2.60
C ASP G 67 17.21 -3.18 -3.35
N LYS G 68 17.47 -2.18 -4.19
CA LYS G 68 18.72 -2.12 -5.01
C LYS G 68 19.96 -1.92 -4.11
N LYS G 69 19.89 -0.98 -3.17
CA LYS G 69 21.02 -0.74 -2.28
C LYS G 69 21.44 -2.07 -1.65
N ALA G 70 20.52 -2.86 -1.14
CA ALA G 70 20.94 -4.04 -0.38
C ALA G 70 21.08 -5.25 -1.30
N LYS G 71 20.67 -5.08 -2.56
CA LYS G 71 20.66 -6.14 -3.58
C LYS G 71 19.87 -7.35 -3.06
N ARG G 72 18.61 -7.07 -2.70
CA ARG G 72 17.66 -8.06 -2.22
C ARG G 72 16.34 -7.86 -2.98
N PHE G 73 15.62 -8.96 -3.18
CA PHE G 73 14.29 -8.88 -3.74
C PHE G 73 13.50 -10.08 -3.23
N SER G 74 12.18 -9.97 -3.22
CA SER G 74 11.35 -11.04 -2.58
C SER G 74 10.00 -11.16 -3.28
N LEU G 75 9.47 -12.39 -3.23
CA LEU G 75 8.11 -12.68 -3.70
C LEU G 75 7.22 -13.00 -2.50
N HIS G 76 6.08 -12.34 -2.44
CA HIS G 76 5.12 -12.51 -1.35
C HIS G 76 3.81 -13.07 -1.92
N ILE G 77 3.33 -14.21 -1.38
CA ILE G 77 2.07 -14.77 -1.86
C ILE G 77 1.03 -14.71 -0.73
N THR G 78 -0.02 -13.92 -0.96
CA THR G 78 -1.08 -13.79 0.02
C THR G 78 -2.08 -14.93 -0.18
N ALA G 79 -2.57 -15.55 0.91
CA ALA G 79 -3.72 -16.40 0.80
C ALA G 79 -3.44 -17.58 -0.14
N THR G 80 -2.40 -18.33 0.18
CA THR G 80 -2.01 -19.42 -0.66
C THR G 80 -3.18 -20.40 -0.86
N GLN G 81 -3.24 -20.92 -2.08
CA GLN G 81 -4.11 -22.00 -2.50
C GLN G 81 -3.24 -23.22 -2.83
N PRO G 82 -3.82 -24.43 -2.89
CA PRO G 82 -2.90 -25.56 -3.22
C PRO G 82 -2.41 -25.53 -4.69
N GLU G 83 -3.10 -24.81 -5.55
CA GLU G 83 -2.69 -24.60 -6.94
C GLU G 83 -1.35 -23.87 -7.01
N ASP G 84 -1.03 -23.11 -5.98
CA ASP G 84 0.24 -22.41 -5.87
C ASP G 84 1.39 -23.36 -5.61
N SER G 85 1.14 -24.59 -5.14
CA SER G 85 2.24 -25.56 -4.90
C SER G 85 3.05 -25.73 -6.19
N ALA G 86 4.38 -25.65 -6.06
CA ALA G 86 5.29 -25.52 -7.23
C ALA G 86 6.71 -25.26 -6.74
N ILE G 87 7.66 -25.33 -7.66
CA ILE G 87 8.96 -24.74 -7.42
C ILE G 87 8.95 -23.31 -7.97
N TYR G 88 9.37 -22.35 -7.15
CA TYR G 88 9.47 -20.97 -7.58
C TYR G 88 10.94 -20.64 -7.78
N PHE G 89 11.23 -19.91 -8.84
CA PHE G 89 12.58 -19.52 -9.17
C PHE G 89 12.66 -18.00 -9.31
N CYS G 90 13.68 -17.39 -8.69
CA CYS G 90 13.99 -15.98 -8.97
C CYS G 90 15.17 -15.93 -9.96
N ALA G 91 15.27 -14.80 -10.67
CA ALA G 91 16.33 -14.63 -11.61
C ALA G 91 16.68 -13.15 -11.73
N ALA G 92 17.89 -12.91 -12.24
CA ALA G 92 18.38 -11.56 -12.43
C ALA G 92 19.06 -11.47 -13.79
N SER G 93 19.05 -10.27 -14.35
CA SER G 93 19.51 -10.06 -15.68
C SER G 93 20.08 -8.65 -15.80
N PRO G 94 21.30 -8.53 -16.36
CA PRO G 94 21.96 -7.22 -16.58
C PRO G 94 21.27 -6.33 -17.62
N SER G 95 21.70 -5.08 -17.76
CA SER G 95 21.17 -4.09 -18.76
C SER G 95 21.88 -2.73 -18.54
N ASN G 101 25.23 -10.19 -20.28
CA ASN G 101 25.05 -10.41 -21.72
C ASN G 101 23.55 -10.52 -22.08
N TYR G 102 22.66 -10.20 -21.14
CA TYR G 102 21.18 -10.15 -21.31
C TYR G 102 20.52 -11.53 -21.15
N LYS G 103 21.21 -12.44 -20.47
CA LYS G 103 20.68 -13.72 -20.11
C LYS G 103 20.17 -13.68 -18.66
N LEU G 104 19.43 -14.71 -18.28
CA LEU G 104 18.94 -14.83 -16.93
C LEU G 104 19.88 -15.71 -16.11
N THR G 105 20.21 -15.25 -14.92
CA THR G 105 20.83 -16.06 -13.93
C THR G 105 19.75 -16.44 -12.91
N PHE G 106 19.67 -17.73 -12.60
CA PHE G 106 18.58 -18.28 -11.85
C PHE G 106 19.06 -18.72 -10.47
N GLY G 107 18.17 -18.62 -9.48
CA GLY G 107 18.40 -19.27 -8.21
C GLY G 107 18.11 -20.76 -8.29
N LYS G 108 18.47 -21.48 -7.23
CA LYS G 108 18.36 -22.93 -7.22
C LYS G 108 16.90 -23.37 -7.07
N GLY G 109 16.00 -22.44 -6.77
CA GLY G 109 14.56 -22.74 -6.62
C GLY G 109 14.12 -22.89 -5.17
N THR G 110 12.85 -22.55 -4.91
CA THR G 110 12.19 -22.86 -3.65
C THR G 110 10.95 -23.74 -3.91
N LEU G 111 10.90 -24.91 -3.28
CA LEU G 111 9.73 -25.76 -3.35
C LEU G 111 8.69 -25.31 -2.33
N LEU G 112 7.54 -24.87 -2.83
CA LEU G 112 6.42 -24.47 -2.00
C LEU G 112 5.33 -25.54 -2.02
N THR G 113 5.04 -26.10 -0.86
CA THR G 113 3.87 -26.96 -0.67
C THR G 113 2.77 -26.25 0.12
N VAL G 114 1.59 -26.15 -0.45
CA VAL G 114 0.43 -25.60 0.24
C VAL G 114 -0.48 -26.77 0.64
N THR G 115 -0.49 -27.09 1.93
CA THR G 115 -1.25 -28.20 2.48
C THR G 115 -2.67 -27.75 2.85
N PRO G 116 -3.59 -28.71 2.94
CA PRO G 116 -4.99 -28.41 3.20
C PRO G 116 -5.28 -28.23 4.71
N ASN G 117 -6.31 -27.47 5.01
CA ASN G 117 -6.80 -27.28 6.39
C ASN G 117 -7.75 -28.42 6.77
N ILE G 118 -7.32 -29.36 7.59
CA ILE G 118 -8.20 -30.51 7.91
C ILE G 118 -9.19 -30.12 9.01
N GLN G 119 -10.46 -29.98 8.59
CA GLN G 119 -11.58 -29.50 9.42
C GLN G 119 -11.84 -30.48 10.57
N ASN G 120 -12.11 -31.75 10.26
CA ASN G 120 -12.43 -32.78 11.25
C ASN G 120 -11.43 -33.92 11.11
N PRO G 121 -10.31 -33.84 11.83
CA PRO G 121 -9.36 -34.96 11.76
C PRO G 121 -10.05 -36.28 12.16
N ASP G 122 -9.53 -37.41 11.69
CA ASP G 122 -10.10 -38.74 12.00
C ASP G 122 -9.04 -39.82 11.72
N PRO G 123 -7.84 -39.60 12.24
CA PRO G 123 -6.73 -40.45 11.87
C PRO G 123 -7.07 -41.92 12.08
N ALA G 124 -6.63 -42.74 11.14
CA ALA G 124 -7.02 -44.14 11.02
C ALA G 124 -6.02 -44.86 10.10
N VAL G 125 -5.79 -46.15 10.34
CA VAL G 125 -4.92 -46.96 9.47
C VAL G 125 -5.69 -48.21 9.04
N TYR G 126 -6.01 -48.30 7.76
CA TYR G 126 -6.85 -49.38 7.25
C TYR G 126 -6.01 -50.34 6.40
N GLN G 127 -6.45 -51.59 6.32
CA GLN G 127 -5.83 -52.57 5.45
C GLN G 127 -6.76 -52.80 4.24
N LEU G 128 -6.16 -52.92 3.07
CA LEU G 128 -6.91 -53.18 1.86
C LEU G 128 -6.16 -54.25 1.09
N SER G 137 -1.41 -57.10 -0.13
CA SER G 137 -2.26 -56.10 0.56
C SER G 137 -1.45 -54.84 0.90
N VAL G 138 -2.17 -53.79 1.27
CA VAL G 138 -1.56 -52.48 1.51
C VAL G 138 -2.17 -51.87 2.78
N CYS G 139 -1.36 -51.10 3.52
CA CYS G 139 -1.87 -50.30 4.64
C CYS G 139 -1.97 -48.81 4.28
N LEU G 140 -3.09 -48.21 4.65
CA LEU G 140 -3.44 -46.85 4.31
C LEU G 140 -3.64 -46.02 5.59
N PHE G 141 -2.74 -45.09 5.85
CA PHE G 141 -2.87 -44.10 6.91
C PHE G 141 -3.59 -42.89 6.33
N THR G 142 -4.71 -42.47 6.90
CA THR G 142 -5.57 -41.44 6.26
C THR G 142 -6.22 -40.55 7.32
N ASP G 143 -6.87 -39.49 6.83
CA ASP G 143 -7.73 -38.61 7.61
C ASP G 143 -6.93 -37.86 8.69
N PHE G 144 -5.60 -37.90 8.61
CA PHE G 144 -4.81 -37.30 9.68
C PHE G 144 -4.65 -35.80 9.42
N ASP G 145 -4.19 -35.08 10.43
CA ASP G 145 -4.16 -33.61 10.38
C ASP G 145 -2.91 -33.18 9.61
N SER G 146 -2.94 -32.00 8.99
CA SER G 146 -1.87 -31.58 8.07
C SER G 146 -0.53 -31.44 8.81
N GLN G 147 -0.57 -31.09 10.10
CA GLN G 147 0.65 -30.79 10.86
C GLN G 147 1.36 -32.11 11.25
N THR G 148 0.71 -33.26 11.05
CA THR G 148 1.32 -34.56 11.30
C THR G 148 2.23 -34.94 10.12
N ASN G 149 3.42 -35.46 10.41
CA ASN G 149 4.37 -35.88 9.34
C ASN G 149 4.58 -37.39 9.43
N VAL G 150 4.76 -38.00 8.26
CA VAL G 150 4.90 -39.44 8.08
C VAL G 150 6.39 -39.77 7.96
N SER G 151 6.85 -40.75 8.73
CA SER G 151 8.27 -41.05 8.91
C SER G 151 8.70 -42.24 8.03
N GLN G 152 9.96 -42.19 7.56
CA GLN G 152 10.50 -43.08 6.52
C GLN G 152 10.99 -44.38 7.16
N SER G 153 10.44 -45.48 6.67
CA SER G 153 10.74 -46.82 7.13
C SER G 153 12.11 -46.95 7.74
N LYS G 154 12.44 -48.17 8.12
CA LYS G 154 13.73 -48.48 8.72
C LYS G 154 14.51 -49.40 7.81
N ASP G 155 14.01 -49.61 6.60
CA ASP G 155 14.66 -50.47 5.60
C ASP G 155 14.40 -51.93 5.80
N SER G 156 13.53 -52.26 6.73
CA SER G 156 13.23 -53.65 6.98
C SER G 156 12.52 -54.28 5.81
N ASP G 157 12.63 -53.65 4.64
CA ASP G 157 11.99 -54.10 3.43
C ASP G 157 10.55 -53.63 3.45
N VAL G 158 10.37 -52.37 3.82
CA VAL G 158 9.00 -51.79 3.90
C VAL G 158 9.00 -50.40 3.22
N TYR G 159 7.98 -50.16 2.40
CA TYR G 159 7.85 -48.96 1.61
C TYR G 159 6.71 -48.09 2.14
N ILE G 160 6.89 -46.78 2.13
CA ILE G 160 6.08 -45.95 3.04
C ILE G 160 5.47 -44.69 2.41
N THR G 161 6.07 -43.98 1.44
CA THR G 161 5.46 -42.79 0.85
C THR G 161 5.60 -41.58 1.79
N ASP G 162 5.27 -40.44 1.19
CA ASP G 162 5.06 -39.16 1.82
C ASP G 162 3.55 -38.91 1.89
N LYS G 163 3.13 -37.91 2.67
CA LYS G 163 1.70 -37.54 2.72
C LYS G 163 1.33 -36.97 1.35
N CYS G 164 0.05 -36.98 1.05
CA CYS G 164 -0.46 -36.57 -0.23
C CYS G 164 -1.93 -36.14 -0.07
N VAL G 165 -2.34 -35.03 -0.66
CA VAL G 165 -3.65 -34.40 -0.37
C VAL G 165 -4.61 -34.58 -1.54
N LEU G 166 -5.82 -35.05 -1.27
CA LEU G 166 -6.85 -35.13 -2.34
C LEU G 166 -8.08 -34.31 -1.96
N ASP G 167 -8.85 -33.91 -2.96
CA ASP G 167 -9.97 -32.99 -2.76
C ASP G 167 -11.19 -33.56 -3.47
N MET G 168 -12.14 -34.06 -2.69
CA MET G 168 -13.44 -34.44 -3.20
C MET G 168 -14.26 -33.16 -3.36
N ARG G 169 -14.36 -32.67 -4.59
CA ARG G 169 -14.72 -31.27 -4.85
C ARG G 169 -16.17 -31.00 -4.40
N SER G 170 -17.08 -31.91 -4.66
CA SER G 170 -18.32 -32.01 -3.91
C SER G 170 -18.31 -33.40 -3.28
N MET G 171 -18.19 -33.53 -1.96
CA MET G 171 -18.77 -32.61 -0.97
C MET G 171 -17.69 -31.81 -0.23
N ASP G 172 -16.92 -31.01 -0.96
CA ASP G 172 -16.08 -29.93 -0.38
C ASP G 172 -15.16 -30.47 0.73
N PHE G 173 -14.49 -31.57 0.45
CA PHE G 173 -13.79 -32.34 1.47
C PHE G 173 -12.34 -32.58 1.04
N LYS G 174 -11.38 -32.31 1.91
CA LYS G 174 -9.98 -32.62 1.62
C LYS G 174 -9.47 -33.70 2.60
N SER G 175 -8.50 -34.50 2.19
CA SER G 175 -7.94 -35.52 3.11
C SER G 175 -6.47 -35.82 2.79
N ASN G 176 -5.69 -36.08 3.83
CA ASN G 176 -4.31 -36.55 3.71
C ASN G 176 -4.27 -38.08 3.69
N SER G 177 -3.20 -38.65 3.14
CA SER G 177 -3.06 -40.10 3.01
C SER G 177 -1.57 -40.46 2.89
N ALA G 178 -1.22 -41.64 3.38
CA ALA G 178 0.05 -42.28 3.05
C ALA G 178 -0.15 -43.79 2.98
N VAL G 179 0.61 -44.44 2.13
CA VAL G 179 0.43 -45.85 1.85
C VAL G 179 1.71 -46.59 2.24
N ALA G 180 1.58 -47.80 2.75
CA ALA G 180 2.73 -48.59 3.15
C ALA G 180 2.48 -50.06 2.83
N TRP G 181 3.58 -50.77 2.51
CA TRP G 181 3.63 -52.23 2.40
C TRP G 181 5.05 -52.73 2.72
N LEU H 3 2.84 -20.56 -27.77
CA LEU H 3 3.65 -19.66 -28.68
C LEU H 3 5.06 -20.22 -29.00
N LEU H 4 5.38 -21.45 -28.57
CA LEU H 4 6.62 -22.17 -28.92
C LEU H 4 6.28 -23.66 -28.88
N GLU H 5 6.61 -24.41 -29.92
CA GLU H 5 6.49 -25.89 -29.85
C GLU H 5 7.91 -26.47 -29.92
N GLN H 6 8.16 -27.48 -29.08
CA GLN H 6 9.43 -28.19 -29.03
C GLN H 6 9.18 -29.68 -29.27
N ASN H 7 9.93 -30.29 -30.19
CA ASN H 7 9.87 -31.74 -30.41
C ASN H 7 11.29 -32.32 -30.31
N PRO H 8 11.43 -33.55 -29.83
CA PRO H 8 10.39 -34.29 -29.12
C PRO H 8 10.17 -33.72 -27.71
N ARG H 9 9.24 -34.28 -26.94
CA ARG H 9 8.98 -33.78 -25.59
C ARG H 9 9.86 -34.58 -24.62
N TRP H 10 10.27 -35.77 -25.01
CA TRP H 10 11.04 -36.68 -24.16
C TRP H 10 11.99 -37.49 -25.05
N ARG H 11 13.03 -38.09 -24.46
CA ARG H 11 13.90 -39.02 -25.20
C ARG H 11 14.79 -39.83 -24.25
N LEU H 12 14.95 -41.13 -24.55
CA LEU H 12 15.94 -42.00 -23.92
C LEU H 12 17.21 -42.08 -24.81
N VAL H 13 18.37 -42.02 -24.15
CA VAL H 13 19.64 -42.14 -24.80
C VAL H 13 20.58 -43.00 -23.92
N PRO H 14 21.26 -43.97 -24.55
CA PRO H 14 22.45 -44.50 -23.87
C PRO H 14 23.59 -43.48 -23.97
N ARG H 15 24.56 -43.55 -23.05
CA ARG H 15 25.75 -42.71 -23.14
C ARG H 15 26.36 -42.89 -24.53
N GLY H 16 26.58 -41.80 -25.24
CA GLY H 16 27.23 -41.89 -26.55
C GLY H 16 26.28 -41.62 -27.69
N GLN H 17 24.98 -41.80 -27.48
CA GLN H 17 24.03 -41.35 -28.50
C GLN H 17 23.98 -39.82 -28.46
N ALA H 18 23.97 -39.17 -29.63
CA ALA H 18 23.68 -37.74 -29.69
C ALA H 18 22.19 -37.59 -29.98
N VAL H 19 21.68 -36.36 -30.01
CA VAL H 19 20.23 -36.13 -29.99
C VAL H 19 19.95 -34.78 -30.64
N ASN H 20 18.89 -34.72 -31.45
CA ASN H 20 18.51 -33.46 -32.07
C ASN H 20 17.20 -32.95 -31.49
N LEU H 21 17.15 -31.64 -31.22
CA LEU H 21 15.95 -30.99 -30.71
C LEU H 21 15.57 -29.84 -31.66
N ARG H 22 14.27 -29.65 -31.80
CA ARG H 22 13.71 -28.59 -32.62
C ARG H 22 12.84 -27.70 -31.72
N CYS H 23 12.80 -26.42 -32.06
CA CYS H 23 11.88 -25.51 -31.44
C CYS H 23 11.33 -24.57 -32.52
N ILE H 24 10.01 -24.59 -32.70
CA ILE H 24 9.37 -23.73 -33.70
C ILE H 24 8.70 -22.57 -32.97
N LEU H 25 9.06 -21.36 -33.39
CA LEU H 25 8.43 -20.16 -32.92
C LEU H 25 7.10 -19.99 -33.66
N LYS H 26 6.00 -19.77 -32.96
CA LYS H 26 4.67 -19.71 -33.61
C LYS H 26 4.13 -18.28 -33.59
N ASN H 27 4.98 -17.26 -33.38
CA ASN H 27 4.55 -15.87 -33.42
C ASN H 27 5.76 -14.98 -33.69
N SER H 28 5.70 -14.23 -34.79
CA SER H 28 6.86 -13.50 -35.31
C SER H 28 7.25 -12.29 -34.44
N GLN H 29 6.39 -11.90 -33.49
CA GLN H 29 6.66 -10.70 -32.68
C GLN H 29 7.78 -10.98 -31.66
N TYR H 30 8.06 -12.27 -31.36
CA TYR H 30 9.09 -12.65 -30.37
C TYR H 30 10.25 -13.40 -31.06
N PRO H 31 10.96 -12.72 -31.97
CA PRO H 31 12.02 -13.30 -32.80
C PRO H 31 13.27 -13.78 -32.05
N TRP H 32 13.58 -13.20 -30.88
CA TRP H 32 14.77 -13.61 -30.12
C TRP H 32 14.49 -14.94 -29.41
N MET H 33 15.27 -15.96 -29.74
CA MET H 33 15.05 -17.29 -29.24
C MET H 33 16.29 -17.74 -28.48
N SER H 34 16.10 -18.48 -27.39
CA SER H 34 17.21 -18.89 -26.53
C SER H 34 17.02 -20.34 -26.06
N TRP H 35 18.11 -20.96 -25.61
CA TRP H 35 18.11 -22.30 -25.01
C TRP H 35 18.57 -22.17 -23.56
N TYR H 36 17.89 -22.89 -22.66
CA TYR H 36 18.32 -23.02 -21.28
C TYR H 36 18.31 -24.51 -20.96
N GLN H 37 19.29 -24.94 -20.18
CA GLN H 37 19.27 -26.28 -19.69
C GLN H 37 18.80 -26.22 -18.24
N GLN H 38 18.17 -27.28 -17.79
CA GLN H 38 17.80 -27.43 -16.41
C GLN H 38 18.30 -28.81 -16.01
N ASP H 39 19.16 -28.86 -15.00
CA ASP H 39 19.80 -30.10 -14.62
C ASP H 39 18.86 -30.90 -13.72
N LEU H 40 19.35 -32.04 -13.24
CA LEU H 40 18.56 -32.95 -12.45
C LEU H 40 18.28 -32.35 -11.06
N GLN H 41 19.12 -31.43 -10.58
CA GLN H 41 18.86 -30.72 -9.32
C GLN H 41 17.96 -29.50 -9.57
N LYS H 42 17.46 -29.30 -10.79
CA LYS H 42 16.48 -28.27 -11.11
C LYS H 42 17.13 -26.91 -11.36
N GLN H 43 18.47 -26.83 -11.35
CA GLN H 43 19.13 -25.54 -11.63
C GLN H 43 19.11 -25.21 -13.12
N LEU H 44 18.63 -24.02 -13.43
CA LEU H 44 18.61 -23.50 -14.78
C LEU H 44 19.92 -22.77 -15.08
N GLN H 45 20.33 -22.89 -16.34
CA GLN H 45 21.55 -22.34 -16.90
C GLN H 45 21.28 -21.97 -18.37
N TRP H 46 21.56 -20.74 -18.71
CA TRP H 46 21.46 -20.26 -20.09
C TRP H 46 22.56 -20.87 -20.97
N LEU H 47 22.24 -21.18 -22.22
CA LEU H 47 23.19 -21.71 -23.21
C LEU H 47 23.42 -20.70 -24.33
N PHE H 48 22.37 -20.34 -25.07
CA PHE H 48 22.53 -19.46 -26.22
C PHE H 48 21.30 -18.58 -26.43
N THR H 49 21.53 -17.49 -27.17
CA THR H 49 20.49 -16.68 -27.75
C THR H 49 20.85 -16.39 -29.22
N LEU H 50 20.01 -16.77 -30.17
CA LEU H 50 20.31 -16.64 -31.59
C LEU H 50 19.19 -15.85 -32.27
N ARG H 51 19.51 -14.70 -32.86
CA ARG H 51 18.47 -13.84 -33.43
C ARG H 51 18.19 -14.20 -34.90
N SER H 52 19.23 -14.18 -35.74
CA SER H 52 19.06 -14.18 -37.21
C SER H 52 19.20 -15.60 -37.77
N PRO H 53 18.52 -15.87 -38.91
CA PRO H 53 18.73 -17.17 -39.57
C PRO H 53 20.20 -17.29 -40.00
N GLY H 54 20.77 -18.48 -39.82
CA GLY H 54 22.16 -18.70 -40.19
C GLY H 54 23.09 -18.61 -39.01
N ASP H 55 22.66 -17.99 -37.91
CA ASP H 55 23.50 -17.94 -36.70
C ASP H 55 23.65 -19.37 -36.14
N LYS H 56 24.87 -19.75 -35.78
CA LYS H 56 25.15 -21.01 -35.10
C LYS H 56 26.20 -20.74 -34.01
N GLU H 57 26.21 -21.59 -32.98
CA GLU H 57 27.14 -21.45 -31.86
C GLU H 57 27.34 -22.83 -31.21
N VAL H 58 28.46 -22.98 -30.52
CA VAL H 58 28.82 -24.20 -29.85
C VAL H 58 29.14 -23.84 -28.40
N LYS H 59 28.99 -24.79 -27.50
CA LYS H 59 29.22 -24.55 -26.09
C LYS H 59 29.30 -25.89 -25.37
N SER H 60 30.23 -25.98 -24.43
CA SER H 60 30.47 -27.22 -23.71
C SER H 60 30.33 -26.97 -22.21
N LEU H 61 29.49 -27.74 -21.55
CA LEU H 61 29.27 -27.63 -20.13
C LEU H 61 29.51 -29.02 -19.54
N PRO H 62 29.63 -29.11 -18.23
CA PRO H 62 29.58 -30.43 -17.63
C PRO H 62 28.12 -30.90 -17.58
N GLY H 63 27.82 -32.17 -17.83
CA GLY H 63 28.41 -33.01 -18.86
C GLY H 63 27.44 -33.15 -20.03
N ALA H 64 27.57 -32.21 -20.97
CA ALA H 64 26.90 -32.26 -22.24
C ALA H 64 27.55 -31.22 -23.17
N ASP H 65 27.61 -31.52 -24.48
CA ASP H 65 28.13 -30.55 -25.46
C ASP H 65 26.99 -30.16 -26.40
N TYR H 66 26.94 -28.89 -26.75
CA TYR H 66 25.79 -28.32 -27.43
C TYR H 66 26.22 -27.59 -28.70
N LEU H 67 25.53 -27.86 -29.79
CA LEU H 67 25.61 -27.02 -30.95
C LEU H 67 24.19 -26.55 -31.29
N ALA H 68 24.06 -25.25 -31.45
CA ALA H 68 22.76 -24.67 -31.64
C ALA H 68 22.78 -23.90 -32.96
N THR H 69 21.63 -23.85 -33.62
CA THR H 69 21.55 -23.21 -34.92
C THR H 69 20.15 -22.65 -35.15
N ARG H 70 20.09 -21.36 -35.42
CA ARG H 70 18.87 -20.73 -35.87
C ARG H 70 18.74 -20.93 -37.39
N VAL H 71 17.96 -21.92 -37.81
CA VAL H 71 17.90 -22.22 -39.24
C VAL H 71 17.04 -21.17 -39.95
N THR H 72 15.78 -20.98 -39.55
CA THR H 72 14.89 -19.99 -40.22
C THR H 72 14.43 -18.97 -39.17
N ASP H 73 13.66 -17.98 -39.60
CA ASP H 73 13.18 -16.96 -38.64
C ASP H 73 12.17 -17.60 -37.66
N THR H 74 11.79 -18.86 -37.84
CA THR H 74 10.85 -19.49 -36.91
C THR H 74 11.33 -20.88 -36.46
N GLU H 75 12.57 -21.25 -36.74
CA GLU H 75 13.01 -22.60 -36.36
C GLU H 75 14.40 -22.50 -35.72
N LEU H 76 14.54 -23.19 -34.58
CA LEU H 76 15.80 -23.23 -33.85
C LEU H 76 16.08 -24.70 -33.51
N ARG H 77 17.30 -25.12 -33.78
CA ARG H 77 17.67 -26.52 -33.58
C ARG H 77 18.77 -26.60 -32.52
N LEU H 78 18.89 -27.76 -31.89
CA LEU H 78 19.95 -27.99 -30.92
C LEU H 78 20.40 -29.45 -31.00
N GLN H 79 21.71 -29.63 -31.09
CA GLN H 79 22.29 -30.93 -31.06
C GLN H 79 22.95 -31.09 -29.70
N VAL H 80 22.72 -32.22 -29.06
CA VAL H 80 23.23 -32.47 -27.73
C VAL H 80 24.08 -33.72 -27.81
N ALA H 81 25.35 -33.64 -27.44
CA ALA H 81 26.22 -34.80 -27.53
C ALA H 81 27.05 -34.96 -26.26
N ASN H 82 27.51 -36.18 -26.06
CA ASN H 82 28.44 -36.53 -24.97
C ASN H 82 27.76 -36.28 -23.63
N MET H 83 26.59 -36.88 -23.44
CA MET H 83 25.82 -36.67 -22.22
C MET H 83 26.21 -37.71 -21.16
N SER H 84 26.82 -37.26 -20.08
CA SER H 84 27.06 -38.11 -18.91
C SER H 84 25.76 -38.20 -18.10
N GLN H 85 25.28 -37.02 -17.69
CA GLN H 85 24.08 -36.88 -16.84
C GLN H 85 22.95 -36.30 -17.70
N GLY H 86 21.71 -36.77 -17.40
CA GLY H 86 20.47 -36.33 -18.07
C GLY H 86 20.10 -34.88 -17.75
N ARG H 87 19.19 -34.29 -18.53
CA ARG H 87 18.84 -32.90 -18.34
C ARG H 87 17.60 -32.55 -19.17
N THR H 88 17.12 -31.34 -19.01
CA THR H 88 15.89 -30.89 -19.66
C THR H 88 16.17 -29.54 -20.30
N LEU H 89 15.60 -29.33 -21.45
CA LEU H 89 16.08 -28.27 -22.29
C LEU H 89 14.91 -27.39 -22.72
N TYR H 90 14.98 -26.12 -22.35
CA TYR H 90 13.88 -25.22 -22.61
C TYR H 90 14.32 -24.25 -23.69
N CYS H 91 13.42 -24.08 -24.64
CA CYS H 91 13.50 -23.06 -25.64
C CYS H 91 12.75 -21.84 -25.11
N THR H 92 13.28 -20.65 -25.22
CA THR H 92 12.51 -19.45 -24.81
C THR H 92 12.41 -18.50 -25.99
N CYS H 93 11.44 -17.59 -25.95
CA CYS H 93 11.38 -16.50 -26.92
C CYS H 93 11.06 -15.17 -26.22
N SER H 94 11.40 -14.08 -26.90
CA SER H 94 11.42 -12.74 -26.32
C SER H 94 11.39 -11.68 -27.45
N ALA H 95 11.05 -10.43 -27.16
CA ALA H 95 11.06 -9.37 -28.17
C ALA H 95 12.32 -8.49 -28.09
N TYR H 99 15.10 -8.91 -20.90
CA TYR H 99 13.94 -8.99 -21.81
C TYR H 99 13.00 -10.14 -21.40
N GLU H 100 11.70 -9.85 -21.19
CA GLU H 100 10.74 -10.86 -20.67
C GLU H 100 10.84 -12.13 -21.53
N GLN H 101 11.08 -13.29 -20.91
CA GLN H 101 11.33 -14.51 -21.66
C GLN H 101 10.20 -15.51 -21.41
N TYR H 102 9.47 -15.90 -22.46
CA TYR H 102 8.44 -16.97 -22.35
C TYR H 102 9.09 -18.33 -22.63
N PHE H 103 9.01 -19.24 -21.68
CA PHE H 103 9.62 -20.58 -21.78
C PHE H 103 8.68 -21.57 -22.48
N GLY H 104 9.18 -22.26 -23.50
CA GLY H 104 8.47 -23.38 -24.08
C GLY H 104 8.33 -24.57 -23.13
N PRO H 105 7.69 -25.64 -23.63
CA PRO H 105 7.27 -26.81 -22.85
C PRO H 105 8.42 -27.74 -22.46
N GLY H 106 9.54 -27.62 -23.17
CA GLY H 106 10.78 -28.32 -22.79
C GLY H 106 10.88 -29.73 -23.36
N THR H 107 12.11 -30.18 -23.51
CA THR H 107 12.42 -31.50 -23.93
C THR H 107 13.22 -32.21 -22.84
N ARG H 108 12.80 -33.38 -22.39
CA ARG H 108 13.50 -34.06 -21.30
C ARG H 108 14.40 -35.15 -21.89
N LEU H 109 15.65 -35.14 -21.49
CA LEU H 109 16.58 -36.17 -21.91
C LEU H 109 16.95 -37.00 -20.67
N THR H 110 16.80 -38.32 -20.77
CA THR H 110 17.36 -39.20 -19.73
C THR H 110 18.48 -40.05 -20.33
N VAL H 111 19.48 -40.32 -19.51
CA VAL H 111 20.65 -41.01 -19.97
C VAL H 111 20.79 -42.27 -19.13
N LEU H 112 21.07 -43.40 -19.76
CA LEU H 112 21.31 -44.64 -19.03
C LEU H 112 22.67 -45.22 -19.42
N GLU H 113 23.41 -45.73 -18.43
CA GLU H 113 24.56 -46.55 -18.70
C GLU H 113 24.11 -47.74 -19.56
N ASP H 114 23.29 -48.58 -18.95
CA ASP H 114 22.86 -49.86 -19.51
C ASP H 114 21.39 -49.75 -19.90
N LEU H 115 21.04 -50.24 -21.09
CA LEU H 115 19.64 -50.32 -21.42
C LEU H 115 19.05 -51.63 -20.88
N LYS H 116 19.90 -52.52 -20.40
CA LYS H 116 19.43 -53.82 -19.88
C LYS H 116 18.50 -53.63 -18.67
N ASN H 117 18.59 -52.49 -17.98
CA ASN H 117 17.89 -52.30 -16.70
C ASN H 117 16.65 -51.40 -16.86
N VAL H 118 16.16 -51.22 -18.09
CA VAL H 118 14.87 -50.60 -18.31
C VAL H 118 13.76 -51.64 -18.05
N PHE H 119 12.79 -51.30 -17.21
CA PHE H 119 11.62 -52.14 -17.03
C PHE H 119 10.34 -51.28 -16.98
N PRO H 120 9.23 -51.84 -17.47
CA PRO H 120 7.95 -51.17 -17.37
C PRO H 120 7.36 -51.45 -15.98
N PRO H 121 6.32 -50.70 -15.62
CA PRO H 121 5.70 -50.89 -14.33
C PRO H 121 4.72 -52.07 -14.32
N GLU H 122 4.64 -52.75 -13.19
CA GLU H 122 3.50 -53.59 -12.85
C GLU H 122 2.49 -52.73 -12.07
N VAL H 123 1.20 -52.92 -12.33
CA VAL H 123 0.18 -52.06 -11.76
C VAL H 123 -0.88 -52.91 -11.05
N ALA H 124 -1.22 -52.54 -9.83
CA ALA H 124 -2.24 -53.22 -9.05
C ALA H 124 -3.16 -52.19 -8.39
N VAL H 125 -4.45 -52.50 -8.32
CA VAL H 125 -5.39 -51.66 -7.61
C VAL H 125 -5.81 -52.39 -6.33
N PHE H 126 -5.91 -51.66 -5.22
CA PHE H 126 -6.33 -52.24 -3.95
C PHE H 126 -7.69 -51.64 -3.57
N GLU H 127 -8.61 -52.51 -3.19
CA GLU H 127 -10.00 -52.12 -3.03
C GLU H 127 -10.19 -51.59 -1.59
N PRO H 128 -11.11 -50.64 -1.42
CA PRO H 128 -11.44 -50.02 -0.14
C PRO H 128 -11.58 -51.03 1.00
N SER H 129 -11.04 -50.71 2.18
CA SER H 129 -11.34 -51.44 3.43
C SER H 129 -12.83 -51.32 3.79
N GLU H 130 -13.40 -52.40 4.31
CA GLU H 130 -14.80 -52.38 4.74
C GLU H 130 -14.88 -51.55 6.02
N ALA H 131 -13.88 -51.70 6.88
CA ALA H 131 -13.73 -50.88 8.10
C ALA H 131 -13.84 -49.39 7.76
N GLU H 132 -13.13 -48.96 6.72
CA GLU H 132 -13.09 -47.55 6.37
C GLU H 132 -14.46 -47.11 5.83
N ILE H 133 -15.18 -47.99 5.16
CA ILE H 133 -16.49 -47.60 4.61
C ILE H 133 -17.48 -47.40 5.76
N SER H 134 -17.45 -48.29 6.75
CA SER H 134 -18.33 -48.21 7.92
C SER H 134 -18.01 -46.96 8.74
N HIS H 135 -16.72 -46.73 8.98
CA HIS H 135 -16.25 -45.67 9.89
C HIS H 135 -16.38 -44.27 9.29
N THR H 136 -16.24 -44.11 7.97
CA THR H 136 -16.18 -42.78 7.37
C THR H 136 -17.24 -42.56 6.29
N GLN H 137 -17.89 -43.61 5.81
CA GLN H 137 -18.82 -43.51 4.66
C GLN H 137 -18.07 -42.97 3.43
N LYS H 138 -16.82 -43.41 3.29
CA LYS H 138 -15.96 -43.03 2.16
C LYS H 138 -15.05 -44.22 1.81
N ALA H 139 -14.68 -44.27 0.53
CA ALA H 139 -13.92 -45.38 0.02
C ALA H 139 -12.71 -44.88 -0.78
N THR H 140 -11.54 -45.36 -0.37
CA THR H 140 -10.30 -45.00 -1.03
C THR H 140 -9.77 -46.24 -1.76
N LEU H 141 -9.67 -46.14 -3.09
CA LEU H 141 -8.84 -47.05 -3.86
C LEU H 141 -7.39 -46.55 -3.83
N VAL H 142 -6.46 -47.51 -3.76
CA VAL H 142 -5.05 -47.24 -3.91
C VAL H 142 -4.55 -47.92 -5.18
N CYS H 143 -3.62 -47.27 -5.87
CA CYS H 143 -2.97 -47.79 -7.07
C CYS H 143 -1.47 -47.86 -6.83
N LEU H 144 -0.84 -49.00 -7.12
CA LEU H 144 0.62 -49.16 -6.95
C LEU H 144 1.26 -49.47 -8.31
N ALA H 145 2.05 -48.55 -8.86
CA ALA H 145 2.94 -48.87 -9.98
C ALA H 145 4.33 -49.23 -9.45
N THR H 146 4.76 -50.47 -9.62
CA THR H 146 6.02 -50.94 -9.02
C THR H 146 6.99 -51.42 -10.10
N GLY H 147 8.25 -51.50 -9.71
CA GLY H 147 9.30 -52.20 -10.45
C GLY H 147 9.70 -51.51 -11.76
N PHE H 148 9.55 -50.20 -11.90
CA PHE H 148 9.80 -49.57 -13.21
C PHE H 148 11.12 -48.76 -13.17
N TYR H 149 11.70 -48.60 -14.37
CA TYR H 149 12.93 -47.87 -14.55
C TYR H 149 13.08 -47.50 -16.04
N PRO H 150 13.50 -46.30 -16.37
CA PRO H 150 13.71 -45.20 -15.43
C PRO H 150 12.39 -44.62 -14.89
N ASP H 151 12.48 -43.51 -14.13
CA ASP H 151 11.34 -42.81 -13.55
C ASP H 151 10.59 -41.98 -14.61
N HIS H 152 9.99 -42.60 -15.60
CA HIS H 152 9.18 -41.87 -16.57
C HIS H 152 7.76 -42.43 -16.58
N VAL H 153 6.92 -42.10 -15.60
CA VAL H 153 5.53 -42.58 -15.66
C VAL H 153 4.58 -41.40 -15.48
N GLU H 154 3.36 -41.53 -16.01
CA GLU H 154 2.25 -40.59 -15.79
C GLU H 154 1.02 -41.41 -15.41
N LEU H 155 0.63 -41.37 -14.14
CA LEU H 155 -0.49 -42.15 -13.61
C LEU H 155 -1.78 -41.34 -13.68
N SER H 156 -2.87 -41.97 -14.05
CA SER H 156 -4.18 -41.29 -14.11
C SER H 156 -5.28 -42.24 -13.65
N TRP H 157 -6.43 -41.69 -13.25
CA TRP H 157 -7.57 -42.50 -12.78
C TRP H 157 -8.74 -42.32 -13.74
N TRP H 158 -9.40 -43.43 -14.04
CA TRP H 158 -10.53 -43.46 -14.98
C TRP H 158 -11.73 -44.15 -14.32
N VAL H 159 -12.85 -43.44 -14.35
CA VAL H 159 -14.07 -43.91 -13.72
C VAL H 159 -15.16 -43.96 -14.79
N ASN H 160 -15.65 -45.17 -15.05
CA ASN H 160 -16.63 -45.46 -16.12
C ASN H 160 -16.17 -44.80 -17.42
N GLY H 161 -14.89 -44.98 -17.79
CA GLY H 161 -14.39 -44.56 -19.10
C GLY H 161 -14.05 -43.08 -19.21
N LYS H 162 -14.35 -42.26 -18.21
CA LYS H 162 -13.89 -40.86 -18.22
C LYS H 162 -12.78 -40.69 -17.18
N GLU H 163 -11.84 -39.79 -17.47
CA GLU H 163 -10.75 -39.47 -16.54
C GLU H 163 -11.29 -38.56 -15.43
N VAL H 164 -10.84 -38.78 -14.19
CA VAL H 164 -11.28 -38.00 -13.01
C VAL H 164 -10.06 -37.33 -12.39
N HIS H 165 -10.27 -36.14 -11.84
CA HIS H 165 -9.22 -35.43 -11.08
C HIS H 165 -9.67 -35.28 -9.63
N SER H 166 -10.95 -34.96 -9.42
CA SER H 166 -11.58 -34.97 -8.10
C SER H 166 -11.31 -36.30 -7.37
N GLY H 167 -10.84 -36.18 -6.14
CA GLY H 167 -10.71 -37.31 -5.26
C GLY H 167 -9.36 -37.97 -5.39
N VAL H 168 -8.49 -37.41 -6.22
CA VAL H 168 -7.26 -38.10 -6.59
C VAL H 168 -6.07 -37.43 -5.92
N CYS H 169 -5.08 -38.23 -5.56
CA CYS H 169 -3.77 -37.67 -5.27
C CYS H 169 -2.71 -38.73 -5.58
N THR H 170 -1.75 -38.34 -6.38
CA THR H 170 -0.62 -39.20 -6.78
C THR H 170 0.64 -38.71 -6.04
N ASP H 171 1.48 -39.62 -5.56
CA ASP H 171 2.77 -39.22 -4.99
C ASP H 171 3.46 -38.25 -5.95
N PRO H 172 4.08 -37.20 -5.42
CA PRO H 172 4.79 -36.31 -6.32
C PRO H 172 6.12 -36.92 -6.80
N GLN H 173 6.75 -37.77 -5.98
CA GLN H 173 8.05 -38.39 -6.28
C GLN H 173 7.93 -39.91 -6.08
N PRO H 174 8.37 -40.71 -7.06
CA PRO H 174 8.49 -42.14 -6.86
C PRO H 174 9.60 -42.46 -5.87
N LEU H 175 9.51 -43.56 -5.15
CA LEU H 175 10.58 -43.95 -4.21
C LEU H 175 11.32 -45.19 -4.73
N LYS H 176 12.56 -45.34 -4.30
CA LYS H 176 13.46 -46.37 -4.82
C LYS H 176 13.22 -47.68 -4.05
N GLU H 177 13.05 -48.79 -4.78
CA GLU H 177 12.74 -50.08 -4.15
C GLU H 177 13.95 -50.59 -3.36
N GLN H 178 15.15 -50.43 -3.93
CA GLN H 178 16.40 -50.81 -3.27
C GLN H 178 17.28 -49.57 -3.12
N PRO H 179 17.04 -48.72 -2.10
CA PRO H 179 17.70 -47.40 -2.06
C PRO H 179 19.24 -47.46 -2.13
N ALA H 180 19.84 -48.60 -1.79
CA ALA H 180 21.30 -48.82 -1.86
C ALA H 180 21.82 -48.75 -3.32
N LEU H 181 21.17 -49.47 -4.23
CA LEU H 181 21.66 -49.64 -5.63
C LEU H 181 21.66 -48.31 -6.39
N ASN H 182 22.55 -48.19 -7.37
CA ASN H 182 22.62 -47.02 -8.25
C ASN H 182 21.42 -47.03 -9.21
N ASP H 183 21.08 -48.18 -9.79
CA ASP H 183 20.12 -48.27 -10.93
C ASP H 183 18.83 -48.98 -10.46
N SER H 184 18.25 -48.51 -9.36
CA SER H 184 17.44 -49.35 -8.43
C SER H 184 16.09 -49.85 -8.98
N ARG H 185 15.31 -48.97 -9.59
CA ARG H 185 13.97 -49.29 -10.05
C ARG H 185 12.98 -48.79 -8.99
N TYR H 186 11.93 -48.16 -9.51
CA TYR H 186 11.17 -47.18 -8.76
C TYR H 186 9.78 -47.73 -8.42
N CYS H 187 9.04 -46.95 -7.63
CA CYS H 187 7.65 -47.25 -7.34
C CYS H 187 6.89 -45.99 -6.91
N LEU H 188 5.60 -45.99 -7.23
CA LEU H 188 4.74 -44.83 -7.11
C LEU H 188 3.35 -45.28 -6.67
N SER H 189 2.71 -44.52 -5.81
CA SER H 189 1.36 -44.86 -5.39
C SER H 189 0.40 -43.72 -5.73
N SER H 190 -0.88 -44.02 -5.77
CA SER H 190 -1.88 -43.01 -5.98
C SER H 190 -3.15 -43.41 -5.24
N ARG H 191 -4.04 -42.46 -4.98
CA ARG H 191 -5.28 -42.78 -4.30
C ARG H 191 -6.42 -42.03 -5.00
N LEU H 192 -7.55 -42.72 -5.12
CA LEU H 192 -8.80 -42.14 -5.56
C LEU H 192 -9.83 -42.39 -4.46
N ARG H 193 -10.49 -41.32 -4.02
CA ARG H 193 -11.45 -41.45 -2.96
C ARG H 193 -12.83 -41.04 -3.47
N VAL H 194 -13.80 -41.89 -3.16
CA VAL H 194 -15.17 -41.65 -3.55
C VAL H 194 -16.07 -41.89 -2.35
N SER H 195 -17.32 -41.44 -2.50
CA SER H 195 -18.36 -41.72 -1.49
C SER H 195 -18.57 -43.24 -1.43
N ALA H 196 -18.93 -43.78 -0.26
CA ALA H 196 -19.09 -45.23 -0.14
C ALA H 196 -20.31 -45.71 -0.94
N THR H 197 -21.31 -44.86 -1.07
CA THR H 197 -22.51 -45.18 -1.86
C THR H 197 -22.07 -45.46 -3.32
N PHE H 198 -21.15 -44.66 -3.83
CA PHE H 198 -20.68 -44.75 -5.23
C PHE H 198 -19.80 -46.00 -5.42
N TRP H 199 -18.99 -46.32 -4.43
CA TRP H 199 -18.17 -47.51 -4.49
C TRP H 199 -19.05 -48.75 -4.47
N GLN H 200 -20.20 -48.66 -3.81
CA GLN H 200 -20.98 -49.84 -3.49
C GLN H 200 -21.89 -50.24 -4.66
N ASN H 201 -22.10 -49.32 -5.61
CA ASN H 201 -22.79 -49.61 -6.86
C ASN H 201 -21.87 -50.45 -7.77
N PRO H 202 -22.30 -51.69 -8.13
CA PRO H 202 -21.41 -52.56 -8.91
C PRO H 202 -21.43 -52.23 -10.41
N ARG H 203 -22.26 -51.25 -10.81
CA ARG H 203 -22.22 -50.68 -12.15
C ARG H 203 -20.99 -49.77 -12.32
N ASN H 204 -20.29 -49.46 -11.24
CA ASN H 204 -19.21 -48.48 -11.28
C ASN H 204 -17.86 -49.18 -11.44
N HIS H 205 -17.10 -48.68 -12.41
CA HIS H 205 -15.85 -49.27 -12.88
C HIS H 205 -14.69 -48.29 -12.63
N PHE H 206 -13.61 -48.79 -12.04
CA PHE H 206 -12.46 -47.96 -11.68
C PHE H 206 -11.20 -48.52 -12.36
N ARG H 207 -10.37 -47.65 -12.91
CA ARG H 207 -9.10 -48.07 -13.53
C ARG H 207 -8.02 -47.03 -13.23
N CYS H 208 -6.86 -47.47 -12.74
CA CYS H 208 -5.69 -46.58 -12.81
C CYS H 208 -4.81 -47.03 -13.98
N GLN H 209 -4.34 -46.04 -14.72
CA GLN H 209 -3.62 -46.18 -15.97
C GLN H 209 -2.23 -45.56 -15.82
N VAL H 210 -1.17 -46.30 -16.11
CA VAL H 210 0.20 -45.80 -15.99
C VAL H 210 0.85 -45.77 -17.38
N GLN H 211 0.96 -44.59 -17.97
CA GLN H 211 1.75 -44.39 -19.17
C GLN H 211 3.24 -44.52 -18.81
N PHE H 212 3.93 -45.51 -19.37
CA PHE H 212 5.37 -45.67 -19.18
C PHE H 212 6.09 -45.14 -20.42
N TYR H 213 7.29 -44.60 -20.21
CA TYR H 213 8.09 -44.13 -21.32
C TYR H 213 9.43 -44.89 -21.31
N GLY H 214 9.68 -45.59 -22.42
CA GLY H 214 10.82 -46.49 -22.55
C GLY H 214 11.36 -46.51 -23.97
N LEU H 215 11.61 -47.70 -24.48
CA LEU H 215 12.32 -47.85 -25.74
C LEU H 215 11.38 -47.64 -26.94
N SER H 216 12.01 -47.42 -28.10
CA SER H 216 11.28 -47.16 -29.33
C SER H 216 11.63 -48.23 -30.38
N ASP H 219 15.27 -48.64 -31.47
CA ASP H 219 16.31 -48.97 -30.51
C ASP H 219 16.46 -50.50 -30.43
N GLU H 220 17.69 -51.01 -30.48
CA GLU H 220 17.95 -52.45 -30.55
C GLU H 220 17.61 -53.06 -29.18
N TRP H 221 17.39 -54.35 -29.15
CA TRP H 221 17.07 -55.08 -27.91
C TRP H 221 17.48 -56.55 -28.06
N THR H 222 18.25 -57.05 -27.10
CA THR H 222 18.43 -58.49 -26.85
C THR H 222 17.44 -58.97 -25.78
N GLN H 223 16.84 -60.13 -26.03
CA GLN H 223 15.68 -60.65 -25.28
C GLN H 223 16.13 -61.53 -24.09
N ASP H 224 15.29 -62.48 -23.66
CA ASP H 224 15.25 -62.98 -22.28
C ASP H 224 13.93 -62.51 -21.65
N ARG H 225 13.56 -61.25 -21.87
CA ARG H 225 12.29 -60.67 -21.42
C ARG H 225 11.75 -59.75 -22.51
N ALA H 226 10.53 -59.25 -22.32
CA ALA H 226 9.91 -58.40 -23.33
C ALA H 226 10.67 -57.07 -23.43
N LYS H 227 10.86 -56.63 -24.67
CA LYS H 227 11.43 -55.31 -24.95
C LYS H 227 10.57 -54.23 -24.27
N PRO H 228 11.14 -53.52 -23.26
CA PRO H 228 10.40 -52.54 -22.41
C PRO H 228 10.09 -51.25 -23.17
N VAL H 229 9.12 -51.35 -24.06
CA VAL H 229 8.75 -50.27 -24.95
C VAL H 229 7.83 -49.30 -24.19
N THR H 230 7.70 -48.10 -24.75
CA THR H 230 6.67 -47.15 -24.34
C THR H 230 5.29 -47.82 -24.46
N GLN H 231 4.54 -47.82 -23.35
CA GLN H 231 3.31 -48.60 -23.26
C GLN H 231 2.47 -48.06 -22.08
N ILE H 232 1.21 -48.47 -22.07
CA ILE H 232 0.32 -48.26 -20.94
C ILE H 232 0.16 -49.57 -20.17
N VAL H 233 0.13 -49.48 -18.85
CA VAL H 233 -0.21 -50.60 -17.98
C VAL H 233 -1.35 -50.15 -17.05
N SER H 234 -2.41 -50.93 -17.01
CA SER H 234 -3.62 -50.55 -16.31
C SER H 234 -3.95 -51.61 -15.26
N ALA H 235 -4.79 -51.21 -14.32
CA ALA H 235 -5.39 -52.15 -13.38
C ALA H 235 -6.81 -51.65 -13.08
N GLU H 236 -7.71 -52.56 -12.75
CA GLU H 236 -9.10 -52.19 -12.62
C GLU H 236 -9.72 -52.90 -11.42
N ALA H 237 -10.84 -52.35 -10.97
CA ALA H 237 -11.72 -52.96 -9.99
C ALA H 237 -13.14 -52.44 -10.18
N TRP H 238 -14.10 -53.24 -9.73
CA TRP H 238 -15.51 -52.93 -9.88
C TRP H 238 -16.10 -52.63 -8.50
N GLY H 239 -17.14 -51.79 -8.47
CA GLY H 239 -17.95 -51.60 -7.26
C GLY H 239 -18.53 -52.91 -6.73
N ARG H 240 -18.58 -53.06 -5.40
CA ARG H 240 -19.22 -54.22 -4.74
C ARG H 240 -20.12 -53.72 -3.61
N ALA H 241 -21.27 -54.39 -3.41
CA ALA H 241 -22.28 -53.99 -2.41
C ALA H 241 -22.18 -54.85 -1.14
CA CA I . 3.99 37.24 9.46
C1 EDO J . 3.03 -7.78 1.90
O1 EDO J . 1.81 -7.10 2.21
C2 EDO J . 4.31 -6.94 2.14
O2 EDO J . 4.38 -5.74 1.34
C1 EDO K . 3.90 -46.80 10.39
O1 EDO K . 2.56 -46.57 10.82
C2 EDO K . 3.94 -48.07 9.53
O2 EDO K . 4.46 -49.18 10.29
#